data_7BY5
#
_entry.id   7BY5
#
_cell.length_a   145.542
_cell.length_b   145.542
_cell.length_c   129.038
_cell.angle_alpha   90.000
_cell.angle_beta   90.000
_cell.angle_gamma   120.000
#
_symmetry.space_group_name_H-M   'P 31 2 1'
#
loop_
_entity.id
_entity.type
_entity.pdbx_description
1 polymer 'Tetanus toxin'
2 non-polymer '4-(2-HYDROXYETHYL)-1-PIPERAZINE ETHANESULFONIC ACID'
3 non-polymer 1,2-ETHANEDIOL
4 non-polymer 'SODIUM ION'
5 non-polymer 'CHLORIDE ION'
6 water water
#
_entity_poly.entity_id   1
_entity_poly.type   'polypeptide(L)'
_entity_poly.pdbx_seq_one_letter_code
;HHHHHHHMPITINNFRYSDPVNNDTIIMMEPPYCKGLDIYYKAFKITDRIWIVPERYEFGTKPEDFNPPSSLIEGASEYY
DPNYLRTDSDKDRFLQTMVKLFNRIKNNVAGEALLDKIINAIPYLGNSYSLLDKFDTNSNSVSFNLLEQDPSGATTKSAM
LTNLIIFGPGPVLNKNEVRGIVLRVDNKNYFPCRDGFGSIMQMAFCPEYVPTFDNVIENITSLTIGKSKYFQDPALLLMA
QLIAVLHGLYGMQVSSHEIIPSKQEIYMQHTYPISAEELFTFGGQDANLISIDIKNDLYEKTLNDYKAIANKLSQVTSCN
DPNIDIDSYKQIYQQKYQFDKDSNGQYIVNEDKFQILYNSIMYGFTEIELGKKFNIKTRLSFFSMNHDPVKIPNLLDDTI
YNDTEGFNIESKDLKSEYKGQNMRVNTNAFRNVDGSGLVSKLIGLCKKIIPPTNIRENLYNRTASLTDLGGELCIKIKNE
DLTFIAEKNSFSEEPFQDEIVSYNTKNKPLNFNYSLDKIIVDYNLQSKITLPNDRTTPVTKGIPYAPEYKSNAASTIEIH
NIDDNTIYQYLYAQKSPTTLQRITMTNSVDDALINSTKIYSYFPSVISKVNQGAQGILFLQWVRDIIDDFTNESSQKTTI
DKISDVSTIVPYIGPALNIVKQGYEGNFIGALETTGVVLLLEYIPEITLPVIAALSIAESSTQKEKIIKTIDNFLEKRYE
KWIEVYKLVKAKWLGTVNTQFQKRSYQMYRSLEYQVDAIKKIIDYEYKIYSGPDKEQIADEINNLKNKLEEKANKAMINI
NIFMRESSRSFLVNQMINEAKKQLLEFDTQSKNILMQYIKANSKFIGITELKKLESKINKVFSTPIPFSYSKNLDCWVDN
EEDIDVILKKSTILNLDINNDIISDISGFNSSVITYPDAQLVPGINGKAIHLVNNESSEVIVHKAMDIEYNDMFNNFTVS
FWLRVPKVSASHLEQYGTNEYSIISSMKKHSLSIGSGWSVSLKGNNLIWTLKDSAGEVRQITFRDLPDKFNAYLANKWVF
ITITNDRLSSANLYINGVLMGSAEITGLGAIREDNNITLKLDRCNNNNQYVSIDKFRIFCKALNPKEIEKLYTSYLSITF
LRDFWGNPLRYDTEYYLIPVASSSKDVQLKNITDYMYLTNAPSYTNGKLNIYYRRLYNGLKFIIKRYTPNNEIDSFVKSG
DFIKLYVSYNNNEHIVGYPKDGNAFNNLDRILRVGYNAPGIPLYKKMEAVKLRDLKTYSVQLKLYDDKNASLGLVGTHNG
QIGNDPNRDILIASNWYFNHLKDKILGCDWYFVPTDEGWTND
;
_entity_poly.pdbx_strand_id   A
#
loop_
_chem_comp.id
_chem_comp.type
_chem_comp.name
_chem_comp.formula
CL non-polymer 'CHLORIDE ION' 'Cl -1'
EDO non-polymer 1,2-ETHANEDIOL 'C2 H6 O2'
EPE non-polymer '4-(2-HYDROXYETHYL)-1-PIPERAZINE ETHANESULFONIC ACID' 'C8 H18 N2 O4 S'
NA non-polymer 'SODIUM ION' 'Na 1'
#
# COMPACT_ATOMS: atom_id res chain seq x y z
N HIS A 7 -25.85 14.33 1.39
CA HIS A 7 -26.05 13.08 2.19
C HIS A 7 -26.68 13.43 3.54
N MET A 8 -27.74 12.71 3.90
CA MET A 8 -28.41 12.88 5.18
C MET A 8 -27.46 12.42 6.29
N PRO A 9 -27.21 13.25 7.33
CA PRO A 9 -26.35 12.84 8.44
C PRO A 9 -26.97 11.67 9.19
N ILE A 10 -26.12 10.80 9.72
CA ILE A 10 -26.55 9.69 10.56
C ILE A 10 -26.86 10.27 11.94
N THR A 11 -28.05 9.94 12.46
CA THR A 11 -28.45 10.40 13.78
C THR A 11 -27.95 9.42 14.84
N ILE A 12 -27.32 9.98 15.88
CA ILE A 12 -26.95 9.25 17.08
C ILE A 12 -27.77 9.83 18.23
N ASN A 13 -28.57 8.97 18.87
CA ASN A 13 -29.51 9.40 19.90
C ASN A 13 -28.75 9.65 21.19
N ASN A 14 -29.31 10.54 22.02
CA ASN A 14 -28.76 10.88 23.32
C ASN A 14 -29.73 10.43 24.40
N PHE A 15 -29.17 9.98 25.54
CA PHE A 15 -29.96 9.55 26.67
C PHE A 15 -29.09 9.34 27.90
N ARG A 16 -29.73 9.43 29.07
CA ARG A 16 -29.16 9.01 30.33
C ARG A 16 -29.78 7.67 30.71
N TYR A 17 -29.01 6.84 31.42
CA TYR A 17 -29.50 5.51 31.77
C TYR A 17 -30.83 5.60 32.52
N SER A 18 -31.01 6.67 33.31
CA SER A 18 -32.14 6.81 34.21
C SER A 18 -33.36 7.40 33.50
N ASP A 19 -33.20 7.78 32.23
CA ASP A 19 -34.29 8.34 31.43
C ASP A 19 -35.43 7.34 31.31
N PRO A 20 -36.71 7.77 31.43
CA PRO A 20 -37.85 6.84 31.37
C PRO A 20 -37.98 6.15 30.02
N VAL A 21 -38.48 4.92 30.05
CA VAL A 21 -38.85 4.19 28.85
C VAL A 21 -39.82 5.05 28.05
N ASN A 22 -39.64 5.08 26.72
CA ASN A 22 -40.45 5.91 25.85
C ASN A 22 -41.01 5.09 24.70
N ASN A 23 -40.51 3.86 24.56
CA ASN A 23 -41.01 2.89 23.59
C ASN A 23 -40.53 3.25 22.18
N ASP A 24 -39.53 4.13 22.10
CA ASP A 24 -38.94 4.50 20.82
C ASP A 24 -37.43 4.28 20.87
N THR A 25 -36.74 5.09 21.67
CA THR A 25 -35.29 5.01 21.79
C THR A 25 -34.90 4.30 23.09
N ILE A 26 -35.85 4.20 24.03
CA ILE A 26 -35.63 3.50 25.29
C ILE A 26 -36.77 2.50 25.50
N ILE A 27 -36.42 1.21 25.59
CA ILE A 27 -37.42 0.15 25.66
C ILE A 27 -37.05 -0.84 26.77
N MET A 28 -37.99 -1.76 27.02
CA MET A 28 -37.71 -2.98 27.76
C MET A 28 -37.65 -4.12 26.76
N MET A 29 -36.43 -4.60 26.51
CA MET A 29 -36.15 -5.57 25.46
C MET A 29 -36.06 -6.97 26.08
N GLU A 30 -36.69 -7.94 25.41
CA GLU A 30 -36.43 -9.35 25.64
C GLU A 30 -35.38 -9.83 24.64
N PRO A 31 -34.10 -9.97 25.05
CA PRO A 31 -33.01 -10.29 24.11
C PRO A 31 -33.28 -11.61 23.39
N PRO A 32 -32.77 -11.80 22.15
CA PRO A 32 -32.94 -13.06 21.42
C PRO A 32 -32.78 -14.35 22.22
N TYR A 33 -31.72 -14.44 23.06
CA TYR A 33 -31.45 -15.69 23.76
C TYR A 33 -32.32 -15.80 25.01
N CYS A 34 -33.22 -14.83 25.21
CA CYS A 34 -34.23 -14.89 26.26
C CYS A 34 -35.63 -15.03 25.63
N LYS A 35 -35.68 -15.41 24.35
CA LYS A 35 -36.93 -15.47 23.62
C LYS A 35 -37.96 -16.27 24.41
N GLY A 36 -39.09 -15.62 24.72
CA GLY A 36 -40.25 -16.26 25.32
C GLY A 36 -40.06 -16.60 26.80
N LEU A 37 -39.02 -16.05 27.44
CA LEU A 37 -38.75 -16.33 28.84
C LEU A 37 -39.23 -15.18 29.73
N ASP A 38 -39.54 -14.03 29.10
CA ASP A 38 -40.06 -12.85 29.78
C ASP A 38 -39.00 -12.21 30.68
N ILE A 39 -37.73 -12.30 30.27
CA ILE A 39 -36.63 -11.59 30.90
C ILE A 39 -36.33 -10.33 30.09
N TYR A 40 -36.45 -9.16 30.72
CA TYR A 40 -36.34 -7.88 30.04
C TYR A 40 -35.19 -7.06 30.64
N TYR A 41 -34.50 -6.32 29.76
CA TYR A 41 -33.52 -5.34 30.19
C TYR A 41 -33.78 -4.02 29.45
N LYS A 42 -33.47 -2.92 30.12
CA LYS A 42 -33.53 -1.60 29.50
C LYS A 42 -32.53 -1.53 28.35
N ALA A 43 -33.01 -1.07 27.19
CA ALA A 43 -32.21 -1.00 25.97
C ALA A 43 -32.36 0.39 25.35
N PHE A 44 -31.33 0.83 24.62
CA PHE A 44 -31.25 2.17 24.09
C PHE A 44 -30.85 2.13 22.61
N LYS A 45 -31.62 2.86 21.79
CA LYS A 45 -31.41 2.88 20.35
C LYS A 45 -30.36 3.94 20.01
N ILE A 46 -29.13 3.49 19.71
CA ILE A 46 -28.07 4.44 19.43
C ILE A 46 -28.33 5.09 18.07
N THR A 47 -28.80 4.28 17.12
CA THR A 47 -29.20 4.73 15.81
C THR A 47 -30.13 3.68 15.20
N ASP A 48 -30.60 3.93 13.98
CA ASP A 48 -31.36 2.94 13.22
C ASP A 48 -30.67 1.59 13.33
N ARG A 49 -31.45 0.57 13.73
CA ARG A 49 -31.09 -0.82 13.54
C ARG A 49 -30.01 -1.28 14.52
N ILE A 50 -29.69 -0.43 15.50
CA ILE A 50 -28.59 -0.70 16.43
C ILE A 50 -29.02 -0.32 17.85
N TRP A 51 -28.98 -1.33 18.73
CA TRP A 51 -29.39 -1.20 20.13
C TRP A 51 -28.20 -1.39 21.05
N ILE A 52 -28.21 -0.67 22.18
CA ILE A 52 -27.24 -0.88 23.25
C ILE A 52 -28.00 -1.31 24.50
N VAL A 53 -27.56 -2.45 25.07
CA VAL A 53 -28.03 -2.97 26.34
C VAL A 53 -26.87 -2.90 27.33
N PRO A 54 -26.82 -1.89 28.24
CA PRO A 54 -25.73 -1.77 29.21
C PRO A 54 -25.81 -2.84 30.29
N GLU A 55 -25.68 -4.10 29.86
CA GLU A 55 -25.56 -5.24 30.76
C GLU A 55 -24.35 -6.07 30.34
N ARG A 56 -23.75 -6.75 31.31
CA ARG A 56 -22.76 -7.79 31.03
C ARG A 56 -23.41 -8.86 30.16
N TYR A 57 -22.65 -9.36 29.17
CA TYR A 57 -23.09 -10.46 28.34
C TYR A 57 -22.99 -11.76 29.14
N GLU A 58 -24.14 -12.25 29.61
CA GLU A 58 -24.20 -13.36 30.56
C GLU A 58 -24.77 -14.62 29.91
N PHE A 59 -25.26 -14.48 28.67
CA PHE A 59 -25.88 -15.58 27.96
C PHE A 59 -24.90 -16.76 27.87
N GLY A 60 -25.32 -17.90 28.43
CA GLY A 60 -24.62 -19.16 28.33
C GLY A 60 -23.51 -19.32 29.37
N THR A 61 -23.47 -18.41 30.35
CA THR A 61 -22.43 -18.42 31.37
C THR A 61 -23.02 -18.89 32.70
N LYS A 62 -22.14 -19.12 33.67
CA LYS A 62 -22.50 -19.24 35.06
C LYS A 62 -21.72 -18.16 35.82
N PRO A 63 -22.19 -17.71 37.00
CA PRO A 63 -21.59 -16.55 37.68
C PRO A 63 -20.10 -16.64 38.02
N GLU A 64 -19.57 -17.87 38.16
CA GLU A 64 -18.18 -18.05 38.56
C GLU A 64 -17.25 -17.69 37.41
N ASP A 65 -17.76 -17.77 36.18
CA ASP A 65 -17.03 -17.39 34.98
C ASP A 65 -16.50 -15.97 35.11
N PHE A 66 -17.19 -15.13 35.90
CA PHE A 66 -16.89 -13.71 35.98
C PHE A 66 -15.76 -13.43 36.96
N ASN A 67 -15.37 -14.44 37.75
CA ASN A 67 -14.28 -14.28 38.70
C ASN A 67 -12.94 -14.55 38.01
N PRO A 68 -11.86 -13.83 38.38
CA PRO A 68 -10.53 -14.07 37.78
C PRO A 68 -10.12 -15.50 38.09
N PRO A 69 -9.72 -16.31 37.08
CA PRO A 69 -9.14 -17.63 37.35
C PRO A 69 -7.69 -17.51 37.79
N SER A 70 -7.10 -18.63 38.20
CA SER A 70 -5.70 -18.70 38.59
C SER A 70 -4.79 -18.59 37.37
N SER A 71 -5.26 -19.10 36.23
CA SER A 71 -4.48 -19.18 35.01
C SER A 71 -5.42 -19.26 33.81
N LEU A 72 -4.85 -19.20 32.59
CA LEU A 72 -5.61 -19.31 31.35
C LEU A 72 -5.17 -20.55 30.58
N ILE A 73 -6.12 -21.13 29.83
CA ILE A 73 -5.78 -22.22 28.92
C ILE A 73 -4.90 -21.69 27.78
N GLU A 74 -5.28 -20.54 27.19
CA GLU A 74 -4.59 -20.09 26.00
C GLU A 74 -4.85 -18.60 25.76
N GLY A 75 -4.09 -18.03 24.81
CA GLY A 75 -4.31 -16.68 24.32
C GLY A 75 -3.62 -15.63 25.18
N ALA A 76 -3.91 -14.36 24.87
CA ALA A 76 -3.34 -13.19 25.51
C ALA A 76 -3.98 -12.96 26.87
N SER A 77 -3.36 -12.10 27.68
CA SER A 77 -3.77 -11.84 29.06
C SER A 77 -5.18 -11.26 29.10
N GLU A 78 -5.88 -11.54 30.20
CA GLU A 78 -7.31 -11.27 30.32
C GLU A 78 -7.58 -10.57 31.65
N TYR A 79 -8.43 -9.53 31.60
CA TYR A 79 -8.86 -8.82 32.78
C TYR A 79 -10.29 -9.23 33.11
N TYR A 80 -10.47 -9.73 34.34
CA TYR A 80 -11.77 -10.09 34.89
C TYR A 80 -12.14 -9.08 35.97
N ASP A 81 -13.41 -8.65 35.95
CA ASP A 81 -13.96 -7.84 37.03
C ASP A 81 -15.47 -8.08 37.10
N PRO A 82 -15.95 -8.88 38.09
CA PRO A 82 -17.37 -9.18 38.22
C PRO A 82 -18.26 -7.98 38.55
N ASN A 83 -17.64 -6.91 39.08
CA ASN A 83 -18.40 -5.75 39.52
C ASN A 83 -18.51 -4.71 38.40
N TYR A 84 -17.85 -4.94 37.28
CA TYR A 84 -17.92 -4.01 36.18
C TYR A 84 -19.34 -4.01 35.59
N LEU A 85 -19.89 -2.80 35.43
CA LEU A 85 -21.16 -2.54 34.76
C LEU A 85 -22.34 -3.12 35.55
N ARG A 86 -22.36 -2.84 36.87
CA ARG A 86 -23.41 -3.38 37.72
C ARG A 86 -24.34 -2.27 38.23
N THR A 87 -23.77 -1.11 38.58
CA THR A 87 -24.57 -0.02 39.13
C THR A 87 -25.16 0.82 38.00
N ASP A 88 -26.18 1.63 38.34
CA ASP A 88 -26.85 2.51 37.41
C ASP A 88 -25.88 3.56 36.87
N SER A 89 -25.02 4.08 37.76
CA SER A 89 -24.05 5.09 37.39
C SER A 89 -23.01 4.48 36.43
N ASP A 90 -22.67 3.20 36.63
CA ASP A 90 -21.79 2.48 35.73
C ASP A 90 -22.43 2.34 34.35
N LYS A 91 -23.73 2.02 34.35
CA LYS A 91 -24.47 1.80 33.13
C LYS A 91 -24.55 3.10 32.33
N ASP A 92 -24.81 4.21 33.04
CA ASP A 92 -24.85 5.53 32.44
C ASP A 92 -23.48 5.87 31.83
N ARG A 93 -22.41 5.61 32.57
CA ARG A 93 -21.07 5.93 32.08
C ARG A 93 -20.78 5.17 30.79
N PHE A 94 -21.17 3.88 30.78
CA PHE A 94 -21.05 2.99 29.63
C PHE A 94 -21.83 3.57 28.45
N LEU A 95 -23.08 3.95 28.72
CA LEU A 95 -23.97 4.50 27.71
C LEU A 95 -23.39 5.78 27.11
N GLN A 96 -22.93 6.70 27.98
CA GLN A 96 -22.40 7.97 27.53
C GLN A 96 -21.12 7.76 26.71
N THR A 97 -20.33 6.75 27.06
CA THR A 97 -19.10 6.43 26.35
C THR A 97 -19.42 5.92 24.95
N MET A 98 -20.42 5.04 24.84
CA MET A 98 -20.80 4.42 23.58
C MET A 98 -21.36 5.46 22.61
N VAL A 99 -22.18 6.39 23.13
CA VAL A 99 -22.67 7.53 22.36
C VAL A 99 -21.47 8.30 21.80
N LYS A 100 -20.49 8.56 22.65
CA LYS A 100 -19.32 9.35 22.25
C LYS A 100 -18.51 8.61 21.17
N LEU A 101 -18.39 7.29 21.33
CA LEU A 101 -17.64 6.50 20.36
C LEU A 101 -18.36 6.48 19.01
N PHE A 102 -19.70 6.41 19.04
CA PHE A 102 -20.50 6.41 17.82
C PHE A 102 -20.41 7.78 17.13
N ASN A 103 -20.28 8.84 17.94
CA ASN A 103 -20.07 10.18 17.40
C ASN A 103 -18.71 10.26 16.71
N ARG A 104 -17.68 9.73 17.38
CA ARG A 104 -16.33 9.72 16.84
C ARG A 104 -16.32 9.07 15.46
N ILE A 105 -17.01 7.92 15.36
CA ILE A 105 -17.03 7.12 14.15
C ILE A 105 -17.75 7.87 13.03
N LYS A 106 -18.88 8.51 13.36
CA LYS A 106 -19.68 9.14 12.32
C LYS A 106 -19.04 10.46 11.87
N ASN A 107 -18.13 10.99 12.68
CA ASN A 107 -17.51 12.29 12.45
C ASN A 107 -16.43 12.21 11.37
N ASN A 108 -16.21 11.01 10.83
CA ASN A 108 -15.25 10.76 9.76
C ASN A 108 -15.98 10.01 8.66
N VAL A 109 -15.74 10.39 7.40
CA VAL A 109 -16.52 9.86 6.28
C VAL A 109 -16.34 8.34 6.19
N ALA A 110 -15.14 7.86 6.56
CA ALA A 110 -14.88 6.42 6.55
C ALA A 110 -15.77 5.73 7.60
N GLY A 111 -15.87 6.36 8.78
CA GLY A 111 -16.74 5.86 9.85
C GLY A 111 -18.21 5.89 9.46
N GLU A 112 -18.62 6.98 8.83
CA GLU A 112 -19.97 7.20 8.32
C GLU A 112 -20.34 6.12 7.31
N ALA A 113 -19.36 5.78 6.44
CA ALA A 113 -19.57 4.76 5.41
C ALA A 113 -19.83 3.40 6.05
N LEU A 114 -19.08 3.10 7.13
CA LEU A 114 -19.20 1.83 7.82
C LEU A 114 -20.58 1.71 8.47
N LEU A 115 -20.99 2.75 9.21
CA LEU A 115 -22.27 2.75 9.89
C LEU A 115 -23.41 2.63 8.87
N ASP A 116 -23.30 3.41 7.78
CA ASP A 116 -24.31 3.41 6.73
C ASP A 116 -24.49 2.01 6.17
N LYS A 117 -23.37 1.34 5.89
CA LYS A 117 -23.35 -0.01 5.35
C LYS A 117 -24.02 -0.98 6.33
N ILE A 118 -23.77 -0.79 7.63
CA ILE A 118 -24.29 -1.71 8.65
C ILE A 118 -25.79 -1.51 8.80
N ILE A 119 -26.24 -0.25 8.83
CA ILE A 119 -27.65 0.10 9.03
C ILE A 119 -28.52 -0.55 7.96
N ASN A 120 -28.05 -0.51 6.69
CA ASN A 120 -28.86 -0.86 5.53
C ASN A 120 -28.68 -2.33 5.16
N ALA A 121 -27.80 -3.03 5.86
CA ALA A 121 -27.60 -4.45 5.60
C ALA A 121 -28.54 -5.28 6.47
N ILE A 122 -29.84 -5.05 6.29
CA ILE A 122 -30.85 -5.69 7.14
C ILE A 122 -30.82 -7.20 6.90
N PRO A 123 -30.96 -8.02 7.96
CA PRO A 123 -31.07 -9.46 7.81
C PRO A 123 -32.25 -9.81 6.91
N TYR A 124 -32.08 -10.87 6.10
CA TYR A 124 -33.13 -11.42 5.27
C TYR A 124 -34.19 -12.08 6.16
N LEU A 125 -35.46 -11.83 5.83
CA LEU A 125 -36.58 -12.33 6.63
C LEU A 125 -36.82 -13.80 6.30
N GLY A 126 -35.88 -14.65 6.72
CA GLY A 126 -35.90 -16.07 6.41
C GLY A 126 -34.48 -16.62 6.33
N ASN A 127 -34.38 -17.93 6.08
CA ASN A 127 -33.10 -18.62 6.07
C ASN A 127 -33.25 -19.93 5.30
N SER A 128 -32.23 -20.80 5.40
CA SER A 128 -32.16 -22.03 4.64
C SER A 128 -33.25 -23.03 5.04
N TYR A 129 -33.84 -22.83 6.23
CA TYR A 129 -34.77 -23.79 6.79
C TYR A 129 -36.18 -23.21 6.84
N SER A 130 -36.37 -22.08 6.16
CA SER A 130 -37.69 -21.52 5.94
C SER A 130 -38.38 -22.23 4.78
N LEU A 131 -39.67 -21.93 4.60
CA LEU A 131 -40.50 -22.50 3.54
C LEU A 131 -40.05 -22.01 2.16
N LEU A 132 -39.31 -20.89 2.13
CA LEU A 132 -38.63 -20.36 0.96
C LEU A 132 -39.61 -19.66 0.01
N ASP A 133 -40.86 -19.45 0.47
CA ASP A 133 -41.84 -18.72 -0.31
C ASP A 133 -42.46 -17.60 0.51
N LYS A 134 -42.05 -17.45 1.78
CA LYS A 134 -42.69 -16.50 2.67
C LYS A 134 -41.69 -15.86 3.62
N PHE A 135 -41.72 -14.52 3.71
CA PHE A 135 -40.91 -13.78 4.66
C PHE A 135 -41.32 -14.14 6.08
N ASP A 136 -40.32 -14.43 6.93
CA ASP A 136 -40.56 -14.93 8.27
C ASP A 136 -39.85 -14.04 9.30
N THR A 137 -40.63 -13.25 10.04
CA THR A 137 -40.10 -12.40 11.10
C THR A 137 -40.18 -13.11 12.44
N ASN A 138 -40.71 -14.34 12.44
CA ASN A 138 -41.02 -15.03 13.68
C ASN A 138 -39.83 -15.89 14.12
N SER A 139 -38.73 -15.21 14.47
CA SER A 139 -37.47 -15.89 14.76
C SER A 139 -36.59 -14.97 15.60
N ASN A 140 -35.84 -15.56 16.53
CA ASN A 140 -34.91 -14.78 17.34
C ASN A 140 -33.66 -14.45 16.52
N SER A 141 -33.55 -15.02 15.31
CA SER A 141 -32.45 -14.66 14.41
C SER A 141 -32.71 -13.32 13.74
N VAL A 142 -33.94 -12.79 13.81
CA VAL A 142 -34.26 -11.57 13.10
C VAL A 142 -35.00 -10.57 13.99
N SER A 143 -35.68 -11.06 15.04
CA SER A 143 -36.51 -10.18 15.87
C SER A 143 -36.27 -10.44 17.36
N PHE A 144 -36.45 -9.38 18.16
CA PHE A 144 -36.53 -9.48 19.61
C PHE A 144 -37.87 -8.94 20.09
N ASN A 145 -38.41 -9.53 21.16
CA ASN A 145 -39.64 -9.03 21.75
C ASN A 145 -39.31 -7.82 22.64
N LEU A 146 -40.28 -6.92 22.76
CA LEU A 146 -40.24 -5.87 23.76
C LEU A 146 -41.62 -5.73 24.43
N LEU A 147 -41.62 -5.05 25.57
CA LEU A 147 -42.80 -4.87 26.40
C LEU A 147 -43.07 -3.37 26.53
N GLU A 148 -44.27 -2.95 26.12
CA GLU A 148 -44.64 -1.56 26.07
C GLU A 148 -45.81 -1.29 27.00
N GLN A 149 -45.65 -0.26 27.84
CA GLN A 149 -46.59 0.11 28.89
C GLN A 149 -47.32 1.38 28.46
N ASP A 150 -48.65 1.36 28.57
CA ASP A 150 -49.48 2.53 28.35
C ASP A 150 -49.63 3.28 29.66
N PRO A 151 -49.88 4.62 29.63
CA PRO A 151 -50.25 5.36 30.84
C PRO A 151 -51.50 4.78 31.51
N SER A 152 -52.35 4.13 30.70
CA SER A 152 -53.59 3.51 31.17
C SER A 152 -53.26 2.34 32.10
N GLY A 153 -52.33 1.48 31.67
CA GLY A 153 -51.88 0.37 32.49
C GLY A 153 -51.86 -0.95 31.73
N ALA A 154 -52.10 -0.88 30.41
CA ALA A 154 -52.06 -2.06 29.56
C ALA A 154 -50.65 -2.26 29.04
N THR A 155 -50.18 -3.51 29.10
CA THR A 155 -48.87 -3.87 28.60
C THR A 155 -49.02 -4.81 27.40
N THR A 156 -48.42 -4.42 26.28
CA THR A 156 -48.43 -5.24 25.08
C THR A 156 -47.03 -5.77 24.81
N LYS A 157 -46.94 -7.04 24.41
CA LYS A 157 -45.70 -7.64 23.96
C LYS A 157 -45.71 -7.68 22.43
N SER A 158 -44.79 -6.92 21.81
CA SER A 158 -44.56 -7.01 20.37
C SER A 158 -43.09 -7.31 20.12
N ALA A 159 -42.64 -7.09 18.87
CA ALA A 159 -41.29 -7.42 18.46
C ALA A 159 -40.75 -6.34 17.52
N MET A 160 -39.41 -6.28 17.43
CA MET A 160 -38.72 -5.40 16.51
C MET A 160 -37.65 -6.18 15.76
N LEU A 161 -37.53 -5.88 14.47
CA LEU A 161 -36.39 -6.30 13.66
C LEU A 161 -35.23 -5.36 13.98
N THR A 162 -34.02 -5.93 14.10
CA THR A 162 -32.82 -5.13 14.27
C THR A 162 -31.65 -5.78 13.54
N ASN A 163 -30.51 -5.07 13.53
CA ASN A 163 -29.28 -5.52 12.90
C ASN A 163 -28.28 -5.92 13.96
N LEU A 164 -28.14 -5.07 14.99
CA LEU A 164 -27.08 -5.22 15.98
C LEU A 164 -27.60 -4.86 17.36
N ILE A 165 -27.29 -5.74 18.33
CA ILE A 165 -27.44 -5.42 19.73
C ILE A 165 -26.07 -5.47 20.39
N ILE A 166 -25.67 -4.34 20.99
CA ILE A 166 -24.39 -4.28 21.66
C ILE A 166 -24.61 -4.38 23.17
N PHE A 167 -23.96 -5.38 23.78
CA PHE A 167 -23.95 -5.54 25.22
C PHE A 167 -22.59 -5.07 25.76
N GLY A 168 -22.51 -4.93 27.09
CA GLY A 168 -21.22 -4.83 27.78
C GLY A 168 -20.47 -6.16 27.66
N PRO A 169 -19.25 -6.26 28.23
CA PRO A 169 -18.42 -7.46 28.02
C PRO A 169 -18.92 -8.68 28.78
N GLY A 170 -18.47 -9.86 28.33
CA GLY A 170 -18.63 -11.08 29.11
C GLY A 170 -17.67 -11.10 30.29
N PRO A 171 -17.25 -12.29 30.78
CA PRO A 171 -16.25 -12.38 31.85
C PRO A 171 -15.00 -11.56 31.62
N VAL A 172 -14.54 -11.51 30.36
CA VAL A 172 -13.30 -10.83 30.01
C VAL A 172 -13.61 -9.46 29.41
N LEU A 173 -13.10 -8.41 30.06
CA LEU A 173 -13.35 -7.03 29.70
C LEU A 173 -12.59 -6.64 28.43
N ASN A 174 -11.35 -7.12 28.30
CA ASN A 174 -10.45 -6.64 27.26
C ASN A 174 -10.48 -7.52 26.01
N LYS A 175 -11.52 -8.33 25.85
CA LYS A 175 -11.68 -9.12 24.65
C LYS A 175 -13.11 -9.01 24.14
N ASN A 176 -13.31 -8.16 23.13
CA ASN A 176 -14.62 -7.91 22.56
C ASN A 176 -14.95 -9.02 21.56
N GLU A 177 -16.25 -9.33 21.44
CA GLU A 177 -16.65 -10.41 20.54
C GLU A 177 -17.94 -10.04 19.80
N VAL A 178 -18.07 -10.60 18.60
CA VAL A 178 -19.26 -10.49 17.80
C VAL A 178 -19.70 -11.89 17.39
N ARG A 179 -20.99 -12.20 17.60
CA ARG A 179 -21.54 -13.47 17.18
C ARG A 179 -22.93 -13.25 16.58
N GLY A 180 -23.30 -14.12 15.63
CA GLY A 180 -24.67 -14.17 15.11
C GLY A 180 -25.55 -15.06 15.99
N ILE A 181 -26.86 -14.86 15.88
CA ILE A 181 -27.83 -15.71 16.57
C ILE A 181 -27.76 -17.10 15.95
N VAL A 182 -27.63 -18.11 16.82
CA VAL A 182 -27.63 -19.50 16.40
C VAL A 182 -29.06 -20.05 16.48
N LEU A 183 -29.38 -20.95 15.54
CA LEU A 183 -30.65 -21.66 15.57
C LEU A 183 -30.37 -23.16 15.67
N ARG A 184 -31.16 -23.85 16.50
CA ARG A 184 -31.13 -25.29 16.61
C ARG A 184 -32.10 -25.91 15.61
N VAL A 185 -31.55 -26.58 14.60
CA VAL A 185 -32.35 -27.36 13.66
C VAL A 185 -31.69 -28.73 13.45
N ASP A 186 -32.49 -29.78 13.64
CA ASP A 186 -32.05 -31.17 13.50
C ASP A 186 -30.91 -31.46 14.48
N ASN A 187 -31.06 -30.95 15.71
CA ASN A 187 -30.10 -31.13 16.80
C ASN A 187 -28.73 -30.61 16.38
N LYS A 188 -28.71 -29.56 15.54
CA LYS A 188 -27.50 -29.05 14.94
C LYS A 188 -27.51 -27.51 14.95
N ASN A 189 -26.34 -26.91 15.12
CA ASN A 189 -26.18 -25.47 15.16
C ASN A 189 -26.21 -24.91 13.74
N TYR A 190 -27.15 -23.98 13.49
CA TYR A 190 -27.25 -23.33 12.20
C TYR A 190 -27.16 -21.81 12.37
N PHE A 191 -26.29 -21.19 11.56
CA PHE A 191 -26.11 -19.75 11.59
C PHE A 191 -26.54 -19.16 10.24
N PRO A 192 -27.68 -18.44 10.16
CA PRO A 192 -28.04 -17.72 8.94
C PRO A 192 -27.03 -16.63 8.56
N CYS A 193 -26.21 -16.19 9.54
CA CYS A 193 -25.22 -15.16 9.26
C CYS A 193 -24.02 -15.77 8.52
N ARG A 194 -24.12 -17.06 8.18
CA ARG A 194 -23.01 -17.79 7.58
C ARG A 194 -23.36 -18.31 6.18
N ASP A 195 -24.62 -18.19 5.76
CA ASP A 195 -24.96 -18.65 4.41
C ASP A 195 -25.83 -17.66 3.65
N GLY A 196 -25.56 -16.35 3.84
CA GLY A 196 -26.03 -15.33 2.92
C GLY A 196 -27.10 -14.42 3.52
N PHE A 197 -27.86 -14.94 4.47
CA PHE A 197 -29.09 -14.29 4.92
C PHE A 197 -28.78 -13.18 5.91
N GLY A 198 -27.76 -13.40 6.75
CA GLY A 198 -27.50 -12.53 7.88
C GLY A 198 -28.45 -12.84 9.03
N SER A 199 -28.21 -12.19 10.18
CA SER A 199 -29.05 -12.30 11.35
C SER A 199 -28.83 -11.07 12.22
N ILE A 200 -29.62 -10.95 13.29
CA ILE A 200 -29.23 -10.08 14.39
C ILE A 200 -27.81 -10.51 14.76
N MET A 201 -26.94 -9.51 14.93
CA MET A 201 -25.58 -9.75 15.38
C MET A 201 -25.50 -9.21 16.80
N GLN A 202 -24.77 -9.93 17.65
CA GLN A 202 -24.62 -9.53 19.04
C GLN A 202 -23.16 -9.27 19.34
N MET A 203 -22.89 -8.12 19.97
CA MET A 203 -21.54 -7.75 20.36
C MET A 203 -21.46 -7.68 21.87
N ALA A 204 -20.36 -8.19 22.43
CA ALA A 204 -19.96 -7.89 23.80
C ALA A 204 -18.76 -6.94 23.75
N PHE A 205 -18.89 -5.78 24.40
CA PHE A 205 -17.95 -4.69 24.18
C PHE A 205 -17.68 -3.89 25.45
N CYS A 206 -16.40 -3.55 25.64
CA CYS A 206 -15.93 -2.73 26.75
C CYS A 206 -15.09 -1.58 26.19
N PRO A 207 -15.45 -0.30 26.48
CA PRO A 207 -14.70 0.83 25.95
C PRO A 207 -13.42 1.23 26.70
N GLU A 208 -13.32 0.88 27.98
CA GLU A 208 -12.33 1.49 28.86
C GLU A 208 -11.11 0.59 29.12
N TYR A 209 -11.24 -0.73 28.94
CA TYR A 209 -10.11 -1.62 29.11
C TYR A 209 -9.60 -2.04 27.74
N VAL A 210 -8.49 -1.41 27.32
CA VAL A 210 -8.03 -1.47 25.93
C VAL A 210 -6.71 -2.23 25.85
N PRO A 211 -6.44 -2.91 24.71
CA PRO A 211 -5.15 -3.58 24.50
C PRO A 211 -4.01 -2.60 24.30
N THR A 212 -2.79 -3.10 24.49
CA THR A 212 -1.57 -2.33 24.23
C THR A 212 -0.69 -3.11 23.26
N PHE A 213 0.17 -2.38 22.55
CA PHE A 213 1.08 -2.94 21.56
C PHE A 213 2.27 -2.00 21.46
N ASP A 214 3.20 -2.30 20.54
CA ASP A 214 4.39 -1.47 20.43
C ASP A 214 4.77 -1.33 18.96
N ASN A 215 5.84 -0.58 18.70
CA ASN A 215 6.30 -0.28 17.35
C ASN A 215 7.71 -0.83 17.14
N VAL A 216 8.06 -1.92 17.84
CA VAL A 216 9.41 -2.45 17.88
C VAL A 216 9.89 -2.82 16.47
N ILE A 217 9.04 -3.50 15.70
CA ILE A 217 9.46 -4.05 14.41
C ILE A 217 9.15 -3.08 13.27
N GLU A 218 8.60 -1.92 13.59
CA GLU A 218 8.19 -0.96 12.57
C GLU A 218 9.40 -0.24 11.99
N ASN A 219 9.26 0.17 10.73
CA ASN A 219 10.18 1.05 10.02
C ASN A 219 10.40 2.33 10.82
N ILE A 220 11.53 2.97 10.57
CA ILE A 220 11.88 4.23 11.20
C ILE A 220 11.12 5.36 10.52
N THR A 221 10.90 6.46 11.25
CA THR A 221 10.38 7.70 10.69
C THR A 221 11.49 8.76 10.69
N SER A 222 11.19 9.93 10.12
CA SER A 222 12.16 11.01 9.99
C SER A 222 12.23 11.83 11.28
N LEU A 223 11.32 11.55 12.21
CA LEU A 223 11.25 12.26 13.47
C LEU A 223 11.79 11.41 14.61
N THR A 224 11.36 10.14 14.68
CA THR A 224 11.72 9.27 15.78
C THR A 224 12.39 7.99 15.27
N ILE A 225 13.31 7.46 16.09
CA ILE A 225 13.99 6.20 15.82
C ILE A 225 13.86 5.28 17.04
N GLY A 226 13.33 5.83 18.14
CA GLY A 226 13.12 5.08 19.37
C GLY A 226 11.75 4.40 19.41
N LYS A 227 11.59 3.42 20.30
CA LYS A 227 10.41 2.57 20.31
C LYS A 227 9.55 2.88 21.53
N SER A 228 8.23 2.69 21.39
CA SER A 228 7.28 2.92 22.47
C SER A 228 6.19 1.86 22.48
N LYS A 229 5.50 1.76 23.63
CA LYS A 229 4.23 1.07 23.77
C LYS A 229 3.09 2.07 23.54
N TYR A 230 2.01 1.62 22.90
CA TYR A 230 0.83 2.42 22.64
C TYR A 230 -0.40 1.67 23.17
N PHE A 231 -1.40 2.43 23.62
CA PHE A 231 -2.73 1.88 23.91
C PHE A 231 -3.64 2.15 22.73
N GLN A 232 -4.60 1.26 22.50
N GLN A 232 -4.62 1.28 22.51
CA GLN A 232 -5.48 1.37 21.35
CA GLN A 232 -5.47 1.34 21.33
C GLN A 232 -6.60 2.36 21.65
C GLN A 232 -6.67 2.25 21.63
N ASP A 233 -7.14 2.95 20.58
CA ASP A 233 -8.25 3.87 20.64
C ASP A 233 -9.54 3.04 20.62
N PRO A 234 -10.43 3.17 21.64
CA PRO A 234 -11.65 2.37 21.73
C PRO A 234 -12.60 2.49 20.53
N ALA A 235 -12.49 3.60 19.81
CA ALA A 235 -13.32 3.84 18.63
C ALA A 235 -12.94 2.87 17.52
N LEU A 236 -11.63 2.58 17.41
CA LEU A 236 -11.11 1.64 16.43
C LEU A 236 -11.41 0.21 16.87
N LEU A 237 -11.31 -0.06 18.19
CA LEU A 237 -11.72 -1.35 18.73
C LEU A 237 -13.19 -1.59 18.37
N LEU A 238 -14.03 -0.57 18.56
CA LEU A 238 -15.44 -0.70 18.24
C LEU A 238 -15.60 -0.95 16.74
N MET A 239 -14.87 -0.18 15.92
CA MET A 239 -15.02 -0.28 14.48
C MET A 239 -14.62 -1.67 13.99
N ALA A 240 -13.58 -2.25 14.60
CA ALA A 240 -13.11 -3.59 14.27
C ALA A 240 -14.22 -4.61 14.49
N GLN A 241 -15.00 -4.44 15.56
CA GLN A 241 -16.10 -5.32 15.87
C GLN A 241 -17.24 -5.11 14.87
N LEU A 242 -17.49 -3.84 14.50
CA LEU A 242 -18.52 -3.49 13.54
C LEU A 242 -18.24 -4.10 12.17
N ILE A 243 -16.97 -4.29 11.83
CA ILE A 243 -16.62 -4.95 10.57
C ILE A 243 -17.11 -6.40 10.59
N ALA A 244 -16.90 -7.08 11.73
CA ALA A 244 -17.41 -8.44 11.90
C ALA A 244 -18.93 -8.47 11.78
N VAL A 245 -19.58 -7.44 12.35
CA VAL A 245 -21.03 -7.31 12.32
C VAL A 245 -21.48 -7.21 10.86
N LEU A 246 -20.78 -6.36 10.10
CA LEU A 246 -21.07 -6.14 8.70
C LEU A 246 -21.00 -7.46 7.93
N HIS A 247 -19.96 -8.26 8.16
CA HIS A 247 -19.81 -9.54 7.48
C HIS A 247 -20.99 -10.45 7.82
N GLY A 248 -21.43 -10.40 9.08
CA GLY A 248 -22.53 -11.24 9.53
C GLY A 248 -23.85 -10.86 8.88
N LEU A 249 -24.09 -9.54 8.77
CA LEU A 249 -25.31 -9.02 8.19
C LEU A 249 -25.43 -9.45 6.73
N TYR A 250 -24.29 -9.54 6.04
CA TYR A 250 -24.26 -9.96 4.64
C TYR A 250 -24.21 -11.48 4.52
N GLY A 251 -24.32 -12.17 5.66
CA GLY A 251 -24.32 -13.63 5.69
C GLY A 251 -23.00 -14.23 5.23
N MET A 252 -21.90 -13.55 5.56
CA MET A 252 -20.58 -13.87 5.03
C MET A 252 -19.59 -14.15 6.17
N GLN A 253 -20.11 -14.50 7.35
CA GLN A 253 -19.23 -14.89 8.43
C GLN A 253 -18.52 -16.19 8.03
N VAL A 254 -17.19 -16.19 8.14
CA VAL A 254 -16.37 -17.35 7.79
C VAL A 254 -16.37 -18.34 8.95
N SER A 255 -16.35 -19.64 8.63
CA SER A 255 -16.33 -20.68 9.65
C SER A 255 -15.71 -21.97 9.12
N SER A 256 -14.70 -21.88 8.24
CA SER A 256 -14.22 -23.08 7.59
C SER A 256 -12.71 -23.25 7.65
N HIS A 257 -11.94 -22.19 7.34
CA HIS A 257 -10.51 -22.35 7.11
C HIS A 257 -9.69 -21.51 8.11
N GLU A 258 -9.44 -22.08 9.29
CA GLU A 258 -8.79 -21.36 10.36
C GLU A 258 -7.29 -21.67 10.37
N ILE A 259 -6.51 -20.74 10.94
CA ILE A 259 -5.09 -20.96 11.17
C ILE A 259 -4.94 -21.53 12.58
N ILE A 260 -4.52 -22.80 12.64
CA ILE A 260 -4.40 -23.55 13.87
C ILE A 260 -2.94 -23.48 14.34
N PRO A 261 -2.67 -23.05 15.59
CA PRO A 261 -1.31 -23.04 16.12
C PRO A 261 -0.84 -24.46 16.42
N SER A 262 0.41 -24.75 16.02
CA SER A 262 1.06 -26.00 16.35
C SER A 262 1.29 -26.08 17.86
N LYS A 263 1.18 -27.31 18.40
CA LYS A 263 1.44 -27.62 19.80
C LYS A 263 2.65 -28.53 19.92
N GLN A 264 3.43 -28.62 18.83
CA GLN A 264 4.50 -29.61 18.72
C GLN A 264 5.59 -29.34 19.77
N GLU A 265 5.89 -28.06 20.03
CA GLU A 265 7.01 -27.71 20.89
C GLU A 265 6.57 -26.70 21.95
N ILE A 266 7.40 -26.57 23.00
CA ILE A 266 7.08 -25.84 24.21
C ILE A 266 7.19 -24.34 23.97
N TYR A 267 8.00 -23.95 22.97
CA TYR A 267 8.24 -22.54 22.67
C TYR A 267 7.12 -21.98 21.80
N MET A 268 6.14 -22.82 21.45
CA MET A 268 5.07 -22.42 20.54
C MET A 268 3.89 -21.83 21.31
N GLN A 269 3.40 -20.70 20.80
CA GLN A 269 2.32 -19.93 21.38
C GLN A 269 1.01 -20.71 21.35
N HIS A 270 0.26 -20.64 22.47
CA HIS A 270 -1.05 -21.24 22.62
C HIS A 270 -2.13 -20.19 22.40
N THR A 271 -3.03 -20.46 21.44
CA THR A 271 -4.15 -19.58 21.15
C THR A 271 -5.29 -20.43 20.60
N TYR A 272 -6.51 -19.87 20.63
CA TYR A 272 -7.61 -20.40 19.86
C TYR A 272 -7.26 -20.28 18.39
N PRO A 273 -7.73 -21.20 17.52
CA PRO A 273 -7.51 -21.08 16.07
C PRO A 273 -7.97 -19.70 15.59
N ILE A 274 -7.22 -19.12 14.66
CA ILE A 274 -7.53 -17.80 14.12
C ILE A 274 -8.44 -17.97 12.90
N SER A 275 -9.63 -17.36 12.96
CA SER A 275 -10.52 -17.33 11.82
C SER A 275 -9.86 -16.56 10.68
N ALA A 276 -10.06 -17.06 9.45
CA ALA A 276 -9.67 -16.35 8.24
C ALA A 276 -10.21 -14.92 8.28
N GLU A 277 -11.39 -14.76 8.87
CA GLU A 277 -12.16 -13.52 8.86
C GLU A 277 -11.48 -12.45 9.72
N GLU A 278 -10.77 -12.87 10.77
CA GLU A 278 -10.06 -11.94 11.64
C GLU A 278 -8.91 -11.29 10.87
N LEU A 279 -8.23 -12.08 10.03
CA LEU A 279 -7.12 -11.61 9.23
C LEU A 279 -7.62 -10.64 8.16
N PHE A 280 -8.82 -10.91 7.62
CA PHE A 280 -9.43 -10.06 6.61
C PHE A 280 -9.83 -8.72 7.25
N THR A 281 -10.39 -8.79 8.47
CA THR A 281 -10.82 -7.62 9.22
C THR A 281 -9.62 -6.73 9.56
N PHE A 282 -8.50 -7.34 9.96
CA PHE A 282 -7.30 -6.60 10.31
C PHE A 282 -6.70 -5.94 9.07
N GLY A 283 -6.52 -6.72 8.00
CA GLY A 283 -6.09 -6.19 6.72
C GLY A 283 -4.57 -6.24 6.57
N GLY A 284 -4.08 -5.67 5.45
CA GLY A 284 -2.66 -5.66 5.14
C GLY A 284 -2.15 -7.05 4.79
N GLN A 285 -0.85 -7.27 5.06
CA GLN A 285 -0.09 -8.38 4.53
C GLN A 285 -0.56 -9.71 5.14
N ASP A 286 -1.08 -9.66 6.38
CA ASP A 286 -1.49 -10.84 7.09
C ASP A 286 -2.69 -11.50 6.43
N ALA A 287 -3.45 -10.73 5.63
CA ALA A 287 -4.57 -11.27 4.87
C ALA A 287 -4.08 -12.36 3.93
N ASN A 288 -2.79 -12.33 3.58
CA ASN A 288 -2.18 -13.32 2.70
C ASN A 288 -1.83 -14.61 3.44
N LEU A 289 -2.16 -14.67 4.74
CA LEU A 289 -2.00 -15.90 5.48
C LEU A 289 -3.04 -16.91 4.99
N ILE A 290 -4.08 -16.39 4.32
CA ILE A 290 -5.05 -17.23 3.66
C ILE A 290 -4.68 -17.30 2.18
N SER A 291 -4.39 -18.51 1.70
CA SER A 291 -4.03 -18.74 0.31
C SER A 291 -5.21 -18.42 -0.61
N ILE A 292 -4.87 -18.06 -1.85
CA ILE A 292 -5.80 -17.50 -2.83
C ILE A 292 -6.86 -18.53 -3.23
N ASP A 293 -6.52 -19.83 -3.16
CA ASP A 293 -7.44 -20.89 -3.54
C ASP A 293 -8.60 -20.97 -2.54
N ILE A 294 -8.29 -20.69 -1.26
CA ILE A 294 -9.29 -20.70 -0.19
C ILE A 294 -10.18 -19.48 -0.32
N LYS A 295 -9.58 -18.31 -0.60
CA LYS A 295 -10.34 -17.09 -0.80
C LYS A 295 -11.35 -17.32 -1.93
N ASN A 296 -10.92 -18.10 -2.92
CA ASN A 296 -11.74 -18.45 -4.07
C ASN A 296 -12.88 -19.39 -3.68
N ASP A 297 -12.59 -20.33 -2.77
CA ASP A 297 -13.59 -21.27 -2.30
C ASP A 297 -14.66 -20.53 -1.49
N LEU A 298 -14.23 -19.50 -0.76
CA LEU A 298 -15.14 -18.72 0.07
C LEU A 298 -16.04 -17.88 -0.83
N TYR A 299 -15.46 -17.33 -1.91
CA TYR A 299 -16.17 -16.49 -2.86
C TYR A 299 -17.23 -17.31 -3.59
N GLU A 300 -16.87 -18.53 -4.00
CA GLU A 300 -17.77 -19.43 -4.72
C GLU A 300 -18.96 -19.81 -3.82
N LYS A 301 -18.68 -20.04 -2.54
CA LYS A 301 -19.69 -20.43 -1.57
C LYS A 301 -20.74 -19.32 -1.45
N THR A 302 -20.28 -18.07 -1.28
CA THR A 302 -21.16 -16.94 -1.10
C THR A 302 -21.93 -16.64 -2.38
N LEU A 303 -21.31 -16.89 -3.54
CA LEU A 303 -21.99 -16.72 -4.82
C LEU A 303 -23.20 -17.66 -4.87
N ASN A 304 -22.97 -18.94 -4.54
CA ASN A 304 -24.04 -19.93 -4.49
C ASN A 304 -25.13 -19.48 -3.50
N ASP A 305 -24.71 -19.02 -2.31
CA ASP A 305 -25.64 -18.57 -1.30
C ASP A 305 -26.52 -17.44 -1.84
N TYR A 306 -25.90 -16.53 -2.61
CA TYR A 306 -26.59 -15.34 -3.10
C TYR A 306 -27.52 -15.69 -4.25
N LYS A 307 -27.13 -16.67 -5.07
CA LYS A 307 -27.97 -17.16 -6.15
C LYS A 307 -29.25 -17.75 -5.57
N ALA A 308 -29.08 -18.63 -4.57
CA ALA A 308 -30.19 -19.26 -3.86
C ALA A 308 -31.11 -18.21 -3.25
N ILE A 309 -30.53 -17.06 -2.83
CA ILE A 309 -31.30 -15.99 -2.21
C ILE A 309 -32.04 -15.19 -3.29
N ALA A 310 -31.48 -15.14 -4.50
CA ALA A 310 -32.13 -14.48 -5.62
C ALA A 310 -33.42 -15.23 -6.00
N ASN A 311 -33.33 -16.55 -6.06
CA ASN A 311 -34.46 -17.41 -6.35
C ASN A 311 -35.54 -17.24 -5.27
N LYS A 312 -35.13 -17.27 -3.99
CA LYS A 312 -36.03 -17.19 -2.86
C LYS A 312 -36.82 -15.89 -2.88
N LEU A 313 -36.11 -14.78 -3.17
CA LEU A 313 -36.68 -13.45 -3.12
C LEU A 313 -37.66 -13.26 -4.28
N SER A 314 -37.39 -13.93 -5.41
CA SER A 314 -38.20 -13.83 -6.61
CA SER A 314 -38.20 -13.83 -6.61
C SER A 314 -39.54 -14.53 -6.38
N GLN A 315 -39.47 -15.76 -5.85
CA GLN A 315 -40.64 -16.61 -5.65
C GLN A 315 -41.15 -16.49 -4.21
N VAL A 316 -40.85 -15.36 -3.57
CA VAL A 316 -41.48 -15.05 -2.29
C VAL A 316 -42.94 -14.71 -2.58
N THR A 317 -43.84 -15.09 -1.68
CA THR A 317 -45.29 -14.83 -1.92
C THR A 317 -45.90 -13.94 -0.83
N SER A 318 -45.57 -14.18 0.46
CA SER A 318 -46.12 -13.36 1.57
C SER A 318 -45.29 -13.45 2.84
N CYS A 319 -45.65 -12.65 3.86
CA CYS A 319 -44.94 -12.59 5.16
C CYS A 319 -45.85 -13.04 6.31
N ASN A 320 -45.27 -13.71 7.31
CA ASN A 320 -46.02 -14.18 8.51
C ASN A 320 -46.70 -12.98 9.18
N ASP A 321 -46.11 -11.79 9.00
CA ASP A 321 -46.65 -10.54 9.52
C ASP A 321 -47.36 -9.81 8.38
N PRO A 322 -48.71 -9.77 8.37
CA PRO A 322 -49.45 -9.17 7.26
C PRO A 322 -49.27 -7.66 7.07
N ASN A 323 -48.71 -6.98 8.07
CA ASN A 323 -48.59 -5.54 8.04
C ASN A 323 -47.21 -5.11 7.50
N ILE A 324 -46.43 -6.08 7.01
CA ILE A 324 -45.18 -5.80 6.33
C ILE A 324 -45.46 -5.66 4.83
N ASP A 325 -44.64 -4.88 4.13
CA ASP A 325 -44.78 -4.71 2.69
C ASP A 325 -43.68 -5.50 1.97
N ILE A 326 -44.11 -6.62 1.37
CA ILE A 326 -43.22 -7.63 0.83
C ILE A 326 -42.37 -7.03 -0.30
N ASP A 327 -43.00 -6.25 -1.17
CA ASP A 327 -42.31 -5.70 -2.33
C ASP A 327 -41.42 -4.52 -1.94
N SER A 328 -41.68 -3.92 -0.78
CA SER A 328 -40.82 -2.85 -0.27
C SER A 328 -39.58 -3.45 0.38
N TYR A 329 -39.75 -4.60 1.04
CA TYR A 329 -38.62 -5.35 1.57
C TYR A 329 -37.85 -5.97 0.42
N LYS A 330 -38.56 -6.23 -0.69
CA LYS A 330 -37.97 -6.82 -1.88
C LYS A 330 -37.03 -5.82 -2.57
N GLN A 331 -37.13 -4.54 -2.19
CA GLN A 331 -36.38 -3.48 -2.83
C GLN A 331 -35.15 -3.10 -2.02
N ILE A 332 -35.20 -3.34 -0.70
CA ILE A 332 -34.04 -3.19 0.16
C ILE A 332 -33.08 -4.36 -0.15
N TYR A 333 -33.66 -5.56 -0.34
CA TYR A 333 -32.87 -6.76 -0.56
C TYR A 333 -32.19 -6.73 -1.92
N GLN A 334 -32.91 -6.24 -2.94
CA GLN A 334 -32.34 -6.11 -4.27
C GLN A 334 -31.11 -5.20 -4.19
N GLN A 335 -31.24 -4.12 -3.41
CA GLN A 335 -30.20 -3.15 -3.15
C GLN A 335 -29.07 -3.77 -2.33
N LYS A 336 -29.44 -4.57 -1.32
CA LYS A 336 -28.47 -5.18 -0.42
C LYS A 336 -27.57 -6.15 -1.18
N TYR A 337 -28.19 -7.06 -1.93
CA TYR A 337 -27.47 -8.14 -2.60
C TYR A 337 -27.03 -7.73 -4.01
N GLN A 338 -27.43 -6.51 -4.41
CA GLN A 338 -27.11 -5.96 -5.72
C GLN A 338 -27.57 -6.91 -6.82
N PHE A 339 -28.79 -7.44 -6.67
CA PHE A 339 -29.39 -8.27 -7.68
C PHE A 339 -29.87 -7.39 -8.84
N ASP A 340 -29.98 -8.01 -10.02
CA ASP A 340 -30.59 -7.39 -11.19
C ASP A 340 -31.95 -8.04 -11.45
N LYS A 341 -32.79 -7.36 -12.24
CA LYS A 341 -34.12 -7.83 -12.59
C LYS A 341 -34.08 -8.50 -13.97
N ASP A 342 -34.85 -9.58 -14.11
CA ASP A 342 -34.94 -10.37 -15.33
C ASP A 342 -35.91 -9.69 -16.30
N SER A 343 -36.29 -10.42 -17.36
CA SER A 343 -37.36 -10.03 -18.26
C SER A 343 -38.70 -10.21 -17.54
N ASN A 344 -38.81 -11.33 -16.80
CA ASN A 344 -40.03 -11.72 -16.11
C ASN A 344 -40.12 -11.00 -14.78
N GLY A 345 -39.06 -10.27 -14.43
CA GLY A 345 -38.98 -9.55 -13.16
C GLY A 345 -38.38 -10.41 -12.06
N GLN A 346 -37.69 -11.48 -12.47
CA GLN A 346 -36.99 -12.36 -11.54
C GLN A 346 -35.68 -11.72 -11.14
N TYR A 347 -35.24 -11.98 -9.90
CA TYR A 347 -33.96 -11.49 -9.40
C TYR A 347 -32.86 -12.45 -9.83
N ILE A 348 -31.76 -11.89 -10.35
CA ILE A 348 -30.63 -12.69 -10.81
C ILE A 348 -29.32 -12.09 -10.27
N VAL A 349 -28.29 -12.94 -10.20
CA VAL A 349 -26.94 -12.54 -9.83
C VAL A 349 -26.21 -12.06 -11.08
N ASN A 350 -25.76 -10.81 -11.04
CA ASN A 350 -24.76 -10.31 -11.98
C ASN A 350 -23.38 -10.47 -11.34
N GLU A 351 -22.56 -11.34 -11.93
CA GLU A 351 -21.26 -11.73 -11.37
C GLU A 351 -20.35 -10.51 -11.19
N ASP A 352 -20.40 -9.56 -12.13
CA ASP A 352 -19.60 -8.35 -12.03
C ASP A 352 -19.96 -7.62 -10.74
N LYS A 353 -21.27 -7.45 -10.50
CA LYS A 353 -21.79 -6.73 -9.35
C LYS A 353 -21.50 -7.53 -8.07
N PHE A 354 -21.55 -8.86 -8.19
CA PHE A 354 -21.27 -9.72 -7.04
C PHE A 354 -19.83 -9.51 -6.57
N GLN A 355 -18.89 -9.57 -7.52
CA GLN A 355 -17.46 -9.45 -7.25
C GLN A 355 -17.19 -8.15 -6.50
N ILE A 356 -17.78 -7.05 -6.98
CA ILE A 356 -17.59 -5.74 -6.37
C ILE A 356 -18.17 -5.77 -4.95
N LEU A 357 -19.39 -6.31 -4.81
CA LEU A 357 -20.07 -6.33 -3.52
C LEU A 357 -19.30 -7.21 -2.53
N TYR A 358 -19.01 -8.45 -2.94
CA TYR A 358 -18.35 -9.42 -2.09
C TYR A 358 -17.02 -8.87 -1.55
N ASN A 359 -16.15 -8.41 -2.45
CA ASN A 359 -14.83 -7.91 -2.09
C ASN A 359 -14.95 -6.72 -1.14
N SER A 360 -15.93 -5.84 -1.40
CA SER A 360 -16.11 -4.63 -0.61
C SER A 360 -16.49 -4.96 0.83
N ILE A 361 -17.19 -6.09 1.02
CA ILE A 361 -17.67 -6.48 2.35
C ILE A 361 -16.57 -7.25 3.09
N MET A 362 -15.96 -8.24 2.43
CA MET A 362 -14.99 -9.13 3.05
C MET A 362 -13.65 -8.42 3.27
N TYR A 363 -13.30 -7.51 2.36
CA TYR A 363 -11.96 -6.95 2.31
C TYR A 363 -11.96 -5.42 2.41
N GLY A 364 -13.10 -4.78 2.13
CA GLY A 364 -13.20 -3.32 2.02
C GLY A 364 -12.73 -2.59 3.27
N PHE A 365 -13.49 -2.72 4.36
CA PHE A 365 -13.12 -2.11 5.63
C PHE A 365 -12.11 -3.01 6.34
N THR A 366 -11.00 -2.40 6.80
CA THR A 366 -10.01 -3.08 7.61
C THR A 366 -9.60 -2.16 8.76
N GLU A 367 -9.08 -2.77 9.82
CA GLU A 367 -8.58 -2.05 10.99
C GLU A 367 -7.43 -1.13 10.59
N ILE A 368 -6.52 -1.63 9.75
CA ILE A 368 -5.35 -0.87 9.34
C ILE A 368 -5.78 0.38 8.56
N GLU A 369 -6.68 0.18 7.58
CA GLU A 369 -7.14 1.27 6.74
C GLU A 369 -7.90 2.31 7.56
N LEU A 370 -8.75 1.83 8.48
CA LEU A 370 -9.55 2.73 9.30
C LEU A 370 -8.65 3.56 10.21
N GLY A 371 -7.61 2.92 10.77
CA GLY A 371 -6.64 3.62 11.60
C GLY A 371 -6.01 4.82 10.88
N LYS A 372 -5.62 4.63 9.61
CA LYS A 372 -5.01 5.70 8.84
C LYS A 372 -5.97 6.87 8.66
N LYS A 373 -7.23 6.58 8.30
CA LYS A 373 -8.25 7.59 8.05
C LYS A 373 -8.54 8.40 9.32
N PHE A 374 -8.42 7.75 10.49
CA PHE A 374 -8.80 8.37 11.75
C PHE A 374 -7.59 8.91 12.50
N ASN A 375 -6.39 8.78 11.91
CA ASN A 375 -5.13 9.09 12.61
C ASN A 375 -5.11 8.35 13.94
N ILE A 376 -5.33 7.03 13.87
CA ILE A 376 -5.22 6.15 15.03
C ILE A 376 -4.13 5.13 14.74
N LYS A 377 -3.18 4.98 15.68
CA LYS A 377 -2.12 4.01 15.52
C LYS A 377 -2.68 2.61 15.79
N THR A 378 -2.33 1.69 14.89
CA THR A 378 -2.69 0.28 15.01
C THR A 378 -1.40 -0.54 14.98
N ARG A 379 -1.48 -1.81 15.39
CA ARG A 379 -0.43 -2.78 15.16
C ARG A 379 -0.21 -2.89 13.65
N LEU A 380 1.03 -3.21 13.25
CA LEU A 380 1.34 -3.34 11.83
C LEU A 380 1.20 -4.79 11.39
N SER A 381 1.29 -5.70 12.36
CA SER A 381 1.25 -7.13 12.12
C SER A 381 0.20 -7.77 13.03
N PHE A 382 -0.47 -8.81 12.53
CA PHE A 382 -1.51 -9.49 13.29
C PHE A 382 -0.86 -10.24 14.46
N PHE A 383 0.43 -10.55 14.31
CA PHE A 383 1.18 -11.32 15.30
C PHE A 383 2.13 -10.43 16.06
N SER A 384 1.92 -9.11 15.96
CA SER A 384 2.65 -8.14 16.76
C SER A 384 2.39 -8.39 18.24
N MET A 385 3.34 -7.94 19.06
CA MET A 385 3.32 -8.17 20.49
C MET A 385 2.15 -7.44 21.13
N ASN A 386 1.35 -8.17 21.90
CA ASN A 386 0.35 -7.59 22.79
CA ASN A 386 0.37 -7.56 22.79
C ASN A 386 0.93 -7.52 24.20
N HIS A 387 0.72 -6.39 24.88
CA HIS A 387 1.16 -6.27 26.26
C HIS A 387 -0.05 -6.36 27.18
N ASP A 388 0.12 -5.99 28.46
CA ASP A 388 -1.02 -5.96 29.37
C ASP A 388 -2.01 -4.91 28.88
N PRO A 389 -3.33 -5.13 29.03
CA PRO A 389 -4.32 -4.09 28.74
C PRO A 389 -4.16 -3.00 29.80
N VAL A 390 -4.69 -1.81 29.49
CA VAL A 390 -4.73 -0.72 30.46
C VAL A 390 -6.16 -0.21 30.54
N LYS A 391 -6.46 0.54 31.61
CA LYS A 391 -7.73 1.20 31.76
C LYS A 391 -7.60 2.64 31.27
N ILE A 392 -8.61 3.11 30.54
CA ILE A 392 -8.78 4.53 30.23
C ILE A 392 -9.91 5.06 31.10
N PRO A 393 -9.62 5.69 32.26
CA PRO A 393 -10.67 6.11 33.19
C PRO A 393 -11.51 7.32 32.79
N ASN A 394 -11.07 8.08 31.78
CA ASN A 394 -11.67 9.39 31.52
C ASN A 394 -11.89 9.63 30.03
N LEU A 395 -12.60 8.73 29.36
CA LEU A 395 -12.92 8.86 27.95
C LEU A 395 -13.89 10.02 27.72
N LEU A 396 -14.67 10.34 28.76
CA LEU A 396 -15.72 11.35 28.66
C LEU A 396 -15.15 12.76 28.89
N ASP A 397 -13.85 12.87 29.14
CA ASP A 397 -13.18 14.15 29.30
C ASP A 397 -12.53 14.53 27.97
N ASP A 398 -13.01 15.64 27.39
CA ASP A 398 -12.58 16.10 26.08
C ASP A 398 -11.13 16.60 26.10
N THR A 399 -10.56 16.80 27.30
CA THR A 399 -9.16 17.19 27.38
C THR A 399 -8.26 15.97 27.18
N ILE A 400 -8.82 14.77 27.39
CA ILE A 400 -8.11 13.52 27.19
C ILE A 400 -8.54 12.89 25.86
N TYR A 401 -9.85 12.85 25.63
CA TYR A 401 -10.41 12.17 24.48
C TYR A 401 -11.64 12.92 23.99
N ASN A 402 -11.63 13.27 22.68
CA ASN A 402 -12.70 14.01 22.03
C ASN A 402 -13.17 13.26 20.79
N ASP A 403 -14.31 13.68 20.22
CA ASP A 403 -15.01 12.87 19.23
C ASP A 403 -14.61 13.24 17.80
N THR A 404 -13.50 13.98 17.65
CA THR A 404 -12.97 14.27 16.32
C THR A 404 -11.52 13.80 16.20
N GLU A 405 -10.81 13.68 17.32
CA GLU A 405 -9.36 13.45 17.27
C GLU A 405 -8.97 12.28 18.17
N GLY A 406 -9.91 11.77 18.96
CA GLY A 406 -9.60 10.76 19.96
C GLY A 406 -8.62 11.30 21.00
N PHE A 407 -7.51 10.58 21.19
CA PHE A 407 -6.49 10.96 22.16
C PHE A 407 -5.50 11.92 21.50
N ASN A 408 -5.45 11.88 20.16
CA ASN A 408 -4.39 12.49 19.38
C ASN A 408 -4.77 13.93 19.03
N ILE A 409 -4.85 14.76 20.06
CA ILE A 409 -5.45 16.08 20.01
C ILE A 409 -4.39 17.12 19.61
N GLU A 410 -4.68 17.88 18.55
CA GLU A 410 -3.72 18.77 17.93
C GLU A 410 -3.35 19.94 18.85
N SER A 411 -4.29 20.38 19.69
CA SER A 411 -4.07 21.54 20.53
C SER A 411 -3.23 21.17 21.76
N LYS A 412 -2.99 19.87 21.96
CA LYS A 412 -2.15 19.40 23.05
C LYS A 412 -0.80 18.93 22.49
N ASP A 413 -0.63 19.10 21.18
CA ASP A 413 0.52 18.60 20.43
C ASP A 413 0.62 17.09 20.59
N LEU A 414 -0.50 16.39 20.42
CA LEU A 414 -0.55 14.94 20.59
C LEU A 414 -0.99 14.27 19.29
N LYS A 415 -1.09 15.05 18.21
CA LYS A 415 -1.55 14.55 16.93
C LYS A 415 -0.39 13.91 16.16
N SER A 416 0.78 14.57 16.24
CA SER A 416 1.99 14.13 15.55
C SER A 416 2.41 12.77 16.09
N GLU A 417 2.51 11.78 15.18
CA GLU A 417 3.04 10.45 15.48
C GLU A 417 2.25 9.78 16.60
N TYR A 418 0.94 10.02 16.61
CA TYR A 418 0.02 9.32 17.51
C TYR A 418 0.47 9.44 18.96
N LYS A 419 1.01 10.61 19.32
CA LYS A 419 1.62 10.79 20.63
C LYS A 419 0.57 10.67 21.73
N GLY A 420 -0.69 10.94 21.38
CA GLY A 420 -1.77 10.82 22.35
C GLY A 420 -2.02 9.38 22.79
N GLN A 421 -1.52 8.41 22.01
CA GLN A 421 -1.67 7.00 22.31
C GLN A 421 -0.37 6.45 22.90
N ASN A 422 0.70 7.24 22.80
CA ASN A 422 2.04 6.87 23.25
C ASN A 422 2.08 6.86 24.77
N MET A 423 2.48 5.73 25.34
CA MET A 423 2.42 5.53 26.78
C MET A 423 3.59 6.20 27.49
N ARG A 424 4.62 6.60 26.73
CA ARG A 424 5.74 7.35 27.27
C ARG A 424 5.31 8.80 27.50
N VAL A 425 4.32 9.23 26.72
CA VAL A 425 3.97 10.64 26.63
C VAL A 425 2.67 10.91 27.38
N ASN A 426 1.59 10.21 27.00
CA ASN A 426 0.26 10.55 27.47
C ASN A 426 -0.09 9.74 28.72
N THR A 427 0.75 9.88 29.76
CA THR A 427 0.66 9.11 30.99
C THR A 427 -0.61 9.45 31.76
N ASN A 428 -1.20 10.62 31.46
CA ASN A 428 -2.42 11.07 32.10
C ASN A 428 -3.62 10.25 31.65
N ALA A 429 -3.55 9.69 30.43
CA ALA A 429 -4.71 9.15 29.74
C ALA A 429 -5.05 7.74 30.19
N PHE A 430 -4.09 7.03 30.81
CA PHE A 430 -4.25 5.61 31.09
C PHE A 430 -3.79 5.28 32.51
N ARG A 431 -4.27 4.14 33.03
CA ARG A 431 -3.82 3.55 34.28
C ARG A 431 -3.56 2.07 34.04
N ASN A 432 -2.59 1.52 34.77
CA ASN A 432 -2.34 0.08 34.79
C ASN A 432 -3.53 -0.59 35.48
N VAL A 433 -3.92 -1.76 35.00
CA VAL A 433 -5.07 -2.45 35.55
C VAL A 433 -4.69 -3.04 36.91
N ASP A 434 -5.71 -3.31 37.73
CA ASP A 434 -5.53 -3.95 39.02
C ASP A 434 -4.98 -5.35 38.80
N GLY A 435 -3.85 -5.65 39.45
CA GLY A 435 -3.15 -6.91 39.28
C GLY A 435 -4.00 -8.12 39.65
N SER A 436 -4.94 -7.91 40.58
CA SER A 436 -5.80 -8.97 41.09
C SER A 436 -6.86 -9.36 40.08
N GLY A 437 -7.01 -8.57 39.01
CA GLY A 437 -7.99 -8.87 37.99
C GLY A 437 -7.34 -9.45 36.73
N LEU A 438 -6.02 -9.31 36.63
CA LEU A 438 -5.27 -9.65 35.43
C LEU A 438 -4.76 -11.08 35.52
N VAL A 439 -5.10 -11.88 34.49
CA VAL A 439 -4.70 -13.29 34.44
C VAL A 439 -4.00 -13.55 33.11
N SER A 440 -2.96 -14.39 33.15
CA SER A 440 -2.15 -14.73 32.00
C SER A 440 -2.04 -16.25 31.85
N LYS A 441 -1.69 -16.68 30.64
CA LYS A 441 -1.19 -18.03 30.44
C LYS A 441 0.32 -17.99 30.63
N LEU A 442 0.79 -18.54 31.76
CA LEU A 442 2.19 -18.56 32.12
C LEU A 442 2.76 -19.98 31.94
N ILE A 443 4.03 -20.03 31.51
CA ILE A 443 4.77 -21.27 31.39
C ILE A 443 6.02 -21.16 32.27
N GLY A 444 6.17 -22.09 33.21
CA GLY A 444 7.33 -22.15 34.08
C GLY A 444 8.47 -22.95 33.47
N LEU A 445 9.67 -22.37 33.48
CA LEU A 445 10.88 -23.05 33.02
C LEU A 445 11.80 -23.27 34.21
N CYS A 446 12.01 -24.54 34.58
CA CYS A 446 12.80 -24.89 35.74
C CYS A 446 14.12 -25.53 35.31
N LYS A 447 15.22 -25.05 35.88
CA LYS A 447 16.53 -25.59 35.57
C LYS A 447 16.98 -26.54 36.68
N LYS A 448 17.35 -27.76 36.28
CA LYS A 448 17.69 -28.85 37.19
C LYS A 448 19.00 -28.52 37.90
N GLU A 472 17.47 -24.75 41.39
CA GLU A 472 16.00 -24.70 41.61
C GLU A 472 15.50 -23.30 41.28
N LEU A 473 15.95 -22.78 40.13
CA LEU A 473 15.46 -21.52 39.60
C LEU A 473 14.42 -21.80 38.52
N CYS A 474 13.20 -21.28 38.73
CA CYS A 474 12.15 -21.38 37.74
C CYS A 474 11.76 -19.98 37.30
N ILE A 475 11.81 -19.73 35.98
CA ILE A 475 11.42 -18.45 35.41
C ILE A 475 10.05 -18.59 34.76
N LYS A 476 9.26 -17.52 34.84
CA LYS A 476 7.90 -17.53 34.32
C LYS A 476 7.84 -16.72 33.02
N ILE A 477 7.46 -17.42 31.94
CA ILE A 477 7.33 -16.86 30.61
C ILE A 477 5.85 -16.66 30.32
N LYS A 478 5.51 -15.48 29.80
CA LYS A 478 4.16 -15.21 29.31
C LYS A 478 3.98 -15.86 27.96
N ASN A 479 2.74 -16.31 27.70
CA ASN A 479 2.34 -16.88 26.42
C ASN A 479 2.61 -15.89 25.28
N GLU A 480 2.55 -14.59 25.60
CA GLU A 480 2.80 -13.51 24.66
C GLU A 480 4.24 -13.57 24.14
N ASP A 481 5.16 -14.10 24.97
CA ASP A 481 6.59 -14.14 24.66
C ASP A 481 6.93 -15.35 23.81
N LEU A 482 5.99 -16.29 23.67
CA LEU A 482 6.21 -17.48 22.84
C LEU A 482 5.96 -17.11 21.38
N THR A 483 6.31 -18.04 20.47
CA THR A 483 6.26 -17.79 19.04
C THR A 483 5.08 -18.56 18.43
N PHE A 484 4.26 -17.84 17.66
CA PHE A 484 3.18 -18.48 16.93
C PHE A 484 3.74 -19.24 15.73
N ILE A 485 3.46 -20.54 15.68
CA ILE A 485 3.75 -21.37 14.51
C ILE A 485 2.47 -22.05 14.05
N ALA A 486 2.02 -21.74 12.83
CA ALA A 486 0.85 -22.37 12.24
C ALA A 486 1.12 -23.85 11.99
N GLU A 487 0.16 -24.70 12.38
CA GLU A 487 0.22 -26.13 12.09
C GLU A 487 -0.05 -26.36 10.60
N LYS A 488 0.52 -27.45 10.07
CA LYS A 488 0.53 -27.77 8.65
C LYS A 488 -0.89 -27.89 8.09
N ASN A 489 -1.84 -28.34 8.93
CA ASN A 489 -3.20 -28.60 8.52
C ASN A 489 -3.98 -27.28 8.37
N SER A 490 -3.32 -26.15 8.64
CA SER A 490 -3.91 -24.85 8.38
C SER A 490 -3.93 -24.55 6.88
N PHE A 491 -3.08 -25.27 6.12
CA PHE A 491 -2.75 -24.86 4.77
C PHE A 491 -3.31 -25.84 3.74
N SER A 492 -3.84 -25.28 2.66
CA SER A 492 -4.55 -26.01 1.62
C SER A 492 -3.56 -26.84 0.78
N GLU A 493 -4.05 -27.98 0.27
CA GLU A 493 -3.29 -28.77 -0.68
C GLU A 493 -4.00 -28.80 -2.02
N GLU A 494 -5.04 -27.98 -2.17
CA GLU A 494 -5.91 -27.99 -3.34
C GLU A 494 -5.15 -27.67 -4.62
N PRO A 495 -4.21 -26.70 -4.66
CA PRO A 495 -3.41 -26.45 -5.86
C PRO A 495 -2.61 -27.64 -6.41
N PHE A 496 -2.49 -28.70 -5.61
CA PHE A 496 -1.73 -29.88 -6.02
C PHE A 496 -2.64 -30.86 -6.75
N GLN A 497 -3.96 -30.69 -6.59
CA GLN A 497 -4.95 -31.62 -7.10
C GLN A 497 -5.28 -31.34 -8.56
N ASP A 498 -5.69 -32.40 -9.28
CA ASP A 498 -6.04 -32.34 -10.70
C ASP A 498 -7.01 -31.20 -10.95
N GLU A 499 -6.90 -30.59 -12.14
CA GLU A 499 -7.73 -29.47 -12.56
C GLU A 499 -8.17 -29.73 -14.00
N ILE A 500 -9.49 -29.65 -14.24
CA ILE A 500 -10.06 -30.08 -15.50
C ILE A 500 -10.44 -28.87 -16.33
N VAL A 501 -9.86 -28.77 -17.53
CA VAL A 501 -10.11 -27.65 -18.41
C VAL A 501 -11.03 -28.07 -19.55
N SER A 502 -12.07 -27.26 -19.79
CA SER A 502 -12.94 -27.40 -20.95
C SER A 502 -13.23 -26.01 -21.51
N TYR A 503 -14.17 -25.90 -22.45
CA TYR A 503 -14.53 -24.60 -23.00
C TYR A 503 -15.40 -23.84 -21.99
N ASN A 504 -16.11 -24.60 -21.15
CA ASN A 504 -17.02 -24.03 -20.15
C ASN A 504 -16.24 -23.51 -18.95
N THR A 505 -14.95 -23.85 -18.88
CA THR A 505 -14.08 -23.50 -17.77
C THR A 505 -14.10 -21.99 -17.52
N LYS A 506 -14.37 -21.63 -16.26
CA LYS A 506 -14.47 -20.26 -15.81
C LYS A 506 -13.11 -19.82 -15.27
N ASN A 507 -12.74 -18.57 -15.57
CA ASN A 507 -11.55 -17.97 -14.98
C ASN A 507 -11.87 -17.52 -13.56
N LYS A 508 -10.99 -17.90 -12.62
CA LYS A 508 -11.12 -17.55 -11.22
C LYS A 508 -10.40 -16.23 -10.97
N PRO A 509 -10.90 -15.37 -10.05
CA PRO A 509 -10.16 -14.19 -9.63
C PRO A 509 -8.84 -14.59 -8.95
N LEU A 510 -7.79 -13.81 -9.20
CA LEU A 510 -6.48 -14.05 -8.60
C LEU A 510 -6.17 -12.96 -7.57
N ASN A 511 -7.13 -12.06 -7.34
CA ASN A 511 -6.96 -11.03 -6.32
C ASN A 511 -8.30 -10.77 -5.64
N PHE A 512 -8.25 -10.75 -4.30
CA PHE A 512 -9.42 -10.50 -3.48
C PHE A 512 -9.07 -9.38 -2.52
N ASN A 513 -9.42 -8.15 -2.93
CA ASN A 513 -9.09 -6.96 -2.17
C ASN A 513 -10.07 -5.86 -2.54
N TYR A 514 -10.11 -4.83 -1.70
CA TYR A 514 -10.97 -3.68 -1.92
C TYR A 514 -10.45 -2.51 -1.07
N SER A 515 -10.23 -1.37 -1.72
CA SER A 515 -9.72 -0.19 -1.06
C SER A 515 -10.84 0.49 -0.28
N LEU A 516 -10.50 0.96 0.94
CA LEU A 516 -11.41 1.80 1.69
C LEU A 516 -11.66 3.10 0.93
N ASP A 517 -10.65 3.55 0.17
CA ASP A 517 -10.77 4.72 -0.68
C ASP A 517 -11.94 4.56 -1.66
N LYS A 518 -12.06 3.37 -2.26
CA LYS A 518 -13.11 3.10 -3.23
C LYS A 518 -14.49 3.07 -2.55
N ILE A 519 -14.55 2.54 -1.32
CA ILE A 519 -15.80 2.45 -0.57
C ILE A 519 -16.33 3.86 -0.33
N ILE A 520 -15.43 4.78 0.04
CA ILE A 520 -15.79 6.15 0.39
C ILE A 520 -16.36 6.85 -0.85
N VAL A 521 -15.65 6.71 -1.98
CA VAL A 521 -16.08 7.23 -3.26
C VAL A 521 -17.47 6.69 -3.60
N ASP A 522 -17.64 5.36 -3.52
CA ASP A 522 -18.93 4.72 -3.76
C ASP A 522 -19.99 5.36 -2.88
N TYR A 523 -19.66 5.55 -1.61
CA TYR A 523 -20.59 6.04 -0.61
C TYR A 523 -21.11 7.43 -0.99
N ASN A 524 -20.20 8.32 -1.39
CA ASN A 524 -20.51 9.71 -1.71
C ASN A 524 -21.40 9.79 -2.95
N LEU A 525 -21.49 8.68 -3.68
CA LEU A 525 -22.20 8.61 -4.95
C LEU A 525 -23.50 7.82 -4.79
N GLN A 526 -23.83 7.45 -3.55
CA GLN A 526 -25.04 6.70 -3.25
C GLN A 526 -26.06 7.61 -2.58
N SER A 527 -27.34 7.37 -2.88
CA SER A 527 -28.44 8.16 -2.32
C SER A 527 -29.03 7.44 -1.10
N LYS A 528 -29.71 8.20 -0.25
CA LYS A 528 -30.24 7.73 1.02
C LYS A 528 -31.20 6.57 0.77
N ILE A 529 -31.22 5.62 1.71
CA ILE A 529 -32.12 4.48 1.68
C ILE A 529 -32.93 4.46 2.97
N THR A 530 -34.18 4.94 2.89
CA THR A 530 -35.05 5.01 4.04
C THR A 530 -35.67 3.64 4.28
N LEU A 531 -35.35 3.06 5.45
CA LEU A 531 -35.79 1.73 5.83
C LEU A 531 -37.28 1.77 6.15
N PRO A 532 -38.00 0.63 6.00
CA PRO A 532 -39.36 0.52 6.51
C PRO A 532 -39.35 0.36 8.03
N ASN A 533 -40.54 0.41 8.62
CA ASN A 533 -40.76 0.25 10.05
C ASN A 533 -40.14 -1.07 10.50
N ASP A 534 -39.59 -1.07 11.72
N ASP A 534 -39.61 -1.08 11.73
CA ASP A 534 -38.95 -2.24 12.32
CA ASP A 534 -38.94 -2.26 12.27
C ASP A 534 -39.98 -3.14 12.97
C ASP A 534 -39.83 -2.99 13.26
N ARG A 535 -41.08 -2.53 13.44
CA ARG A 535 -42.04 -3.20 14.31
C ARG A 535 -42.66 -4.40 13.60
N THR A 536 -42.78 -5.51 14.34
CA THR A 536 -43.38 -6.73 13.82
C THR A 536 -44.15 -7.45 14.92
N THR A 537 -44.72 -8.60 14.55
CA THR A 537 -45.49 -9.46 15.44
C THR A 537 -44.55 -10.18 16.42
N PRO A 538 -45.00 -10.45 17.67
CA PRO A 538 -44.15 -11.09 18.68
C PRO A 538 -43.53 -12.41 18.20
N VAL A 539 -42.34 -12.72 18.71
CA VAL A 539 -41.63 -13.95 18.37
C VAL A 539 -42.10 -15.04 19.31
N THR A 540 -42.57 -16.16 18.73
CA THR A 540 -43.22 -17.21 19.48
C THR A 540 -42.61 -18.56 19.14
N LYS A 541 -42.11 -18.69 17.90
CA LYS A 541 -41.53 -19.93 17.40
C LYS A 541 -40.10 -20.05 17.90
N GLY A 542 -39.66 -21.30 18.12
CA GLY A 542 -38.28 -21.63 18.39
C GLY A 542 -37.93 -21.62 19.87
N ILE A 543 -36.71 -22.09 20.17
CA ILE A 543 -36.19 -22.23 21.52
C ILE A 543 -35.00 -21.28 21.67
N PRO A 544 -34.90 -20.50 22.77
CA PRO A 544 -33.79 -19.56 22.97
C PRO A 544 -32.50 -20.24 23.44
N TYR A 545 -31.90 -21.04 22.55
CA TYR A 545 -30.69 -21.77 22.88
C TYR A 545 -29.47 -20.85 22.75
N ALA A 546 -28.93 -20.42 23.90
CA ALA A 546 -27.68 -19.68 23.91
C ALA A 546 -26.53 -20.68 23.98
N PRO A 547 -25.53 -20.59 23.05
CA PRO A 547 -24.33 -21.42 23.12
C PRO A 547 -23.62 -21.22 24.46
N GLU A 548 -23.06 -22.32 24.98
CA GLU A 548 -22.37 -22.30 26.26
C GLU A 548 -21.07 -21.50 26.15
N TYR A 549 -20.79 -20.73 27.22
CA TYR A 549 -19.55 -19.98 27.33
C TYR A 549 -18.35 -20.93 27.26
N LYS A 550 -17.35 -20.53 26.48
CA LYS A 550 -16.10 -21.27 26.40
C LYS A 550 -15.11 -20.63 27.36
N SER A 551 -15.02 -21.21 28.56
CA SER A 551 -14.20 -20.69 29.64
C SER A 551 -12.72 -20.82 29.28
N ASN A 552 -11.97 -19.74 29.54
CA ASN A 552 -10.52 -19.74 29.36
C ASN A 552 -9.85 -20.03 30.70
N ALA A 553 -10.67 -20.31 31.72
CA ALA A 553 -10.19 -20.60 33.07
C ALA A 553 -9.40 -21.90 33.08
N ALA A 554 -8.20 -21.84 33.66
CA ALA A 554 -7.40 -23.01 33.96
C ALA A 554 -7.02 -23.00 35.43
N SER A 555 -6.78 -24.18 36.00
CA SER A 555 -6.40 -24.29 37.40
C SER A 555 -5.01 -24.90 37.53
N THR A 556 -4.22 -24.78 36.46
CA THR A 556 -2.88 -25.33 36.36
C THR A 556 -2.00 -24.35 35.60
N ILE A 557 -0.69 -24.35 35.90
CA ILE A 557 0.25 -23.68 35.01
C ILE A 557 1.23 -24.72 34.47
N GLU A 558 1.55 -24.59 33.18
CA GLU A 558 2.50 -25.41 32.46
C GLU A 558 3.88 -25.18 33.06
N ILE A 559 4.62 -26.28 33.26
CA ILE A 559 5.90 -26.26 33.94
C ILE A 559 6.81 -27.29 33.27
N HIS A 560 8.04 -26.88 32.93
CA HIS A 560 8.99 -27.76 32.26
C HIS A 560 10.38 -27.66 32.89
N ASN A 561 11.08 -28.80 32.94
CA ASN A 561 12.48 -28.85 33.33
C ASN A 561 13.36 -28.92 32.07
N ILE A 562 14.39 -28.07 32.03
CA ILE A 562 15.33 -28.08 30.91
C ILE A 562 16.74 -28.38 31.42
N ASP A 563 17.54 -29.00 30.56
CA ASP A 563 18.94 -29.27 30.86
C ASP A 563 19.74 -28.00 30.61
N ASP A 564 19.73 -27.55 29.35
CA ASP A 564 20.54 -26.43 28.92
C ASP A 564 19.73 -25.14 29.00
N ASN A 565 20.44 -24.00 29.11
CA ASN A 565 19.85 -22.68 29.11
C ASN A 565 19.26 -22.41 27.73
N THR A 566 18.03 -21.88 27.70
CA THR A 566 17.39 -21.50 26.45
C THR A 566 17.50 -19.98 26.24
N ILE A 567 16.89 -19.51 25.15
CA ILE A 567 16.70 -18.10 24.84
C ILE A 567 16.18 -17.37 26.09
N TYR A 568 15.27 -18.00 26.83
CA TYR A 568 14.58 -17.35 27.94
C TYR A 568 15.52 -17.16 29.12
N GLN A 569 16.41 -18.12 29.36
CA GLN A 569 17.42 -17.96 30.41
C GLN A 569 18.39 -16.85 30.01
N TYR A 570 18.73 -16.78 28.72
CA TYR A 570 19.67 -15.81 28.19
C TYR A 570 19.13 -14.39 28.39
N LEU A 571 17.85 -14.19 28.06
CA LEU A 571 17.19 -12.90 28.20
C LEU A 571 17.13 -12.49 29.67
N TYR A 572 16.58 -13.40 30.50
CA TYR A 572 16.33 -13.15 31.90
C TYR A 572 17.63 -12.88 32.66
N ALA A 573 18.74 -13.47 32.20
CA ALA A 573 20.04 -13.26 32.78
C ALA A 573 20.51 -11.80 32.60
N GLN A 574 19.83 -11.07 31.71
CA GLN A 574 20.24 -9.72 31.35
C GLN A 574 19.50 -8.69 32.19
N LYS A 575 18.50 -9.15 32.95
CA LYS A 575 17.63 -8.27 33.73
C LYS A 575 18.37 -7.75 34.96
N SER A 576 18.33 -6.42 35.14
CA SER A 576 18.88 -5.71 36.28
C SER A 576 17.95 -5.83 37.49
N PRO A 577 18.46 -5.69 38.74
CA PRO A 577 17.62 -5.59 39.92
C PRO A 577 16.91 -4.24 40.03
N THR A 578 15.78 -4.23 40.74
CA THR A 578 15.00 -3.02 40.97
C THR A 578 15.66 -2.18 42.06
N THR A 579 16.29 -2.87 43.02
CA THR A 579 16.91 -2.25 44.18
C THR A 579 18.29 -1.71 43.81
N LEU A 580 18.53 -0.45 44.19
CA LEU A 580 19.73 0.30 43.86
C LEU A 580 20.94 -0.37 44.49
N GLN A 581 21.89 -0.79 43.63
CA GLN A 581 23.17 -1.38 44.01
C GLN A 581 24.11 -1.29 42.81
N ARG A 582 25.42 -1.43 43.07
CA ARG A 582 26.38 -1.52 41.98
C ARG A 582 26.13 -2.83 41.22
N ILE A 583 25.82 -2.68 39.93
CA ILE A 583 25.66 -3.79 39.01
C ILE A 583 26.98 -4.00 38.29
N THR A 584 27.34 -5.27 38.06
CA THR A 584 28.44 -5.63 37.16
C THR A 584 27.91 -6.48 36.01
N MET A 585 28.76 -6.70 35.00
CA MET A 585 28.41 -7.54 33.87
C MET A 585 29.31 -8.77 33.84
N THR A 586 28.77 -9.86 33.26
CA THR A 586 29.48 -11.12 33.14
C THR A 586 29.14 -11.74 31.77
N ASN A 587 30.10 -12.48 31.20
CA ASN A 587 29.87 -13.15 29.93
C ASN A 587 29.33 -14.56 30.19
N SER A 588 28.91 -14.81 31.44
CA SER A 588 28.37 -16.08 31.85
C SER A 588 26.91 -15.94 32.26
N VAL A 589 26.04 -16.73 31.61
CA VAL A 589 24.61 -16.67 31.82
C VAL A 589 24.27 -17.20 33.22
N ASP A 590 24.88 -18.34 33.58
CA ASP A 590 24.66 -18.97 34.88
C ASP A 590 25.05 -18.02 36.01
N ASP A 591 26.23 -17.40 35.87
CA ASP A 591 26.77 -16.47 36.85
C ASP A 591 25.74 -15.37 37.11
N ALA A 592 25.09 -14.89 36.04
CA ALA A 592 24.11 -13.82 36.10
C ALA A 592 22.78 -14.33 36.65
N LEU A 593 22.42 -15.58 36.31
CA LEU A 593 21.17 -16.16 36.78
C LEU A 593 21.19 -16.29 38.30
N ILE A 594 22.36 -16.61 38.85
CA ILE A 594 22.54 -16.90 40.26
C ILE A 594 22.66 -15.59 41.06
N ASN A 595 23.41 -14.62 40.52
CA ASN A 595 23.74 -13.40 41.24
C ASN A 595 22.80 -12.28 40.84
N SER A 596 22.22 -11.59 41.83
CA SER A 596 21.26 -10.53 41.57
C SER A 596 21.95 -9.22 41.15
N THR A 597 23.27 -9.14 41.30
CA THR A 597 23.97 -7.90 40.98
C THR A 597 24.75 -8.04 39.67
N LYS A 598 24.67 -9.22 39.06
CA LYS A 598 25.40 -9.49 37.83
C LYS A 598 24.43 -9.62 36.65
N ILE A 599 24.78 -8.96 35.54
CA ILE A 599 24.00 -8.93 34.32
C ILE A 599 24.79 -9.65 33.24
N TYR A 600 24.13 -10.59 32.53
CA TYR A 600 24.75 -11.17 31.36
C TYR A 600 24.86 -10.13 30.25
N SER A 601 26.04 -10.05 29.64
CA SER A 601 26.28 -9.22 28.48
C SER A 601 27.16 -9.96 27.48
N TYR A 602 27.17 -9.46 26.24
CA TYR A 602 27.85 -10.08 25.11
C TYR A 602 28.66 -9.02 24.37
N PHE A 603 28.78 -7.84 24.99
CA PHE A 603 29.63 -6.77 24.49
C PHE A 603 30.91 -6.73 25.35
N PRO A 604 31.97 -7.48 25.00
CA PRO A 604 33.11 -7.69 25.90
C PRO A 604 33.86 -6.42 26.30
N SER A 605 33.93 -5.44 25.40
CA SER A 605 34.57 -4.17 25.69
C SER A 605 33.74 -3.34 26.67
N VAL A 606 32.41 -3.31 26.49
CA VAL A 606 31.50 -2.64 27.41
C VAL A 606 31.65 -3.24 28.81
N ILE A 607 31.72 -4.57 28.87
CA ILE A 607 31.85 -5.33 30.12
C ILE A 607 33.12 -4.86 30.84
N SER A 608 34.24 -4.90 30.11
CA SER A 608 35.55 -4.56 30.65
C SER A 608 35.51 -3.16 31.27
N LYS A 609 34.84 -2.24 30.58
CA LYS A 609 34.81 -0.84 30.98
C LYS A 609 33.90 -0.62 32.20
N VAL A 610 32.69 -1.21 32.20
CA VAL A 610 31.73 -0.96 33.28
C VAL A 610 32.16 -1.68 34.56
N ASN A 611 32.97 -2.74 34.45
CA ASN A 611 33.38 -3.53 35.59
C ASN A 611 34.51 -2.84 36.34
N GLN A 612 35.09 -1.79 35.75
CA GLN A 612 36.19 -1.08 36.36
C GLN A 612 35.70 -0.32 37.58
N GLY A 613 36.56 -0.24 38.61
CA GLY A 613 36.26 0.46 39.84
C GLY A 613 36.58 1.94 39.74
N ALA A 614 36.73 2.58 40.91
CA ALA A 614 36.90 4.02 41.07
C ALA A 614 37.84 4.59 40.01
N GLN A 615 37.36 5.62 39.30
CA GLN A 615 38.11 6.27 38.24
C GLN A 615 38.72 7.56 38.77
N GLY A 616 38.26 8.00 39.95
CA GLY A 616 38.62 9.29 40.49
C GLY A 616 38.27 10.41 39.53
N ILE A 617 39.32 11.09 39.03
CA ILE A 617 39.15 12.30 38.25
C ILE A 617 38.96 11.97 36.77
N LEU A 618 38.98 10.67 36.44
CA LEU A 618 38.83 10.22 35.06
C LEU A 618 37.40 9.74 34.81
N PHE A 619 36.45 10.17 35.66
CA PHE A 619 35.10 9.62 35.72
C PHE A 619 34.29 9.97 34.48
N LEU A 620 34.38 11.24 34.04
CA LEU A 620 33.64 11.70 32.87
C LEU A 620 34.13 10.98 31.61
N GLN A 621 35.46 10.83 31.50
CA GLN A 621 36.08 10.19 30.36
C GLN A 621 35.70 8.71 30.35
N TRP A 622 35.50 8.14 31.54
CA TRP A 622 35.05 6.76 31.71
C TRP A 622 33.64 6.60 31.13
N VAL A 623 32.76 7.58 31.39
CA VAL A 623 31.39 7.54 30.90
C VAL A 623 31.38 7.69 29.37
N ARG A 624 32.21 8.61 28.85
CA ARG A 624 32.43 8.79 27.42
C ARG A 624 32.89 7.48 26.78
N ASP A 625 33.82 6.79 27.45
CA ASP A 625 34.42 5.56 26.97
C ASP A 625 33.39 4.45 26.88
N ILE A 626 32.48 4.38 27.86
CA ILE A 626 31.38 3.41 27.84
C ILE A 626 30.54 3.63 26.58
N ILE A 627 30.13 4.88 26.36
CA ILE A 627 29.31 5.24 25.21
C ILE A 627 30.02 4.84 23.92
N ASP A 628 31.34 5.07 23.86
CA ASP A 628 32.14 4.79 22.66
C ASP A 628 32.18 3.29 22.39
N ASP A 629 32.46 2.49 23.43
CA ASP A 629 32.54 1.05 23.31
C ASP A 629 31.18 0.48 22.93
N PHE A 630 30.11 0.99 23.55
CA PHE A 630 28.77 0.52 23.24
C PHE A 630 28.47 0.78 21.77
N THR A 631 28.88 1.96 21.29
CA THR A 631 28.65 2.40 19.92
C THR A 631 29.33 1.42 18.95
N ASN A 632 30.61 1.12 19.20
CA ASN A 632 31.40 0.30 18.30
C ASN A 632 30.84 -1.12 18.28
N GLU A 633 30.42 -1.60 19.45
CA GLU A 633 30.03 -3.00 19.59
C GLU A 633 28.62 -3.25 19.09
N SER A 634 27.70 -2.31 19.38
CA SER A 634 26.30 -2.47 19.02
C SER A 634 26.07 -2.24 17.53
N SER A 635 27.02 -1.53 16.89
CA SER A 635 26.88 -1.11 15.51
C SER A 635 27.50 -2.14 14.56
N GLN A 636 28.08 -3.20 15.12
CA GLN A 636 28.72 -4.22 14.29
C GLN A 636 27.72 -4.74 13.25
N LYS A 637 28.18 -4.81 12.00
CA LYS A 637 27.40 -5.34 10.90
C LYS A 637 28.35 -5.88 9.84
N THR A 638 27.89 -6.91 9.12
CA THR A 638 28.71 -7.57 8.13
C THR A 638 27.82 -8.11 7.02
N THR A 639 28.45 -8.80 6.05
CA THR A 639 27.74 -9.51 5.00
C THR A 639 28.42 -10.87 4.81
N ILE A 640 27.68 -11.81 4.21
CA ILE A 640 28.20 -13.10 3.80
C ILE A 640 27.76 -13.30 2.35
N ASP A 641 28.75 -13.55 1.47
CA ASP A 641 28.55 -13.65 0.03
C ASP A 641 27.47 -14.69 -0.31
N LYS A 642 27.51 -15.83 0.39
CA LYS A 642 26.61 -16.94 0.18
C LYS A 642 25.17 -16.55 0.51
N ILE A 643 24.99 -15.42 1.21
CA ILE A 643 23.66 -14.89 1.45
C ILE A 643 23.59 -13.48 0.86
N SER A 644 23.47 -13.42 -0.47
CA SER A 644 23.80 -12.24 -1.24
C SER A 644 22.70 -11.19 -1.24
N ASP A 645 21.49 -11.56 -0.78
CA ASP A 645 20.39 -10.61 -0.78
C ASP A 645 20.07 -10.16 0.64
N VAL A 646 21.01 -10.40 1.56
CA VAL A 646 20.92 -9.88 2.92
C VAL A 646 22.04 -8.86 3.13
N SER A 647 21.65 -7.60 3.31
CA SER A 647 22.56 -6.46 3.27
C SER A 647 23.24 -6.25 4.62
N THR A 648 22.58 -6.71 5.68
CA THR A 648 22.98 -6.36 7.04
C THR A 648 22.93 -7.61 7.92
N ILE A 649 24.09 -8.04 8.39
CA ILE A 649 24.17 -9.14 9.33
C ILE A 649 24.77 -8.63 10.64
N VAL A 650 24.02 -8.82 11.74
CA VAL A 650 24.45 -8.38 13.05
C VAL A 650 24.96 -9.59 13.82
N PRO A 651 26.30 -9.70 14.05
CA PRO A 651 26.90 -10.96 14.49
C PRO A 651 26.57 -11.34 15.93
N TYR A 652 26.25 -10.35 16.77
CA TYR A 652 26.12 -10.61 18.19
C TYR A 652 24.75 -11.21 18.54
N ILE A 653 23.92 -11.47 17.52
CA ILE A 653 22.65 -12.14 17.74
C ILE A 653 22.91 -13.51 18.38
N GLY A 654 23.97 -14.17 17.89
CA GLY A 654 24.38 -15.49 18.34
C GLY A 654 24.51 -15.57 19.86
N PRO A 655 25.50 -14.86 20.48
CA PRO A 655 25.66 -14.87 21.93
C PRO A 655 24.54 -14.18 22.73
N ALA A 656 23.74 -13.34 22.06
CA ALA A 656 22.69 -12.59 22.75
C ALA A 656 21.49 -13.50 23.04
N LEU A 657 21.23 -14.44 22.14
CA LEU A 657 20.00 -15.23 22.19
C LEU A 657 20.32 -16.71 22.26
N ASN A 658 21.60 -17.06 22.35
CA ASN A 658 22.06 -18.44 22.40
C ASN A 658 21.69 -19.17 21.10
N ILE A 659 21.99 -18.53 19.96
CA ILE A 659 21.86 -19.19 18.67
C ILE A 659 23.25 -19.71 18.28
N VAL A 660 23.43 -21.02 18.45
CA VAL A 660 24.74 -21.65 18.31
C VAL A 660 24.59 -22.90 17.43
N LYS A 661 25.58 -23.12 16.57
CA LYS A 661 25.69 -24.34 15.78
C LYS A 661 26.86 -25.17 16.31
N GLN A 662 26.62 -26.48 16.46
CA GLN A 662 27.65 -27.41 16.89
C GLN A 662 28.85 -27.33 15.95
N GLY A 663 30.02 -27.12 16.53
CA GLY A 663 31.27 -27.02 15.78
C GLY A 663 31.64 -25.57 15.49
N TYR A 664 30.74 -24.64 15.84
CA TYR A 664 30.91 -23.23 15.53
C TYR A 664 30.63 -22.39 16.79
N GLU A 665 30.96 -22.96 17.96
CA GLU A 665 30.62 -22.39 19.26
C GLU A 665 31.25 -21.00 19.43
N GLY A 666 32.29 -20.69 18.66
CA GLY A 666 32.87 -19.37 18.75
C GLY A 666 32.70 -18.54 17.48
N ASN A 667 31.81 -18.99 16.58
CA ASN A 667 31.84 -18.52 15.20
C ASN A 667 30.43 -18.51 14.61
N PHE A 668 29.61 -17.57 15.08
CA PHE A 668 28.25 -17.37 14.58
C PHE A 668 28.26 -17.08 13.08
N ILE A 669 29.17 -16.20 12.64
CA ILE A 669 29.27 -15.81 11.24
C ILE A 669 29.60 -17.04 10.39
N GLY A 670 30.51 -17.89 10.88
CA GLY A 670 30.84 -19.14 10.22
C GLY A 670 29.65 -20.09 10.16
N ALA A 671 28.87 -20.13 11.25
CA ALA A 671 27.69 -20.95 11.36
C ALA A 671 26.65 -20.55 10.31
N LEU A 672 26.48 -19.23 10.15
CA LEU A 672 25.48 -18.64 9.28
C LEU A 672 25.90 -18.85 7.83
N GLU A 673 27.22 -18.81 7.59
CA GLU A 673 27.82 -19.01 6.29
C GLU A 673 27.55 -20.44 5.79
N THR A 674 27.50 -21.40 6.73
CA THR A 674 27.43 -22.80 6.37
C THR A 674 26.00 -23.34 6.46
N THR A 675 25.10 -22.59 7.11
CA THR A 675 23.74 -23.07 7.33
C THR A 675 22.75 -22.26 6.50
N GLY A 676 23.05 -20.97 6.30
CA GLY A 676 22.07 -20.03 5.80
C GLY A 676 21.22 -19.50 6.95
N VAL A 677 20.27 -18.61 6.63
CA VAL A 677 19.50 -17.86 7.61
C VAL A 677 18.61 -18.80 8.42
N VAL A 678 18.43 -20.03 7.93
CA VAL A 678 17.63 -21.03 8.63
C VAL A 678 18.20 -21.27 10.03
N LEU A 679 19.45 -20.85 10.25
CA LEU A 679 20.12 -20.99 11.54
C LEU A 679 19.32 -20.30 12.64
N LEU A 680 18.63 -19.21 12.26
CA LEU A 680 17.95 -18.30 13.17
C LEU A 680 16.58 -18.85 13.57
N LEU A 681 16.18 -19.97 12.97
CA LEU A 681 14.86 -20.53 13.22
C LEU A 681 14.97 -21.68 14.22
N GLU A 682 14.10 -21.65 15.23
CA GLU A 682 13.93 -22.74 16.17
C GLU A 682 13.16 -23.87 15.50
N TYR A 683 12.10 -23.51 14.78
CA TYR A 683 11.29 -24.47 14.06
C TYR A 683 11.67 -24.44 12.58
N ILE A 684 12.19 -25.57 12.09
CA ILE A 684 12.61 -25.67 10.71
C ILE A 684 11.49 -26.35 9.93
N PRO A 685 10.78 -25.60 9.05
CA PRO A 685 9.64 -26.15 8.33
C PRO A 685 10.11 -27.04 7.18
N GLU A 686 9.24 -27.97 6.80
CA GLU A 686 9.35 -28.73 5.57
C GLU A 686 9.06 -27.79 4.41
N ILE A 687 10.06 -27.59 3.53
CA ILE A 687 9.93 -26.62 2.45
C ILE A 687 9.78 -27.32 1.10
N THR A 688 10.16 -28.60 1.01
CA THR A 688 9.91 -29.36 -0.20
C THR A 688 8.40 -29.53 -0.37
N LEU A 689 7.95 -29.59 -1.62
CA LEU A 689 6.53 -29.58 -1.91
C LEU A 689 6.16 -30.82 -2.73
N PRO A 690 4.92 -31.35 -2.56
CA PRO A 690 4.45 -32.48 -3.38
C PRO A 690 4.32 -32.08 -4.85
N VAL A 691 4.22 -33.07 -5.73
CA VAL A 691 4.08 -32.79 -7.15
C VAL A 691 2.74 -32.10 -7.39
N ILE A 692 2.71 -31.22 -8.39
CA ILE A 692 1.49 -30.54 -8.80
C ILE A 692 0.94 -31.28 -10.03
N ALA A 693 -0.27 -31.83 -9.88
CA ALA A 693 -0.91 -32.57 -10.95
C ALA A 693 -0.98 -31.67 -12.19
N ALA A 694 -0.59 -32.23 -13.33
CA ALA A 694 -0.72 -31.57 -14.62
C ALA A 694 -2.20 -31.22 -14.87
N LEU A 695 -2.44 -30.15 -15.62
CA LEU A 695 -3.80 -29.83 -16.03
C LEU A 695 -4.28 -30.93 -16.99
N SER A 696 -5.59 -31.17 -17.00
CA SER A 696 -6.16 -32.13 -17.94
C SER A 696 -7.24 -31.44 -18.78
N ILE A 697 -7.51 -32.01 -19.96
CA ILE A 697 -8.52 -31.47 -20.85
C ILE A 697 -9.62 -32.52 -21.07
N ALA A 698 -10.87 -32.10 -20.83
CA ALA A 698 -12.04 -32.89 -21.19
C ALA A 698 -12.94 -32.06 -22.11
N GLU A 699 -12.65 -32.08 -23.41
CA GLU A 699 -13.40 -31.30 -24.38
C GLU A 699 -13.54 -32.09 -25.68
N SER A 700 -14.79 -32.34 -26.08
CA SER A 700 -15.10 -33.25 -27.17
C SER A 700 -15.44 -32.49 -28.44
N SER A 701 -15.86 -31.22 -28.29
CA SER A 701 -16.28 -30.36 -29.38
C SER A 701 -15.26 -30.35 -30.51
N THR A 702 -15.77 -30.36 -31.75
CA THR A 702 -14.94 -30.31 -32.95
C THR A 702 -15.02 -28.92 -33.58
N GLN A 703 -15.72 -28.00 -32.91
CA GLN A 703 -15.82 -26.62 -33.36
C GLN A 703 -14.47 -25.93 -33.13
N LYS A 704 -14.00 -25.18 -34.13
CA LYS A 704 -12.73 -24.49 -34.07
C LYS A 704 -12.74 -23.44 -32.95
N GLU A 705 -13.87 -22.75 -32.81
CA GLU A 705 -14.00 -21.65 -31.86
C GLU A 705 -13.94 -22.17 -30.42
N LYS A 706 -14.40 -23.41 -30.23
CA LYS A 706 -14.44 -24.02 -28.90
C LYS A 706 -13.08 -24.61 -28.54
N ILE A 707 -12.38 -25.13 -29.56
CA ILE A 707 -11.04 -25.67 -29.37
C ILE A 707 -10.10 -24.55 -28.95
N ILE A 708 -10.18 -23.40 -29.65
CA ILE A 708 -9.32 -22.27 -29.36
C ILE A 708 -9.62 -21.73 -27.96
N LYS A 709 -10.91 -21.69 -27.60
CA LYS A 709 -11.32 -21.23 -26.29
C LYS A 709 -10.71 -22.11 -25.19
N THR A 710 -10.71 -23.43 -25.43
CA THR A 710 -10.24 -24.43 -24.49
C THR A 710 -8.74 -24.28 -24.27
N ILE A 711 -8.02 -23.98 -25.36
CA ILE A 711 -6.58 -23.71 -25.33
C ILE A 711 -6.32 -22.44 -24.52
N ASP A 712 -7.14 -21.41 -24.74
CA ASP A 712 -7.02 -20.13 -24.05
C ASP A 712 -7.29 -20.31 -22.55
N ASN A 713 -8.35 -21.08 -22.24
CA ASN A 713 -8.70 -21.42 -20.87
C ASN A 713 -7.52 -22.12 -20.21
N PHE A 714 -6.89 -23.05 -20.94
CA PHE A 714 -5.82 -23.88 -20.44
C PHE A 714 -4.60 -23.02 -20.09
N LEU A 715 -4.26 -22.09 -20.98
CA LEU A 715 -3.10 -21.22 -20.80
C LEU A 715 -3.29 -20.34 -19.57
N GLU A 716 -4.53 -19.89 -19.35
CA GLU A 716 -4.86 -19.06 -18.20
CA GLU A 716 -4.86 -19.06 -18.20
C GLU A 716 -4.76 -19.90 -16.92
N LYS A 717 -5.29 -21.13 -16.98
CA LYS A 717 -5.32 -22.05 -15.86
C LYS A 717 -3.89 -22.38 -15.42
N ARG A 718 -2.98 -22.45 -16.40
CA ARG A 718 -1.58 -22.75 -16.16
C ARG A 718 -0.94 -21.57 -15.44
N TYR A 719 -1.27 -20.35 -15.87
CA TYR A 719 -0.81 -19.15 -15.21
C TYR A 719 -1.31 -19.10 -13.77
N GLU A 720 -2.60 -19.45 -13.58
N GLU A 720 -2.59 -19.45 -13.58
CA GLU A 720 -3.24 -19.41 -12.28
CA GLU A 720 -3.24 -19.41 -12.28
C GLU A 720 -2.56 -20.36 -11.31
C GLU A 720 -2.55 -20.36 -11.31
N LYS A 721 -1.99 -21.46 -11.84
CA LYS A 721 -1.35 -22.47 -11.03
C LYS A 721 -0.08 -21.89 -10.38
N TRP A 722 0.74 -21.21 -11.18
CA TRP A 722 1.94 -20.54 -10.70
C TRP A 722 1.59 -19.58 -9.57
N ILE A 723 0.50 -18.82 -9.75
CA ILE A 723 0.10 -17.80 -8.78
C ILE A 723 -0.39 -18.47 -7.50
N GLU A 724 -1.21 -19.52 -7.64
CA GLU A 724 -1.79 -20.24 -6.52
C GLU A 724 -0.70 -20.85 -5.64
N VAL A 725 0.34 -21.38 -6.29
CA VAL A 725 1.37 -22.09 -5.55
C VAL A 725 2.28 -21.07 -4.85
N TYR A 726 2.63 -20.01 -5.56
CA TYR A 726 3.39 -18.91 -5.00
C TYR A 726 2.70 -18.37 -3.74
N LYS A 727 1.36 -18.27 -3.81
CA LYS A 727 0.55 -17.66 -2.76
C LYS A 727 0.45 -18.61 -1.57
N LEU A 728 0.40 -19.93 -1.85
CA LEU A 728 0.34 -20.93 -0.80
C LEU A 728 1.65 -20.91 0.00
N VAL A 729 2.78 -20.91 -0.71
CA VAL A 729 4.09 -20.85 -0.09
C VAL A 729 4.20 -19.58 0.76
N LYS A 730 3.76 -18.44 0.21
CA LYS A 730 3.80 -17.17 0.92
C LYS A 730 2.96 -17.26 2.20
N ALA A 731 1.81 -17.92 2.12
CA ALA A 731 0.93 -18.08 3.28
C ALA A 731 1.66 -18.86 4.37
N LYS A 732 2.33 -19.95 3.96
CA LYS A 732 3.04 -20.84 4.88
C LYS A 732 4.21 -20.09 5.51
N TRP A 733 4.88 -19.26 4.70
CA TRP A 733 6.01 -18.46 5.15
C TRP A 733 5.57 -17.47 6.22
N LEU A 734 4.43 -16.80 5.99
CA LEU A 734 3.88 -15.81 6.90
C LEU A 734 3.57 -16.45 8.26
N GLY A 735 3.06 -17.69 8.24
CA GLY A 735 2.53 -18.32 9.43
C GLY A 735 3.53 -19.22 10.16
N THR A 736 4.66 -19.55 9.52
CA THR A 736 5.57 -20.53 10.11
C THR A 736 7.00 -20.02 10.14
N VAL A 737 7.32 -19.01 9.31
CA VAL A 737 8.70 -18.56 9.19
C VAL A 737 8.83 -17.10 9.64
N ASN A 738 7.97 -16.23 9.11
CA ASN A 738 8.07 -14.80 9.32
C ASN A 738 7.81 -14.47 10.79
N THR A 739 6.97 -15.28 11.44
CA THR A 739 6.63 -15.10 12.85
C THR A 739 7.88 -15.24 13.71
N GLN A 740 8.78 -16.15 13.34
CA GLN A 740 9.99 -16.41 14.10
C GLN A 740 10.97 -15.24 13.96
N PHE A 741 11.16 -14.78 12.72
CA PHE A 741 12.02 -13.64 12.43
C PHE A 741 11.52 -12.38 13.13
N GLN A 742 10.19 -12.21 13.20
CA GLN A 742 9.57 -11.13 13.95
C GLN A 742 9.93 -11.27 15.43
N LYS A 743 9.91 -12.51 15.93
CA LYS A 743 10.17 -12.73 17.34
C LYS A 743 11.64 -12.42 17.66
N ARG A 744 12.55 -12.82 16.75
CA ARG A 744 13.97 -12.55 16.88
C ARG A 744 14.20 -11.05 17.03
N SER A 745 13.44 -10.25 16.27
CA SER A 745 13.48 -8.80 16.38
C SER A 745 13.11 -8.36 17.80
N TYR A 746 12.00 -8.88 18.30
N TYR A 746 12.02 -8.89 18.34
CA TYR A 746 11.49 -8.56 19.62
CA TYR A 746 11.55 -8.47 19.64
C TYR A 746 12.51 -8.95 20.69
C TYR A 746 12.52 -8.95 20.72
N GLN A 747 13.09 -10.15 20.54
CA GLN A 747 14.02 -10.72 21.49
C GLN A 747 15.27 -9.84 21.58
N MET A 748 15.78 -9.43 20.41
CA MET A 748 16.95 -8.57 20.34
C MET A 748 16.64 -7.20 20.91
N TYR A 749 15.40 -6.72 20.72
CA TYR A 749 15.02 -5.43 21.27
C TYR A 749 15.00 -5.51 22.80
N ARG A 750 14.50 -6.60 23.35
N ARG A 750 14.48 -6.63 23.31
CA ARG A 750 14.43 -6.75 24.78
CA ARG A 750 14.38 -6.95 24.73
C ARG A 750 15.84 -6.86 25.36
C ARG A 750 15.78 -6.94 25.34
N SER A 751 16.73 -7.54 24.61
CA SER A 751 18.12 -7.69 25.03
C SER A 751 18.83 -6.33 25.08
N LEU A 752 18.71 -5.53 24.00
CA LEU A 752 19.38 -4.23 23.92
C LEU A 752 18.85 -3.28 24.99
N GLU A 753 17.54 -3.37 25.26
CA GLU A 753 16.87 -2.59 26.27
C GLU A 753 17.45 -2.94 27.65
N TYR A 754 17.69 -4.22 27.88
CA TYR A 754 18.28 -4.69 29.13
C TYR A 754 19.71 -4.14 29.28
N GLN A 755 20.47 -4.17 28.18
CA GLN A 755 21.85 -3.73 28.16
C GLN A 755 21.94 -2.24 28.48
N VAL A 756 21.07 -1.44 27.84
CA VAL A 756 21.06 0.01 28.02
C VAL A 756 20.66 0.33 29.46
N ASP A 757 19.61 -0.34 29.95
CA ASP A 757 19.13 -0.14 31.31
C ASP A 757 20.24 -0.41 32.33
N ALA A 758 20.95 -1.53 32.16
CA ALA A 758 22.03 -1.92 33.06
C ALA A 758 23.14 -0.88 33.06
N ILE A 759 23.51 -0.40 31.86
CA ILE A 759 24.57 0.59 31.72
C ILE A 759 24.15 1.90 32.36
N LYS A 760 22.89 2.29 32.15
CA LYS A 760 22.31 3.48 32.75
C LYS A 760 22.42 3.42 34.27
N LYS A 761 22.09 2.25 34.84
CA LYS A 761 22.09 2.06 36.29
C LYS A 761 23.52 2.16 36.82
N ILE A 762 24.49 1.66 36.05
CA ILE A 762 25.89 1.69 36.45
C ILE A 762 26.38 3.14 36.46
N ILE A 763 26.08 3.89 35.38
CA ILE A 763 26.43 5.29 35.26
C ILE A 763 25.77 6.06 36.41
N ASP A 764 24.46 5.82 36.63
CA ASP A 764 23.70 6.49 37.68
C ASP A 764 24.34 6.22 39.04
N TYR A 765 24.65 4.95 39.32
CA TYR A 765 25.23 4.56 40.60
C TYR A 765 26.59 5.22 40.81
N GLU A 766 27.43 5.21 39.76
CA GLU A 766 28.78 5.73 39.88
C GLU A 766 28.75 7.26 40.01
N TYR A 767 27.75 7.90 39.41
CA TYR A 767 27.60 9.34 39.49
C TYR A 767 27.19 9.72 40.91
N LYS A 768 26.36 8.87 41.53
CA LYS A 768 25.85 9.14 42.87
C LYS A 768 27.00 9.20 43.87
N ILE A 769 27.85 8.16 43.87
CA ILE A 769 28.92 8.06 44.87
C ILE A 769 30.13 8.87 44.43
N TYR A 770 30.05 9.49 43.25
CA TYR A 770 31.17 10.27 42.75
C TYR A 770 31.38 11.51 43.61
N SER A 771 32.63 11.73 44.00
CA SER A 771 33.06 13.00 44.56
C SER A 771 34.14 13.56 43.65
N GLY A 772 33.87 14.75 43.10
CA GLY A 772 34.82 15.49 42.29
C GLY A 772 34.40 16.95 42.24
N PRO A 773 35.34 17.90 42.00
CA PRO A 773 34.99 19.32 42.01
C PRO A 773 33.97 19.67 40.91
N ASP A 774 33.87 18.78 39.92
CA ASP A 774 33.15 19.07 38.68
C ASP A 774 31.82 18.32 38.59
N LYS A 775 31.33 17.81 39.74
CA LYS A 775 30.16 16.94 39.74
C LYS A 775 28.97 17.64 39.09
N GLU A 776 28.66 18.85 39.56
CA GLU A 776 27.51 19.63 39.15
C GLU A 776 27.64 20.02 37.68
N GLN A 777 28.87 20.36 37.27
CA GLN A 777 29.15 20.91 35.95
C GLN A 777 28.97 19.84 34.87
N ILE A 778 29.14 18.56 35.23
CA ILE A 778 29.18 17.50 34.24
C ILE A 778 27.81 16.83 34.11
N ALA A 779 26.87 17.21 34.99
CA ALA A 779 25.55 16.59 35.09
C ALA A 779 24.87 16.52 33.74
N ASP A 780 24.96 17.61 32.97
CA ASP A 780 24.37 17.72 31.65
C ASP A 780 24.99 16.67 30.72
N GLU A 781 26.33 16.58 30.70
CA GLU A 781 27.02 15.71 29.75
C GLU A 781 26.69 14.25 30.05
N ILE A 782 26.67 13.89 31.33
CA ILE A 782 26.32 12.55 31.77
C ILE A 782 24.92 12.21 31.27
N ASN A 783 24.03 13.21 31.26
CA ASN A 783 22.66 13.01 30.83
C ASN A 783 22.60 12.90 29.30
N ASN A 784 23.42 13.71 28.62
CA ASN A 784 23.49 13.68 27.17
C ASN A 784 24.05 12.33 26.71
N LEU A 785 25.03 11.82 27.46
CA LEU A 785 25.71 10.57 27.13
C LEU A 785 24.76 9.39 27.32
N LYS A 786 23.88 9.47 28.32
CA LYS A 786 22.87 8.44 28.55
C LYS A 786 21.88 8.43 27.38
N ASN A 787 21.54 9.63 26.89
CA ASN A 787 20.65 9.79 25.74
C ASN A 787 21.30 9.19 24.50
N LYS A 788 22.59 9.45 24.32
CA LYS A 788 23.34 8.97 23.17
C LYS A 788 23.37 7.45 23.16
N LEU A 789 23.46 6.87 24.36
CA LEU A 789 23.42 5.42 24.56
C LEU A 789 22.13 4.86 23.94
N GLU A 790 20.99 5.45 24.31
CA GLU A 790 19.69 5.07 23.80
C GLU A 790 19.65 5.18 22.28
N GLU A 791 20.22 6.28 21.76
CA GLU A 791 20.23 6.57 20.32
C GLU A 791 20.97 5.46 19.59
N LYS A 792 22.15 5.10 20.09
CA LYS A 792 23.00 4.11 19.45
C LYS A 792 22.33 2.74 19.48
N ALA A 793 21.59 2.48 20.56
CA ALA A 793 20.80 1.27 20.72
C ALA A 793 19.67 1.23 19.71
N ASN A 794 19.03 2.39 19.49
CA ASN A 794 17.96 2.55 18.51
C ASN A 794 18.51 2.28 17.11
N LYS A 795 19.75 2.72 16.86
CA LYS A 795 20.39 2.55 15.56
C LYS A 795 20.76 1.08 15.34
N ALA A 796 21.19 0.41 16.41
CA ALA A 796 21.46 -1.03 16.36
C ALA A 796 20.19 -1.79 16.02
N MET A 797 19.06 -1.32 16.56
CA MET A 797 17.76 -1.95 16.37
C MET A 797 17.30 -1.79 14.91
N ILE A 798 17.64 -0.65 14.29
CA ILE A 798 17.47 -0.47 12.85
C ILE A 798 18.20 -1.60 12.11
N ASN A 799 19.44 -1.88 12.50
CA ASN A 799 20.24 -2.91 11.86
C ASN A 799 19.60 -4.28 12.07
N ILE A 800 19.14 -4.53 13.30
CA ILE A 800 18.57 -5.82 13.64
C ILE A 800 17.29 -6.04 12.83
N ASN A 801 16.44 -5.01 12.77
CA ASN A 801 15.19 -5.06 12.03
C ASN A 801 15.45 -5.35 10.55
N ILE A 802 16.49 -4.71 9.99
CA ILE A 802 16.83 -4.93 8.59
C ILE A 802 17.30 -6.38 8.40
N PHE A 803 18.20 -6.84 9.26
CA PHE A 803 18.70 -8.21 9.28
C PHE A 803 17.54 -9.22 9.25
N MET A 804 16.58 -9.06 10.16
CA MET A 804 15.52 -10.05 10.29
C MET A 804 14.53 -9.99 9.11
N ARG A 805 14.19 -8.77 8.66
CA ARG A 805 13.33 -8.60 7.50
C ARG A 805 13.97 -9.25 6.27
N GLU A 806 15.27 -8.99 6.06
CA GLU A 806 15.93 -9.44 4.85
C GLU A 806 16.15 -10.95 4.89
N SER A 807 16.39 -11.49 6.09
CA SER A 807 16.60 -12.92 6.28
C SER A 807 15.29 -13.66 6.01
N SER A 808 14.19 -13.06 6.48
CA SER A 808 12.87 -13.65 6.31
C SER A 808 12.52 -13.70 4.83
N ARG A 809 12.64 -12.54 4.16
CA ARG A 809 12.36 -12.42 2.73
C ARG A 809 13.23 -13.39 1.94
N SER A 810 14.51 -13.47 2.33
CA SER A 810 15.49 -14.24 1.58
C SER A 810 15.17 -15.73 1.67
N PHE A 811 14.70 -16.17 2.85
CA PHE A 811 14.32 -17.56 3.04
C PHE A 811 13.11 -17.88 2.17
N LEU A 812 12.15 -16.94 2.11
CA LEU A 812 10.97 -17.08 1.28
C LEU A 812 11.38 -17.15 -0.19
N VAL A 813 12.15 -16.14 -0.62
CA VAL A 813 12.39 -15.90 -2.04
C VAL A 813 13.34 -16.96 -2.60
N ASN A 814 14.30 -17.40 -1.76
CA ASN A 814 15.31 -18.35 -2.23
C ASN A 814 14.86 -19.78 -1.94
N GLN A 815 14.85 -20.18 -0.65
CA GLN A 815 14.67 -21.58 -0.28
C GLN A 815 13.26 -22.08 -0.59
N MET A 816 12.24 -21.31 -0.17
CA MET A 816 10.86 -21.76 -0.22
C MET A 816 10.32 -21.70 -1.65
N ILE A 817 10.51 -20.54 -2.32
CA ILE A 817 9.96 -20.32 -3.65
C ILE A 817 10.72 -21.13 -4.69
N ASN A 818 11.99 -21.44 -4.40
CA ASN A 818 12.82 -22.33 -5.21
C ASN A 818 12.16 -23.70 -5.37
N GLU A 819 11.67 -24.24 -4.25
CA GLU A 819 10.98 -25.52 -4.23
C GLU A 819 9.70 -25.44 -5.05
N ALA A 820 8.97 -24.32 -4.90
CA ALA A 820 7.77 -24.10 -5.69
C ALA A 820 8.11 -24.11 -7.18
N LYS A 821 9.19 -23.42 -7.55
CA LYS A 821 9.57 -23.29 -8.96
C LYS A 821 9.90 -24.66 -9.54
N LYS A 822 10.62 -25.47 -8.75
CA LYS A 822 11.01 -26.82 -9.11
C LYS A 822 9.78 -27.62 -9.57
N GLN A 823 8.73 -27.59 -8.75
CA GLN A 823 7.53 -28.37 -9.00
C GLN A 823 6.72 -27.75 -10.14
N LEU A 824 6.80 -26.41 -10.27
CA LEU A 824 6.03 -25.69 -11.28
C LEU A 824 6.65 -25.87 -12.67
N LEU A 825 7.99 -25.94 -12.72
CA LEU A 825 8.71 -26.23 -13.95
C LEU A 825 8.28 -27.60 -14.49
N GLU A 826 8.08 -28.55 -13.57
CA GLU A 826 7.73 -29.92 -13.95
C GLU A 826 6.25 -29.98 -14.32
N PHE A 827 5.43 -29.19 -13.62
CA PHE A 827 4.02 -29.01 -13.94
C PHE A 827 3.86 -28.46 -15.37
N ASP A 828 4.70 -27.47 -15.72
CA ASP A 828 4.70 -26.81 -17.02
C ASP A 828 4.97 -27.82 -18.14
N THR A 829 6.00 -28.66 -17.94
CA THR A 829 6.45 -29.63 -18.92
C THR A 829 5.32 -30.61 -19.25
N GLN A 830 4.73 -31.18 -18.19
N GLN A 830 4.70 -31.17 -18.19
CA GLN A 830 3.64 -32.15 -18.30
CA GLN A 830 3.65 -32.16 -18.35
C GLN A 830 2.42 -31.48 -18.92
C GLN A 830 2.38 -31.50 -18.90
N SER A 831 2.09 -30.28 -18.43
CA SER A 831 0.93 -29.53 -18.90
C SER A 831 1.09 -29.16 -20.37
N LYS A 832 2.31 -28.83 -20.80
CA LYS A 832 2.58 -28.54 -22.20
C LYS A 832 2.32 -29.78 -23.06
N ASN A 833 2.73 -30.96 -22.57
CA ASN A 833 2.50 -32.21 -23.29
C ASN A 833 1.00 -32.42 -23.51
N ILE A 834 0.22 -32.19 -22.44
CA ILE A 834 -1.22 -32.44 -22.47
C ILE A 834 -1.86 -31.53 -23.51
N LEU A 835 -1.43 -30.26 -23.54
CA LEU A 835 -1.98 -29.26 -24.44
C LEU A 835 -1.64 -29.61 -25.88
N MET A 836 -0.38 -30.00 -26.12
CA MET A 836 0.09 -30.30 -27.46
C MET A 836 -0.62 -31.54 -28.00
N GLN A 837 -0.97 -32.47 -27.10
CA GLN A 837 -1.68 -33.70 -27.45
C GLN A 837 -3.06 -33.36 -27.99
N TYR A 838 -3.73 -32.43 -27.31
CA TYR A 838 -5.10 -32.05 -27.60
C TYR A 838 -5.17 -31.33 -28.94
N ILE A 839 -4.10 -30.60 -29.27
CA ILE A 839 -4.04 -29.79 -30.48
C ILE A 839 -3.77 -30.70 -31.68
N LYS A 840 -2.85 -31.65 -31.50
CA LYS A 840 -2.52 -32.67 -32.49
C LYS A 840 -3.75 -33.51 -32.82
N ALA A 841 -4.57 -33.80 -31.80
CA ALA A 841 -5.76 -34.63 -31.95
C ALA A 841 -6.88 -33.87 -32.65
N ASN A 842 -6.84 -32.53 -32.56
CA ASN A 842 -7.87 -31.67 -33.10
C ASN A 842 -7.35 -30.89 -34.30
N SER A 843 -6.24 -31.36 -34.89
CA SER A 843 -5.46 -30.61 -35.86
C SER A 843 -6.23 -30.37 -37.16
N LYS A 844 -7.14 -31.29 -37.50
CA LYS A 844 -7.87 -31.22 -38.75
C LYS A 844 -8.98 -30.17 -38.66
N PHE A 845 -9.34 -29.79 -37.43
CA PHE A 845 -10.40 -28.81 -37.19
C PHE A 845 -9.82 -27.42 -37.00
N ILE A 846 -8.49 -27.33 -36.90
CA ILE A 846 -7.83 -26.06 -36.58
C ILE A 846 -7.23 -25.47 -37.85
N GLY A 847 -6.46 -26.27 -38.59
CA GLY A 847 -5.86 -25.81 -39.83
C GLY A 847 -4.38 -25.48 -39.67
N ILE A 848 -3.61 -25.74 -40.74
CA ILE A 848 -2.15 -25.73 -40.73
C ILE A 848 -1.61 -24.34 -40.40
N THR A 849 -2.33 -23.29 -40.81
CA THR A 849 -1.87 -21.93 -40.58
C THR A 849 -2.03 -21.58 -39.09
N GLU A 850 -3.17 -21.98 -38.53
CA GLU A 850 -3.50 -21.74 -37.13
C GLU A 850 -2.59 -22.60 -36.24
N LEU A 851 -2.24 -23.78 -36.75
CA LEU A 851 -1.46 -24.77 -36.01
C LEU A 851 -0.02 -24.28 -35.84
N LYS A 852 0.49 -23.59 -36.86
CA LYS A 852 1.86 -23.06 -36.82
C LYS A 852 1.97 -21.96 -35.77
N LYS A 853 0.92 -21.11 -35.69
CA LYS A 853 0.88 -20.01 -34.74
C LYS A 853 0.78 -20.56 -33.32
N LEU A 854 -0.12 -21.54 -33.13
CA LEU A 854 -0.31 -22.22 -31.86
C LEU A 854 1.03 -22.74 -31.34
N GLU A 855 1.77 -23.44 -32.21
CA GLU A 855 3.03 -24.09 -31.90
C GLU A 855 4.03 -23.08 -31.33
N SER A 856 4.18 -21.94 -32.02
CA SER A 856 5.19 -20.96 -31.67
C SER A 856 4.77 -20.18 -30.43
N LYS A 857 3.47 -19.91 -30.33
CA LYS A 857 2.88 -19.25 -29.16
C LYS A 857 3.13 -20.09 -27.90
N ILE A 858 2.80 -21.40 -27.98
CA ILE A 858 2.87 -22.28 -26.84
C ILE A 858 4.32 -22.50 -26.42
N ASN A 859 5.22 -22.59 -27.41
CA ASN A 859 6.64 -22.72 -27.14
C ASN A 859 7.14 -21.49 -26.38
N LYS A 860 6.69 -20.31 -26.82
CA LYS A 860 7.04 -19.05 -26.19
C LYS A 860 6.53 -19.03 -24.75
N VAL A 861 5.23 -19.32 -24.58
CA VAL A 861 4.59 -19.25 -23.27
C VAL A 861 5.33 -20.13 -22.27
N PHE A 862 5.61 -21.39 -22.64
CA PHE A 862 6.15 -22.35 -21.69
C PHE A 862 7.68 -22.27 -21.60
N SER A 863 8.29 -21.29 -22.30
CA SER A 863 9.73 -21.15 -22.27
C SER A 863 10.11 -19.98 -21.38
N THR A 864 9.11 -19.42 -20.69
CA THR A 864 9.31 -18.32 -19.77
C THR A 864 8.53 -18.57 -18.48
N PRO A 865 9.22 -18.82 -17.35
CA PRO A 865 8.56 -18.93 -16.04
C PRO A 865 7.91 -17.62 -15.61
N ILE A 866 6.93 -17.73 -14.71
CA ILE A 866 6.33 -16.57 -14.07
C ILE A 866 7.20 -16.18 -12.88
N PRO A 867 7.71 -14.91 -12.84
CA PRO A 867 8.58 -14.48 -11.75
C PRO A 867 7.82 -14.28 -10.44
N PHE A 868 8.55 -14.40 -9.33
CA PHE A 868 8.01 -14.14 -8.01
C PHE A 868 8.31 -12.69 -7.63
N SER A 869 7.25 -11.95 -7.28
CA SER A 869 7.35 -10.57 -6.84
C SER A 869 7.29 -10.51 -5.31
N TYR A 870 8.24 -9.77 -4.72
CA TYR A 870 8.15 -9.46 -3.30
C TYR A 870 7.61 -8.05 -3.13
N SER A 871 6.29 -7.92 -3.27
CA SER A 871 5.62 -6.62 -3.19
C SER A 871 5.79 -6.04 -1.79
N LYS A 872 5.57 -4.73 -1.68
CA LYS A 872 5.60 -4.04 -0.39
C LYS A 872 4.18 -3.91 0.14
N ASN A 873 3.26 -3.56 -0.76
CA ASN A 873 1.86 -3.31 -0.45
C ASN A 873 1.74 -2.23 0.64
N GLU A 881 -2.70 12.05 2.47
CA GLU A 881 -3.71 13.15 2.54
C GLU A 881 -3.07 14.40 3.14
N GLU A 882 -1.75 14.34 3.34
CA GLU A 882 -0.95 15.49 3.76
C GLU A 882 -1.06 16.60 2.73
N ASP A 883 -0.73 16.28 1.48
CA ASP A 883 -0.75 17.22 0.36
C ASP A 883 -0.86 16.44 -0.95
N ILE A 884 -0.77 17.17 -2.08
CA ILE A 884 -0.95 16.58 -3.40
C ILE A 884 0.21 15.65 -3.71
N ASP A 885 1.43 16.08 -3.35
CA ASP A 885 2.64 15.28 -3.56
C ASP A 885 2.52 13.93 -2.89
N VAL A 886 1.92 13.90 -1.69
CA VAL A 886 1.74 12.68 -0.93
C VAL A 886 0.72 11.79 -1.64
N ILE A 887 -0.37 12.41 -2.13
CA ILE A 887 -1.44 11.70 -2.81
C ILE A 887 -0.92 11.06 -4.10
N LEU A 888 -0.03 11.76 -4.80
CA LEU A 888 0.55 11.24 -6.04
C LEU A 888 1.41 10.02 -5.73
N LYS A 889 2.16 10.11 -4.62
CA LYS A 889 3.10 9.09 -4.17
C LYS A 889 2.34 7.85 -3.72
N LYS A 890 1.24 8.05 -2.99
CA LYS A 890 0.54 6.96 -2.33
C LYS A 890 -0.32 6.19 -3.33
N SER A 891 -0.74 6.84 -4.42
CA SER A 891 -1.63 6.20 -5.38
C SER A 891 -0.85 5.66 -6.58
N THR A 892 0.49 5.71 -6.51
CA THR A 892 1.37 5.14 -7.51
C THR A 892 1.57 3.65 -7.20
N ILE A 893 1.31 2.80 -8.21
CA ILE A 893 1.43 1.36 -8.02
C ILE A 893 2.50 0.77 -8.97
N LEU A 894 3.07 1.62 -9.82
CA LEU A 894 4.15 1.24 -10.73
C LEU A 894 4.87 2.52 -11.18
N ASN A 895 6.21 2.47 -11.20
CA ASN A 895 7.01 3.63 -11.52
C ASN A 895 8.37 3.19 -12.07
N LEU A 896 8.55 3.30 -13.39
CA LEU A 896 9.77 2.87 -14.07
C LEU A 896 10.80 3.99 -14.03
N ASP A 897 11.99 3.66 -13.50
CA ASP A 897 13.12 4.55 -13.41
C ASP A 897 14.36 3.80 -13.89
N ILE A 898 15.39 4.53 -14.30
CA ILE A 898 16.61 3.91 -14.76
C ILE A 898 17.75 4.33 -13.82
N ASN A 899 18.43 3.33 -13.27
CA ASN A 899 19.56 3.52 -12.38
C ASN A 899 20.62 2.51 -12.76
N ASN A 900 21.86 2.98 -12.93
CA ASN A 900 23.00 2.15 -13.27
C ASN A 900 22.69 1.39 -14.56
N ASP A 901 22.05 2.09 -15.51
CA ASP A 901 21.75 1.58 -16.84
C ASP A 901 20.72 0.46 -16.79
N ILE A 902 19.95 0.38 -15.69
CA ILE A 902 18.99 -0.68 -15.46
C ILE A 902 17.63 -0.07 -15.19
N ILE A 903 16.60 -0.59 -15.87
CA ILE A 903 15.20 -0.20 -15.66
C ILE A 903 14.62 -1.07 -14.55
N SER A 904 13.98 -0.43 -13.57
CA SER A 904 13.29 -1.15 -12.51
C SER A 904 12.11 -0.32 -11.99
N ASP A 905 11.20 -1.00 -11.27
CA ASP A 905 10.08 -0.39 -10.58
C ASP A 905 10.58 0.18 -9.27
N ILE A 906 10.38 1.49 -9.06
CA ILE A 906 10.85 2.15 -7.85
C ILE A 906 9.67 2.51 -6.96
N SER A 907 8.48 1.99 -7.30
CA SER A 907 7.26 2.29 -6.57
C SER A 907 7.27 1.64 -5.19
N GLY A 908 7.98 0.51 -5.08
CA GLY A 908 7.97 -0.27 -3.85
C GLY A 908 7.21 -1.59 -4.00
N PHE A 909 6.34 -1.69 -5.01
CA PHE A 909 5.53 -2.88 -5.22
C PHE A 909 6.34 -4.01 -5.86
N ASN A 910 7.49 -3.65 -6.44
CA ASN A 910 8.51 -4.59 -6.87
CA ASN A 910 8.50 -4.62 -6.84
C ASN A 910 8.03 -5.44 -8.03
N SER A 911 7.41 -4.78 -9.02
CA SER A 911 7.11 -5.46 -10.28
C SER A 911 8.43 -5.81 -10.96
N SER A 912 8.49 -6.97 -11.61
CA SER A 912 9.70 -7.36 -12.32
C SER A 912 9.71 -6.69 -13.69
N VAL A 913 10.88 -6.16 -14.08
CA VAL A 913 11.06 -5.52 -15.37
C VAL A 913 12.14 -6.28 -16.14
N ILE A 914 11.77 -6.80 -17.32
CA ILE A 914 12.69 -7.52 -18.18
C ILE A 914 12.99 -6.64 -19.39
N THR A 915 14.29 -6.34 -19.57
CA THR A 915 14.78 -5.54 -20.68
C THR A 915 15.40 -6.48 -21.70
N TYR A 916 14.99 -6.32 -22.96
CA TYR A 916 15.44 -7.21 -24.03
C TYR A 916 16.64 -6.58 -24.73
N PRO A 917 17.43 -7.37 -25.50
CA PRO A 917 18.75 -6.94 -25.96
C PRO A 917 18.83 -5.62 -26.75
N ASP A 918 17.77 -5.27 -27.48
CA ASP A 918 17.82 -4.07 -28.32
C ASP A 918 16.92 -2.96 -27.78
N ALA A 919 16.61 -3.00 -26.49
CA ALA A 919 16.11 -1.81 -25.81
C ALA A 919 17.30 -0.91 -25.52
N GLN A 920 17.23 0.34 -25.98
CA GLN A 920 18.39 1.21 -25.96
C GLN A 920 18.17 2.37 -24.98
N LEU A 921 19.28 2.97 -24.53
CA LEU A 921 19.21 4.06 -23.56
C LEU A 921 19.62 5.37 -24.25
N VAL A 922 18.85 6.42 -23.94
CA VAL A 922 19.07 7.76 -24.46
C VAL A 922 18.91 8.73 -23.29
N PRO A 923 19.28 10.04 -23.45
CA PRO A 923 18.99 11.04 -22.42
C PRO A 923 17.48 11.13 -22.16
N GLY A 924 17.13 11.28 -20.88
CA GLY A 924 15.73 11.43 -20.50
C GLY A 924 15.49 12.74 -19.75
N ILE A 925 14.40 12.76 -18.98
CA ILE A 925 13.91 13.90 -18.24
C ILE A 925 14.81 14.11 -17.01
N ASN A 926 15.23 13.00 -16.40
CA ASN A 926 16.12 13.03 -15.25
C ASN A 926 16.93 11.74 -15.25
N GLY A 927 18.06 11.78 -15.96
CA GLY A 927 18.87 10.59 -16.20
C GLY A 927 18.64 10.07 -17.61
N LYS A 928 18.31 8.78 -17.71
CA LYS A 928 18.16 8.13 -19.01
C LYS A 928 16.72 7.65 -19.19
N ALA A 929 16.33 7.47 -20.46
CA ALA A 929 15.01 6.97 -20.83
C ALA A 929 15.14 5.74 -21.71
N ILE A 930 14.00 5.11 -22.01
CA ILE A 930 13.92 3.91 -22.83
C ILE A 930 13.75 4.32 -24.30
N HIS A 931 14.51 3.67 -25.18
CA HIS A 931 14.45 3.92 -26.62
C HIS A 931 14.14 2.62 -27.36
N LEU A 932 13.02 2.63 -28.10
CA LEU A 932 12.52 1.43 -28.77
C LEU A 932 12.57 1.62 -30.28
N VAL A 933 13.19 0.65 -30.96
CA VAL A 933 13.29 0.63 -32.41
C VAL A 933 12.40 -0.51 -32.92
N ASN A 934 12.17 -0.56 -34.25
CA ASN A 934 11.19 -1.46 -34.81
C ASN A 934 11.85 -2.82 -35.10
N ASN A 935 12.30 -3.51 -34.05
CA ASN A 935 12.67 -4.92 -34.16
C ASN A 935 12.21 -5.68 -32.91
N GLU A 936 12.16 -7.02 -33.04
CA GLU A 936 11.57 -7.90 -32.05
C GLU A 936 12.32 -7.82 -30.73
N SER A 937 13.63 -7.55 -30.80
CA SER A 937 14.49 -7.53 -29.62
C SER A 937 14.37 -6.20 -28.86
N SER A 938 13.65 -5.22 -29.43
CA SER A 938 13.58 -3.90 -28.82
C SER A 938 12.32 -3.80 -27.98
N GLU A 939 12.45 -4.17 -26.69
CA GLU A 939 11.29 -4.54 -25.89
C GLU A 939 11.63 -4.38 -24.41
N VAL A 940 10.64 -3.90 -23.65
CA VAL A 940 10.67 -3.92 -22.19
C VAL A 940 9.32 -4.47 -21.71
N ILE A 941 9.38 -5.52 -20.88
CA ILE A 941 8.17 -6.14 -20.37
C ILE A 941 8.15 -6.01 -18.85
N VAL A 942 7.03 -5.48 -18.33
CA VAL A 942 6.79 -5.42 -16.90
C VAL A 942 5.85 -6.59 -16.54
N HIS A 943 6.34 -7.47 -15.66
CA HIS A 943 5.47 -8.45 -15.02
C HIS A 943 4.95 -7.86 -13.72
N LYS A 944 3.68 -7.43 -13.72
CA LYS A 944 3.09 -6.79 -12.56
C LYS A 944 3.24 -7.70 -11.34
N ALA A 945 3.54 -7.09 -10.20
CA ALA A 945 3.63 -7.80 -8.93
C ALA A 945 2.28 -8.43 -8.59
N MET A 946 2.34 -9.48 -7.78
CA MET A 946 1.24 -10.39 -7.49
C MET A 946 -0.01 -9.68 -6.98
N ASP A 947 0.18 -8.66 -6.12
CA ASP A 947 -0.95 -8.18 -5.34
C ASP A 947 -1.46 -6.83 -5.86
N ILE A 948 -0.86 -6.33 -6.93
CA ILE A 948 -1.29 -5.06 -7.49
C ILE A 948 -2.38 -5.33 -8.52
N GLU A 949 -3.44 -4.52 -8.44
CA GLU A 949 -4.58 -4.58 -9.32
C GLU A 949 -5.24 -3.21 -9.30
N TYR A 950 -5.09 -2.46 -10.40
CA TYR A 950 -5.43 -1.04 -10.41
C TYR A 950 -6.66 -0.78 -11.28
N ASN A 951 -7.04 -1.74 -12.12
CA ASN A 951 -8.11 -1.47 -13.08
C ASN A 951 -9.09 -2.63 -13.22
N ASP A 952 -9.17 -3.51 -12.21
CA ASP A 952 -10.24 -4.50 -12.18
C ASP A 952 -11.37 -4.00 -11.31
N MET A 953 -12.50 -4.72 -11.32
CA MET A 953 -13.68 -4.39 -10.53
C MET A 953 -14.13 -2.96 -10.80
N PHE A 954 -13.83 -2.47 -12.02
CA PHE A 954 -14.18 -1.13 -12.46
C PHE A 954 -13.43 -0.08 -11.64
N ASN A 955 -12.17 -0.35 -11.29
CA ASN A 955 -11.38 0.63 -10.56
C ASN A 955 -10.89 1.72 -11.51
N ASN A 956 -10.92 2.95 -11.00
CA ASN A 956 -10.39 4.13 -11.68
C ASN A 956 -8.87 4.06 -11.65
N PHE A 957 -8.24 4.52 -12.75
CA PHE A 957 -6.79 4.47 -12.87
C PHE A 957 -6.28 5.53 -13.83
N THR A 958 -5.03 5.94 -13.62
CA THR A 958 -4.32 6.88 -14.47
C THR A 958 -2.98 6.26 -14.87
N VAL A 959 -2.59 6.52 -16.13
CA VAL A 959 -1.30 6.14 -16.66
C VAL A 959 -0.62 7.42 -17.16
N SER A 960 0.67 7.58 -16.82
CA SER A 960 1.41 8.75 -17.27
C SER A 960 2.81 8.33 -17.73
N PHE A 961 3.39 9.10 -18.66
CA PHE A 961 4.74 8.87 -19.12
C PHE A 961 5.18 10.06 -19.97
N TRP A 962 6.50 10.29 -19.99
CA TRP A 962 7.13 11.19 -20.95
C TRP A 962 7.34 10.42 -22.25
N LEU A 963 7.03 11.08 -23.38
CA LEU A 963 7.07 10.47 -24.70
C LEU A 963 7.84 11.38 -25.65
N ARG A 964 8.66 10.76 -26.50
CA ARG A 964 9.34 11.47 -27.57
C ARG A 964 9.29 10.62 -28.84
N VAL A 965 8.61 11.15 -29.87
CA VAL A 965 8.54 10.48 -31.17
C VAL A 965 9.11 11.44 -32.21
N PRO A 966 9.78 10.94 -33.27
CA PRO A 966 10.35 11.81 -34.29
C PRO A 966 9.24 12.50 -35.09
N LYS A 967 9.55 13.67 -35.66
CA LYS A 967 8.70 14.22 -36.69
C LYS A 967 8.70 13.23 -37.85
N VAL A 968 7.49 12.76 -38.23
CA VAL A 968 7.32 11.84 -39.34
C VAL A 968 7.49 12.60 -40.64
N SER A 969 8.40 12.13 -41.49
CA SER A 969 8.63 12.74 -42.80
C SER A 969 7.33 12.66 -43.62
N ALA A 970 7.21 13.56 -44.61
CA ALA A 970 6.06 13.58 -45.50
C ALA A 970 5.92 12.23 -46.21
N SER A 971 7.07 11.63 -46.53
CA SER A 971 7.17 10.39 -47.28
C SER A 971 6.64 9.22 -46.46
N HIS A 972 7.01 9.16 -45.18
CA HIS A 972 6.53 8.11 -44.29
C HIS A 972 5.06 8.31 -43.93
N LEU A 973 4.59 9.57 -43.97
CA LEU A 973 3.19 9.86 -43.71
C LEU A 973 2.35 9.31 -44.86
N GLU A 974 2.87 9.43 -46.09
CA GLU A 974 2.24 8.90 -47.29
C GLU A 974 2.21 7.38 -47.24
N GLN A 975 3.35 6.78 -46.85
CA GLN A 975 3.53 5.33 -46.85
C GLN A 975 2.82 4.69 -45.67
N TYR A 976 2.81 5.36 -44.50
CA TYR A 976 2.46 4.66 -43.26
C TYR A 976 1.41 5.40 -42.42
N GLY A 977 0.84 6.48 -42.97
CA GLY A 977 -0.03 7.36 -42.21
C GLY A 977 -1.28 6.69 -41.62
N THR A 978 -1.66 5.53 -42.16
CA THR A 978 -2.88 4.86 -41.74
C THR A 978 -2.57 3.59 -40.93
N ASN A 979 -1.27 3.35 -40.69
CA ASN A 979 -0.80 2.15 -40.00
C ASN A 979 -0.80 2.40 -38.49
N GLU A 980 -1.81 1.89 -37.79
CA GLU A 980 -1.91 2.01 -36.34
C GLU A 980 -1.04 0.96 -35.66
N TYR A 981 -0.12 1.41 -34.81
CA TYR A 981 0.83 0.54 -34.11
C TYR A 981 0.88 0.92 -32.64
N SER A 982 0.83 -0.09 -31.75
CA SER A 982 0.90 0.17 -30.33
C SER A 982 2.35 0.37 -29.90
N ILE A 983 2.54 1.07 -28.78
CA ILE A 983 3.84 1.28 -28.19
C ILE A 983 3.83 0.80 -26.73
N ILE A 984 2.66 0.85 -26.10
CA ILE A 984 2.47 0.37 -24.73
C ILE A 984 1.13 -0.36 -24.67
N SER A 985 1.10 -1.53 -24.03
CA SER A 985 -0.10 -2.34 -24.00
C SER A 985 -0.15 -3.27 -22.79
N SER A 986 -1.35 -3.43 -22.22
CA SER A 986 -1.63 -4.39 -21.17
C SER A 986 -2.60 -5.44 -21.68
N MET A 987 -2.91 -5.36 -22.98
CA MET A 987 -4.00 -6.13 -23.55
C MET A 987 -3.63 -7.63 -23.55
N LYS A 988 -4.57 -8.43 -23.06
CA LYS A 988 -4.37 -9.84 -22.74
C LYS A 988 -3.89 -10.59 -23.97
N LYS A 989 -2.81 -11.37 -23.80
CA LYS A 989 -2.24 -12.16 -24.86
C LYS A 989 -2.83 -13.56 -24.83
N HIS A 990 -3.86 -13.80 -25.65
CA HIS A 990 -4.39 -15.15 -25.84
C HIS A 990 -3.57 -15.88 -26.89
N SER A 991 -3.98 -17.12 -27.21
CA SER A 991 -3.20 -17.97 -28.11
C SER A 991 -3.18 -17.39 -29.51
N LEU A 992 -4.32 -16.86 -29.97
CA LEU A 992 -4.47 -16.44 -31.36
C LEU A 992 -5.09 -15.05 -31.46
N SER A 993 -5.29 -14.38 -30.32
CA SER A 993 -5.94 -13.08 -30.31
C SER A 993 -5.39 -12.21 -29.18
N ILE A 994 -5.78 -10.93 -29.21
CA ILE A 994 -5.48 -9.96 -28.18
C ILE A 994 -6.79 -9.58 -27.50
N GLY A 995 -6.80 -9.64 -26.17
CA GLY A 995 -8.04 -9.47 -25.42
C GLY A 995 -8.09 -8.17 -24.63
N SER A 996 -8.64 -8.26 -23.41
CA SER A 996 -9.04 -7.11 -22.62
C SER A 996 -7.82 -6.37 -22.10
N GLY A 997 -7.97 -5.04 -21.93
CA GLY A 997 -6.93 -4.19 -21.38
C GLY A 997 -6.91 -2.80 -22.01
N TRP A 998 -5.74 -2.16 -21.97
CA TRP A 998 -5.55 -0.83 -22.54
C TRP A 998 -4.32 -0.83 -23.44
N SER A 999 -4.29 0.14 -24.38
CA SER A 999 -3.09 0.35 -25.18
C SER A 999 -2.89 1.82 -25.50
N VAL A 1000 -1.62 2.21 -25.60
CA VAL A 1000 -1.22 3.44 -26.26
C VAL A 1000 -0.76 3.05 -27.67
N SER A 1001 -1.37 3.67 -28.68
CA SER A 1001 -0.96 3.43 -30.06
C SER A 1001 -0.75 4.76 -30.79
N LEU A 1002 -0.03 4.68 -31.91
CA LEU A 1002 0.14 5.80 -32.81
C LEU A 1002 -0.34 5.41 -34.20
N LYS A 1003 -0.82 6.42 -34.94
CA LYS A 1003 -1.25 6.25 -36.32
C LYS A 1003 -0.99 7.56 -37.05
N GLY A 1004 0.08 7.58 -37.84
CA GLY A 1004 0.59 8.82 -38.42
C GLY A 1004 0.89 9.83 -37.32
N ASN A 1005 0.20 10.97 -37.37
CA ASN A 1005 0.32 12.01 -36.35
C ASN A 1005 -0.89 12.00 -35.44
N ASN A 1006 -1.35 10.79 -35.06
CA ASN A 1006 -2.39 10.62 -34.07
C ASN A 1006 -1.88 9.75 -32.93
N LEU A 1007 -2.25 10.13 -31.69
CA LEU A 1007 -1.98 9.34 -30.51
C LEU A 1007 -3.30 8.78 -29.98
N ILE A 1008 -3.37 7.46 -29.78
CA ILE A 1008 -4.64 6.80 -29.50
C ILE A 1008 -4.56 6.04 -28.18
N TRP A 1009 -5.62 6.20 -27.38
CA TRP A 1009 -5.84 5.47 -26.13
C TRP A 1009 -7.03 4.55 -26.29
N THR A 1010 -6.83 3.27 -25.95
CA THR A 1010 -7.85 2.25 -26.17
C THR A 1010 -8.09 1.48 -24.87
N LEU A 1011 -9.36 1.39 -24.48
CA LEU A 1011 -9.81 0.49 -23.42
C LEU A 1011 -10.63 -0.63 -24.07
N LYS A 1012 -10.36 -1.87 -23.66
CA LYS A 1012 -11.12 -3.02 -24.13
C LYS A 1012 -11.56 -3.88 -22.94
N ASP A 1013 -12.87 -4.16 -22.89
CA ASP A 1013 -13.44 -5.00 -21.84
C ASP A 1013 -13.34 -6.47 -22.25
N SER A 1014 -13.80 -7.36 -21.37
CA SER A 1014 -13.64 -8.79 -21.59
C SER A 1014 -14.67 -9.32 -22.59
N ALA A 1015 -15.58 -8.46 -23.05
CA ALA A 1015 -16.53 -8.83 -24.10
C ALA A 1015 -16.04 -8.39 -25.48
N GLY A 1016 -14.99 -7.57 -25.52
CA GLY A 1016 -14.43 -7.11 -26.78
C GLY A 1016 -14.87 -5.69 -27.14
N GLU A 1017 -15.71 -5.09 -26.30
CA GLU A 1017 -16.15 -3.71 -26.49
C GLU A 1017 -15.00 -2.76 -26.15
N VAL A 1018 -14.90 -1.68 -26.92
CA VAL A 1018 -13.80 -0.73 -26.81
C VAL A 1018 -14.34 0.68 -26.56
N ARG A 1019 -13.48 1.51 -25.97
CA ARG A 1019 -13.62 2.96 -25.95
C ARG A 1019 -12.26 3.56 -26.32
N GLN A 1020 -12.27 4.69 -27.04
CA GLN A 1020 -11.05 5.24 -27.60
C GLN A 1020 -11.04 6.76 -27.51
N ILE A 1021 -9.86 7.30 -27.17
CA ILE A 1021 -9.52 8.68 -27.46
C ILE A 1021 -8.58 8.70 -28.66
N THR A 1022 -8.96 9.46 -29.69
CA THR A 1022 -8.05 9.75 -30.80
C THR A 1022 -7.66 11.22 -30.73
N PHE A 1023 -6.39 11.49 -30.43
CA PHE A 1023 -5.87 12.85 -30.44
C PHE A 1023 -5.15 13.11 -31.77
N ARG A 1024 -5.66 14.09 -32.53
CA ARG A 1024 -5.03 14.52 -33.77
C ARG A 1024 -4.05 15.64 -33.45
N ASP A 1025 -2.76 15.41 -33.73
CA ASP A 1025 -1.71 16.35 -33.39
C ASP A 1025 -1.83 17.60 -34.25
N LEU A 1026 -1.30 18.71 -33.72
CA LEU A 1026 -1.26 20.00 -34.40
C LEU A 1026 -0.53 19.84 -35.75
N PRO A 1027 -1.06 20.46 -36.83
CA PRO A 1027 -0.37 20.47 -38.12
C PRO A 1027 0.95 21.23 -38.16
N ASP A 1028 1.09 22.25 -37.30
CA ASP A 1028 2.31 23.04 -37.19
C ASP A 1028 3.33 22.26 -36.36
N LYS A 1029 4.29 21.64 -37.04
CA LYS A 1029 5.17 20.65 -36.43
C LYS A 1029 6.14 21.30 -35.43
N PHE A 1030 6.37 22.61 -35.57
CA PHE A 1030 7.16 23.35 -34.60
C PHE A 1030 6.44 23.37 -33.26
N ASN A 1031 5.11 23.34 -33.28
CA ASN A 1031 4.32 23.40 -32.04
C ASN A 1031 3.71 22.04 -31.70
N ALA A 1032 3.92 21.04 -32.56
CA ALA A 1032 3.21 19.78 -32.42
C ALA A 1032 3.78 18.95 -31.27
N TYR A 1033 2.96 18.03 -30.75
CA TYR A 1033 3.32 17.24 -29.57
C TYR A 1033 4.03 15.95 -29.96
N LEU A 1034 3.80 15.50 -31.20
CA LEU A 1034 4.40 14.28 -31.73
C LEU A 1034 5.43 14.64 -32.80
N ALA A 1035 6.40 15.48 -32.43
CA ALA A 1035 7.39 15.95 -33.43
C ALA A 1035 8.78 16.20 -32.82
N ASN A 1036 9.41 15.12 -32.35
CA ASN A 1036 10.82 15.09 -31.85
C ASN A 1036 10.99 15.79 -30.49
N LYS A 1037 9.91 16.08 -29.77
CA LYS A 1037 10.08 16.79 -28.47
C LYS A 1037 9.52 15.93 -27.33
N TRP A 1038 10.23 15.92 -26.19
CA TRP A 1038 9.72 15.29 -24.98
C TRP A 1038 8.44 15.99 -24.53
N VAL A 1039 7.36 15.22 -24.43
CA VAL A 1039 6.08 15.72 -23.96
C VAL A 1039 5.57 14.81 -22.84
N PHE A 1040 4.81 15.37 -21.91
CA PHE A 1040 4.30 14.60 -20.78
C PHE A 1040 2.85 14.18 -21.02
N ILE A 1041 2.64 12.86 -21.09
CA ILE A 1041 1.32 12.29 -21.32
C ILE A 1041 0.69 11.89 -19.99
N THR A 1042 -0.62 12.18 -19.85
CA THR A 1042 -1.38 11.68 -18.73
C THR A 1042 -2.75 11.26 -19.23
N ILE A 1043 -3.12 10.00 -18.96
CA ILE A 1043 -4.44 9.50 -19.32
C ILE A 1043 -5.13 8.98 -18.05
N THR A 1044 -6.19 9.66 -17.64
CA THR A 1044 -7.00 9.30 -16.48
C THR A 1044 -8.21 8.52 -16.96
N ASN A 1045 -8.70 7.61 -16.11
CA ASN A 1045 -9.83 6.77 -16.46
C ASN A 1045 -10.82 6.71 -15.29
N ASP A 1046 -11.97 7.36 -15.50
CA ASP A 1046 -13.08 7.33 -14.55
C ASP A 1046 -14.18 6.47 -15.15
N ARG A 1047 -14.36 5.27 -14.58
CA ARG A 1047 -15.22 4.25 -15.15
C ARG A 1047 -16.68 4.67 -15.13
N LEU A 1048 -17.01 5.73 -14.35
CA LEU A 1048 -18.37 6.21 -14.24
C LEU A 1048 -18.59 7.47 -15.08
N SER A 1049 -17.58 7.82 -15.89
CA SER A 1049 -17.72 9.03 -16.75
C SER A 1049 -16.88 8.91 -18.02
N SER A 1050 -15.62 9.35 -17.99
CA SER A 1050 -14.83 9.35 -19.24
C SER A 1050 -13.33 9.18 -19.00
N ALA A 1051 -12.63 8.87 -20.09
CA ALA A 1051 -11.16 8.79 -20.14
C ALA A 1051 -10.68 10.14 -20.70
N ASN A 1052 -9.69 10.76 -20.07
CA ASN A 1052 -9.18 12.05 -20.51
C ASN A 1052 -7.68 11.96 -20.78
N LEU A 1053 -7.26 12.49 -21.95
CA LEU A 1053 -5.86 12.57 -22.31
C LEU A 1053 -5.36 13.99 -22.09
N TYR A 1054 -4.30 14.12 -21.28
CA TYR A 1054 -3.60 15.37 -21.07
C TYR A 1054 -2.20 15.28 -21.65
N ILE A 1055 -1.76 16.38 -22.28
CA ILE A 1055 -0.37 16.55 -22.62
C ILE A 1055 0.12 17.83 -21.95
N ASN A 1056 1.25 17.72 -21.24
CA ASN A 1056 1.84 18.83 -20.52
C ASN A 1056 0.79 19.48 -19.63
N GLY A 1057 -0.07 18.63 -19.02
CA GLY A 1057 -1.04 19.07 -18.01
C GLY A 1057 -2.30 19.69 -18.60
N VAL A 1058 -2.37 19.76 -19.94
CA VAL A 1058 -3.50 20.39 -20.63
C VAL A 1058 -4.36 19.31 -21.27
N LEU A 1059 -5.68 19.41 -21.05
CA LEU A 1059 -6.65 18.46 -21.58
C LEU A 1059 -6.74 18.62 -23.10
N MET A 1060 -6.60 17.49 -23.81
CA MET A 1060 -6.47 17.47 -25.26
C MET A 1060 -7.52 16.55 -25.88
N GLY A 1061 -8.09 15.64 -25.08
CA GLY A 1061 -8.93 14.59 -25.62
C GLY A 1061 -9.76 13.92 -24.54
N SER A 1062 -10.97 13.52 -24.91
CA SER A 1062 -11.94 12.97 -23.98
C SER A 1062 -12.84 11.98 -24.70
N ALA A 1063 -13.17 10.88 -24.01
CA ALA A 1063 -14.14 9.92 -24.50
C ALA A 1063 -14.96 9.40 -23.32
N GLU A 1064 -16.28 9.39 -23.47
CA GLU A 1064 -17.17 8.72 -22.55
C GLU A 1064 -16.83 7.23 -22.59
N ILE A 1065 -16.73 6.61 -21.40
CA ILE A 1065 -16.36 5.21 -21.29
C ILE A 1065 -17.44 4.46 -20.51
N THR A 1066 -18.52 5.18 -20.20
CA THR A 1066 -19.70 4.65 -19.53
C THR A 1066 -20.29 3.52 -20.37
N GLY A 1067 -20.61 2.38 -19.73
CA GLY A 1067 -21.24 1.26 -20.41
C GLY A 1067 -20.25 0.17 -20.80
N LEU A 1068 -18.95 0.49 -20.79
CA LEU A 1068 -17.90 -0.48 -21.02
C LEU A 1068 -17.81 -1.43 -19.82
N GLY A 1069 -17.55 -2.71 -20.09
CA GLY A 1069 -17.61 -3.73 -19.05
C GLY A 1069 -16.31 -3.87 -18.27
N ALA A 1070 -16.08 -5.08 -17.73
CA ALA A 1070 -14.92 -5.37 -16.89
C ALA A 1070 -13.66 -5.46 -17.75
N ILE A 1071 -12.58 -4.89 -17.21
CA ILE A 1071 -11.26 -4.99 -17.81
C ILE A 1071 -10.49 -6.06 -17.05
N ARG A 1072 -10.11 -7.12 -17.77
CA ARG A 1072 -9.25 -8.18 -17.25
C ARG A 1072 -8.00 -8.26 -18.13
N GLU A 1073 -7.00 -7.47 -17.77
CA GLU A 1073 -5.83 -7.25 -18.60
C GLU A 1073 -4.79 -8.32 -18.30
N ASP A 1074 -3.78 -8.37 -19.18
CA ASP A 1074 -2.63 -9.23 -19.03
C ASP A 1074 -1.87 -8.89 -17.75
N ASN A 1075 -1.10 -9.85 -17.24
CA ASN A 1075 -0.17 -9.59 -16.15
C ASN A 1075 0.99 -8.74 -16.67
N ASN A 1076 1.27 -8.85 -17.97
CA ASN A 1076 2.41 -8.19 -18.60
C ASN A 1076 1.97 -6.81 -19.12
N ILE A 1077 2.80 -5.81 -18.84
CA ILE A 1077 2.75 -4.53 -19.54
C ILE A 1077 3.95 -4.46 -20.48
N THR A 1078 3.66 -4.32 -21.77
CA THR A 1078 4.69 -4.40 -22.81
C THR A 1078 4.90 -3.01 -23.44
N LEU A 1079 6.14 -2.54 -23.38
CA LEU A 1079 6.61 -1.39 -24.13
C LEU A 1079 7.40 -1.91 -25.33
N LYS A 1080 6.87 -1.67 -26.53
CA LYS A 1080 7.37 -2.27 -27.77
C LYS A 1080 6.55 -1.75 -28.94
N LEU A 1081 7.22 -1.50 -30.07
CA LEU A 1081 6.55 -1.17 -31.32
C LEU A 1081 5.86 -2.43 -31.85
N ASP A 1082 4.53 -2.41 -31.86
CA ASP A 1082 3.75 -3.57 -32.24
C ASP A 1082 2.93 -3.26 -33.49
N ARG A 1083 3.21 -4.04 -34.55
CA ARG A 1083 2.52 -3.99 -35.83
C ARG A 1083 2.89 -2.70 -36.57
N CYS A 1084 4.12 -2.23 -36.35
CA CYS A 1084 4.59 -1.05 -37.06
C CYS A 1084 5.31 -1.48 -38.32
N ASN A 1085 4.80 -0.98 -39.46
CA ASN A 1085 5.23 -1.40 -40.79
C ASN A 1085 6.43 -0.57 -41.24
N ASN A 1086 6.72 0.50 -40.50
CA ASN A 1086 7.83 1.40 -40.81
C ASN A 1086 9.06 0.97 -40.01
N ASN A 1087 10.08 0.47 -40.73
CA ASN A 1087 11.29 -0.07 -40.16
C ASN A 1087 12.12 1.02 -39.47
N ASN A 1088 11.84 2.29 -39.79
CA ASN A 1088 12.64 3.39 -39.32
C ASN A 1088 11.95 4.10 -38.14
N GLN A 1089 10.69 3.73 -37.88
CA GLN A 1089 9.96 4.30 -36.76
C GLN A 1089 10.64 3.91 -35.45
N TYR A 1090 10.68 4.87 -34.51
CA TYR A 1090 11.17 4.67 -33.17
C TYR A 1090 10.39 5.57 -32.21
N VAL A 1091 10.54 5.31 -30.90
CA VAL A 1091 9.93 6.10 -29.84
C VAL A 1091 10.86 6.08 -28.62
N SER A 1092 10.73 7.10 -27.77
CA SER A 1092 11.37 7.11 -26.46
C SER A 1092 10.31 7.30 -25.38
N ILE A 1093 10.49 6.62 -24.25
CA ILE A 1093 9.51 6.58 -23.17
C ILE A 1093 10.25 6.75 -21.85
N ASP A 1094 9.75 7.66 -21.00
CA ASP A 1094 10.40 7.93 -19.73
C ASP A 1094 9.37 7.98 -18.61
N LYS A 1095 9.81 7.58 -17.41
CA LYS A 1095 9.07 7.75 -16.17
C LYS A 1095 7.70 7.11 -16.26
N PHE A 1096 7.63 5.92 -16.88
CA PHE A 1096 6.35 5.25 -17.07
C PHE A 1096 5.76 4.89 -15.70
N ARG A 1097 4.49 5.25 -15.50
CA ARG A 1097 3.92 5.30 -14.16
C ARG A 1097 2.42 5.02 -14.20
N ILE A 1098 1.92 4.27 -13.20
CA ILE A 1098 0.51 3.97 -13.09
C ILE A 1098 0.01 4.36 -11.70
N PHE A 1099 -1.19 4.96 -11.65
CA PHE A 1099 -1.84 5.37 -10.41
C PHE A 1099 -3.15 4.60 -10.28
N CYS A 1100 -3.52 4.26 -9.03
CA CYS A 1100 -4.71 3.48 -8.75
C CYS A 1100 -5.92 4.38 -8.47
N LYS A 1101 -5.93 5.57 -9.10
CA LYS A 1101 -7.10 6.44 -9.11
C LYS A 1101 -7.07 7.31 -10.37
N ALA A 1102 -8.19 7.96 -10.66
CA ALA A 1102 -8.27 8.94 -11.74
C ALA A 1102 -7.83 10.30 -11.19
N LEU A 1103 -6.66 10.77 -11.65
CA LEU A 1103 -6.12 12.04 -11.18
C LEU A 1103 -7.00 13.19 -11.66
N ASN A 1104 -7.12 14.22 -10.82
CA ASN A 1104 -7.85 15.43 -11.15
C ASN A 1104 -6.86 16.47 -11.72
N PRO A 1105 -7.33 17.45 -12.52
CA PRO A 1105 -6.44 18.45 -13.14
C PRO A 1105 -5.35 19.05 -12.27
N LYS A 1106 -5.65 19.29 -10.99
CA LYS A 1106 -4.69 19.87 -10.08
C LYS A 1106 -3.55 18.88 -9.82
N GLU A 1107 -3.91 17.60 -9.64
CA GLU A 1107 -2.95 16.54 -9.36
C GLU A 1107 -2.02 16.35 -10.56
N ILE A 1108 -2.60 16.36 -11.77
CA ILE A 1108 -1.86 16.20 -13.02
C ILE A 1108 -0.90 17.36 -13.19
N GLU A 1109 -1.40 18.57 -12.93
CA GLU A 1109 -0.59 19.78 -13.03
C GLU A 1109 0.63 19.64 -12.13
N LYS A 1110 0.41 19.21 -10.89
CA LYS A 1110 1.47 19.03 -9.92
C LYS A 1110 2.39 17.89 -10.35
N LEU A 1111 1.80 16.82 -10.90
CA LEU A 1111 2.58 15.68 -11.36
C LEU A 1111 3.53 16.15 -12.48
N TYR A 1112 2.97 16.90 -13.42
CA TYR A 1112 3.71 17.43 -14.57
C TYR A 1112 4.88 18.31 -14.10
N THR A 1113 4.61 19.26 -13.21
CA THR A 1113 5.64 20.21 -12.78
C THR A 1113 6.74 19.50 -11.99
N SER A 1114 6.38 18.42 -11.28
CA SER A 1114 7.31 17.77 -10.38
C SER A 1114 8.52 17.21 -11.13
N TYR A 1115 8.39 17.03 -12.46
CA TYR A 1115 9.45 16.48 -13.28
C TYR A 1115 10.36 17.59 -13.81
N LEU A 1116 9.89 18.84 -13.71
CA LEU A 1116 10.60 19.98 -14.27
C LEU A 1116 11.48 20.60 -13.18
N SER A 1117 12.77 20.77 -13.50
CA SER A 1117 13.70 21.45 -12.62
C SER A 1117 14.50 22.48 -13.40
N ILE A 1118 15.10 23.46 -12.69
CA ILE A 1118 15.89 24.49 -13.33
C ILE A 1118 17.36 24.08 -13.40
N THR A 1119 17.75 23.12 -12.54
CA THR A 1119 19.14 22.74 -12.36
C THR A 1119 19.84 22.57 -13.70
N PHE A 1120 19.36 21.62 -14.51
CA PHE A 1120 19.91 21.34 -15.83
C PHE A 1120 19.10 22.09 -16.88
N LEU A 1121 19.78 22.89 -17.71
CA LEU A 1121 19.12 23.61 -18.78
C LEU A 1121 18.81 22.64 -19.91
N ARG A 1122 17.87 23.03 -20.79
CA ARG A 1122 17.30 22.13 -21.76
C ARG A 1122 17.52 22.67 -23.17
N ASP A 1123 17.71 21.75 -24.11
CA ASP A 1123 17.70 22.09 -25.52
C ASP A 1123 16.24 22.10 -25.98
N PHE A 1124 16.04 22.40 -27.26
CA PHE A 1124 14.71 22.58 -27.84
C PHE A 1124 13.90 21.29 -27.75
N TRP A 1125 14.59 20.13 -27.75
CA TRP A 1125 13.91 18.84 -27.78
C TRP A 1125 13.54 18.37 -26.38
N GLY A 1126 14.10 19.03 -25.35
CA GLY A 1126 13.84 18.65 -23.96
C GLY A 1126 14.98 17.85 -23.34
N ASN A 1127 16.07 17.67 -24.10
CA ASN A 1127 17.26 16.97 -23.62
C ASN A 1127 18.15 17.95 -22.87
N PRO A 1128 19.06 17.50 -21.97
CA PRO A 1128 19.97 18.42 -21.28
C PRO A 1128 20.87 19.18 -22.27
N LEU A 1129 21.04 20.48 -22.01
CA LEU A 1129 21.86 21.37 -22.80
C LEU A 1129 23.34 21.09 -22.51
N ARG A 1130 24.19 21.22 -23.54
CA ARG A 1130 25.54 20.70 -23.48
C ARG A 1130 26.56 21.72 -23.98
N TYR A 1131 27.74 21.70 -23.36
CA TYR A 1131 28.92 22.42 -23.84
C TYR A 1131 29.43 21.75 -25.12
N ASP A 1132 30.17 22.54 -25.92
CA ASP A 1132 30.91 22.06 -27.09
C ASP A 1132 29.98 21.37 -28.09
N THR A 1133 28.74 21.87 -28.17
CA THR A 1133 27.71 21.32 -29.04
C THR A 1133 27.11 22.47 -29.83
N GLU A 1134 26.97 22.28 -31.15
CA GLU A 1134 26.40 23.29 -32.03
C GLU A 1134 24.89 23.36 -31.84
N TYR A 1135 24.38 24.58 -31.64
CA TYR A 1135 22.96 24.84 -31.53
C TYR A 1135 22.57 26.03 -32.40
N TYR A 1136 21.43 25.89 -33.08
CA TYR A 1136 20.79 27.03 -33.71
C TYR A 1136 19.95 27.77 -32.68
N LEU A 1137 20.00 29.11 -32.71
CA LEU A 1137 19.23 29.89 -31.76
C LEU A 1137 17.94 30.35 -32.39
N ILE A 1138 16.83 30.18 -31.64
CA ILE A 1138 15.52 30.67 -32.05
C ILE A 1138 14.89 31.41 -30.88
N PRO A 1139 14.42 32.66 -31.08
CA PRO A 1139 13.72 33.39 -30.03
C PRO A 1139 12.32 32.84 -29.82
N VAL A 1140 11.95 32.60 -28.55
CA VAL A 1140 10.69 31.98 -28.20
C VAL A 1140 9.54 32.88 -28.64
N ALA A 1141 9.72 34.20 -28.45
CA ALA A 1141 8.70 35.20 -28.71
C ALA A 1141 8.48 35.39 -30.21
N SER A 1142 9.35 34.79 -31.04
CA SER A 1142 9.26 34.95 -32.49
C SER A 1142 9.85 33.73 -33.21
N SER A 1143 9.19 32.59 -33.05
CA SER A 1143 9.80 31.30 -33.33
C SER A 1143 9.95 31.02 -34.83
N SER A 1144 9.35 31.88 -35.66
CA SER A 1144 9.48 31.75 -37.11
C SER A 1144 10.76 32.39 -37.62
N LYS A 1145 11.50 33.07 -36.72
CA LYS A 1145 12.67 33.85 -37.10
C LYS A 1145 13.95 33.09 -36.74
N ASP A 1146 14.93 33.13 -37.65
CA ASP A 1146 16.27 32.63 -37.41
C ASP A 1146 17.19 33.81 -37.09
N VAL A 1147 18.31 33.52 -36.42
CA VAL A 1147 19.35 34.51 -36.17
C VAL A 1147 20.33 34.48 -37.36
N GLN A 1148 20.70 35.66 -37.85
CA GLN A 1148 21.67 35.83 -38.93
C GLN A 1148 22.75 36.80 -38.49
N LEU A 1149 23.92 36.74 -39.17
CA LEU A 1149 25.04 37.62 -38.91
C LEU A 1149 25.19 38.61 -40.05
N LYS A 1150 25.43 39.90 -39.72
CA LYS A 1150 25.68 40.88 -40.76
C LYS A 1150 27.08 40.68 -41.36
N ASN A 1151 28.08 40.54 -40.50
CA ASN A 1151 29.47 40.33 -40.87
C ASN A 1151 30.24 40.01 -39.59
N ILE A 1152 31.37 39.30 -39.72
CA ILE A 1152 32.32 39.19 -38.63
C ILE A 1152 32.64 40.58 -38.10
N THR A 1153 32.73 40.69 -36.76
CA THR A 1153 32.95 41.92 -36.01
C THR A 1153 31.65 42.70 -35.79
N ASP A 1154 30.59 42.35 -36.54
CA ASP A 1154 29.40 43.18 -36.55
C ASP A 1154 28.25 42.49 -35.81
N TYR A 1155 27.02 42.93 -36.06
CA TYR A 1155 25.88 42.59 -35.23
C TYR A 1155 25.07 41.44 -35.83
N MET A 1156 24.16 40.90 -35.00
CA MET A 1156 23.26 39.80 -35.37
C MET A 1156 21.83 40.33 -35.42
N TYR A 1157 20.99 39.66 -36.22
CA TYR A 1157 19.61 40.11 -36.40
C TYR A 1157 18.71 38.92 -36.75
N LEU A 1158 17.39 39.17 -36.76
CA LEU A 1158 16.38 38.17 -37.05
C LEU A 1158 15.92 38.31 -38.50
N THR A 1159 15.63 37.17 -39.13
CA THR A 1159 14.91 37.08 -40.39
C THR A 1159 14.06 35.81 -40.37
N ASN A 1160 12.96 35.83 -41.11
CA ASN A 1160 12.10 34.67 -41.30
C ASN A 1160 12.92 33.47 -41.77
N ALA A 1161 12.73 32.35 -41.07
CA ALA A 1161 13.20 31.05 -41.50
C ALA A 1161 12.49 30.64 -42.77
N PRO A 1162 13.15 29.88 -43.68
CA PRO A 1162 12.44 29.20 -44.77
C PRO A 1162 11.39 28.29 -44.15
N SER A 1163 10.31 28.06 -44.91
CA SER A 1163 9.13 27.39 -44.41
C SER A 1163 8.76 26.21 -45.31
N TYR A 1164 8.06 25.23 -44.74
CA TYR A 1164 7.54 24.12 -45.51
C TYR A 1164 6.04 23.99 -45.27
N THR A 1165 5.32 23.64 -46.35
CA THR A 1165 3.87 23.53 -46.35
C THR A 1165 3.47 22.31 -47.19
N ASN A 1166 2.48 21.56 -46.68
CA ASN A 1166 2.00 20.38 -47.38
C ASN A 1166 0.49 20.26 -47.14
N GLY A 1167 -0.28 20.75 -48.11
CA GLY A 1167 -1.73 20.78 -48.06
C GLY A 1167 -2.35 19.39 -48.11
N LYS A 1168 -1.75 18.52 -48.93
CA LYS A 1168 -2.20 17.14 -49.06
C LYS A 1168 -2.23 16.46 -47.69
N LEU A 1169 -1.10 16.52 -46.97
CA LEU A 1169 -0.93 15.76 -45.73
C LEU A 1169 -1.30 16.60 -44.50
N ASN A 1170 -1.63 17.88 -44.74
CA ASN A 1170 -2.00 18.80 -43.68
C ASN A 1170 -0.88 18.88 -42.64
N ILE A 1171 0.33 19.17 -43.12
CA ILE A 1171 1.47 19.47 -42.25
C ILE A 1171 2.19 20.71 -42.76
N TYR A 1172 2.77 21.46 -41.82
CA TYR A 1172 3.62 22.59 -42.16
C TYR A 1172 4.54 22.88 -40.98
N TYR A 1173 5.61 23.62 -41.25
CA TYR A 1173 6.54 24.04 -40.22
C TYR A 1173 7.59 24.97 -40.83
N ARG A 1174 8.04 25.92 -40.01
CA ARG A 1174 9.30 26.60 -40.26
C ARG A 1174 10.39 25.55 -40.27
N ARG A 1175 11.26 25.61 -41.27
CA ARG A 1175 12.37 24.66 -41.39
C ARG A 1175 13.42 25.00 -40.35
N LEU A 1176 14.12 23.96 -39.88
CA LEU A 1176 15.18 24.13 -38.90
C LEU A 1176 16.55 24.03 -39.60
N TYR A 1177 17.60 24.39 -38.85
CA TYR A 1177 18.98 24.13 -39.19
C TYR A 1177 19.49 25.15 -40.21
N ASN A 1178 18.77 26.27 -40.31
CA ASN A 1178 19.22 27.43 -41.07
C ASN A 1178 19.55 28.55 -40.08
N GLY A 1179 20.52 29.39 -40.44
CA GLY A 1179 20.87 30.48 -39.58
C GLY A 1179 22.13 30.16 -38.78
N LEU A 1180 22.42 31.03 -37.80
CA LEU A 1180 23.70 31.01 -37.13
C LEU A 1180 23.79 29.79 -36.21
N LYS A 1181 24.95 29.15 -36.18
CA LYS A 1181 25.24 28.10 -35.21
C LYS A 1181 26.06 28.70 -34.08
N PHE A 1182 25.69 28.36 -32.84
CA PHE A 1182 26.42 28.82 -31.68
C PHE A 1182 27.00 27.61 -30.94
N ILE A 1183 28.02 27.89 -30.11
CA ILE A 1183 28.60 26.88 -29.23
C ILE A 1183 28.77 27.51 -27.85
N ILE A 1184 28.55 26.69 -26.81
CA ILE A 1184 28.74 27.14 -25.44
C ILE A 1184 29.99 26.47 -24.87
N LYS A 1185 30.85 27.29 -24.26
CA LYS A 1185 32.02 26.80 -23.54
C LYS A 1185 31.99 27.35 -22.12
N ARG A 1186 32.55 26.60 -21.17
CA ARG A 1186 32.74 27.06 -19.81
C ARG A 1186 33.61 28.32 -19.84
N TYR A 1187 33.21 29.33 -19.07
CA TYR A 1187 33.95 30.59 -19.01
C TYR A 1187 35.39 30.33 -18.55
N THR A 1188 35.53 29.62 -17.42
CA THR A 1188 36.82 29.16 -16.93
C THR A 1188 36.71 27.69 -16.56
N PRO A 1189 37.75 26.87 -16.86
CA PRO A 1189 37.75 25.45 -16.45
C PRO A 1189 37.55 25.34 -14.94
N ASN A 1190 36.70 24.39 -14.54
CA ASN A 1190 36.41 24.17 -13.13
C ASN A 1190 36.59 22.68 -12.81
N ASN A 1191 36.08 22.25 -11.65
CA ASN A 1191 36.29 20.89 -11.19
C ASN A 1191 35.13 20.00 -11.62
N GLU A 1192 34.48 20.36 -12.73
CA GLU A 1192 33.44 19.55 -13.34
C GLU A 1192 33.97 18.96 -14.64
N ILE A 1193 33.62 17.69 -14.92
CA ILE A 1193 34.13 17.03 -16.12
C ILE A 1193 33.00 16.59 -17.04
N ASP A 1194 31.75 16.71 -16.59
CA ASP A 1194 30.61 16.46 -17.47
C ASP A 1194 30.47 17.64 -18.43
N SER A 1195 29.63 17.49 -19.45
CA SER A 1195 29.45 18.57 -20.42
C SER A 1195 28.01 19.10 -20.39
N PHE A 1196 27.33 18.90 -19.26
CA PHE A 1196 25.98 19.41 -19.08
C PHE A 1196 26.05 20.86 -18.61
N VAL A 1197 25.20 21.69 -19.22
CA VAL A 1197 25.12 23.10 -18.85
C VAL A 1197 24.06 23.25 -17.76
N LYS A 1198 24.50 23.77 -16.61
CA LYS A 1198 23.66 23.94 -15.44
C LYS A 1198 23.25 25.40 -15.32
N SER A 1199 22.05 25.61 -14.77
CA SER A 1199 21.54 26.95 -14.55
C SER A 1199 22.47 27.69 -13.60
N GLY A 1200 23.01 28.83 -14.07
CA GLY A 1200 23.88 29.64 -13.25
C GLY A 1200 25.36 29.46 -13.62
N ASP A 1201 25.62 28.62 -14.63
CA ASP A 1201 26.97 28.40 -15.12
C ASP A 1201 27.43 29.64 -15.87
N PHE A 1202 28.70 30.02 -15.64
CA PHE A 1202 29.36 31.04 -16.43
C PHE A 1202 29.89 30.43 -17.72
N ILE A 1203 29.64 31.14 -18.82
CA ILE A 1203 29.90 30.60 -20.15
C ILE A 1203 30.55 31.68 -21.00
N LYS A 1204 31.14 31.23 -22.11
CA LYS A 1204 31.37 32.08 -23.27
C LYS A 1204 30.53 31.52 -24.41
N LEU A 1205 29.96 32.42 -25.21
CA LEU A 1205 29.15 32.04 -26.34
C LEU A 1205 29.90 32.38 -27.63
N TYR A 1206 29.94 31.42 -28.56
CA TYR A 1206 30.64 31.59 -29.82
C TYR A 1206 29.69 31.31 -30.98
N VAL A 1207 29.95 31.98 -32.11
CA VAL A 1207 29.33 31.64 -33.37
C VAL A 1207 30.32 30.80 -34.17
N SER A 1208 29.84 29.66 -34.68
CA SER A 1208 30.60 28.85 -35.62
C SER A 1208 30.34 29.36 -37.03
N TYR A 1209 31.38 29.92 -37.66
CA TYR A 1209 31.28 30.53 -38.97
C TYR A 1209 32.63 30.46 -39.68
N ASN A 1210 32.62 29.98 -40.93
CA ASN A 1210 33.81 29.80 -41.75
C ASN A 1210 34.78 28.82 -41.07
N ASN A 1211 34.22 27.76 -40.48
CA ASN A 1211 34.97 26.75 -39.75
C ASN A 1211 35.82 27.39 -38.65
N ASN A 1212 35.32 28.50 -38.10
CA ASN A 1212 35.95 29.18 -36.99
C ASN A 1212 34.91 29.50 -35.94
N GLU A 1213 35.37 29.62 -34.69
CA GLU A 1213 34.54 30.05 -33.58
C GLU A 1213 34.85 31.52 -33.31
N HIS A 1214 33.79 32.34 -33.27
CA HIS A 1214 33.89 33.77 -33.02
C HIS A 1214 33.10 34.13 -31.77
N ILE A 1215 33.78 34.72 -30.79
CA ILE A 1215 33.16 35.02 -29.51
C ILE A 1215 32.11 36.12 -29.67
N VAL A 1216 31.01 35.97 -28.93
CA VAL A 1216 29.94 36.95 -28.85
C VAL A 1216 30.16 37.81 -27.61
N GLY A 1217 30.11 39.13 -27.79
CA GLY A 1217 30.28 40.04 -26.67
C GLY A 1217 29.81 41.46 -27.02
N TYR A 1218 30.00 42.36 -26.05
CA TYR A 1218 29.74 43.78 -26.25
C TYR A 1218 31.03 44.56 -26.01
N PRO A 1219 31.53 45.31 -27.03
CA PRO A 1219 32.75 46.11 -26.87
C PRO A 1219 32.48 47.32 -25.98
N LYS A 1220 33.50 47.75 -25.24
CA LYS A 1220 33.39 48.92 -24.38
C LYS A 1220 33.02 50.13 -25.22
N ASP A 1221 31.94 50.81 -24.81
CA ASP A 1221 31.42 52.01 -25.46
C ASP A 1221 30.87 51.70 -26.85
N GLY A 1222 30.48 50.44 -27.09
CA GLY A 1222 29.86 50.06 -28.35
C GLY A 1222 28.46 50.65 -28.48
N ASN A 1223 27.97 50.76 -29.72
CA ASN A 1223 26.64 51.28 -30.02
C ASN A 1223 25.61 50.55 -29.17
N ALA A 1224 24.65 51.32 -28.63
CA ALA A 1224 23.62 50.81 -27.74
C ALA A 1224 22.37 51.68 -27.84
N PHE A 1225 21.28 51.10 -28.38
CA PHE A 1225 20.03 51.83 -28.55
C PHE A 1225 19.68 52.55 -27.25
N ASN A 1226 19.57 53.88 -27.35
CA ASN A 1226 19.24 54.80 -26.27
C ASN A 1226 20.10 54.56 -25.03
N ASN A 1227 21.35 54.11 -25.25
CA ASN A 1227 22.42 54.03 -24.26
C ASN A 1227 22.13 52.95 -23.22
N LEU A 1228 21.25 51.99 -23.57
CA LEU A 1228 20.82 50.99 -22.60
C LEU A 1228 20.81 49.58 -23.21
N ASP A 1229 20.42 49.48 -24.50
CA ASP A 1229 20.35 48.20 -25.17
C ASP A 1229 21.63 47.97 -25.98
N ARG A 1230 22.52 47.13 -25.42
CA ARG A 1230 23.87 47.02 -25.92
C ARG A 1230 23.89 46.03 -27.08
N ILE A 1231 24.40 46.50 -28.24
CA ILE A 1231 24.38 45.72 -29.47
C ILE A 1231 25.54 44.73 -29.43
N LEU A 1232 25.19 43.44 -29.50
CA LEU A 1232 26.16 42.36 -29.42
C LEU A 1232 26.92 42.25 -30.74
N ARG A 1233 28.19 41.84 -30.63
CA ARG A 1233 29.11 41.78 -31.77
C ARG A 1233 29.78 40.41 -31.80
N VAL A 1234 30.04 39.92 -33.01
CA VAL A 1234 30.54 38.58 -33.23
C VAL A 1234 31.99 38.67 -33.71
N GLY A 1235 32.91 38.20 -32.86
CA GLY A 1235 34.33 38.17 -33.20
C GLY A 1235 34.93 39.57 -33.30
N TYR A 1236 34.42 40.49 -32.47
CA TYR A 1236 34.91 41.86 -32.39
C TYR A 1236 36.39 41.85 -31.98
N ASN A 1237 37.21 42.58 -32.73
CA ASN A 1237 38.66 42.37 -32.76
C ASN A 1237 39.43 43.69 -32.76
N ALA A 1238 38.90 44.72 -32.09
CA ALA A 1238 39.55 46.02 -32.13
C ALA A 1238 40.54 46.15 -30.97
N PRO A 1239 41.84 46.41 -31.28
CA PRO A 1239 42.89 46.45 -30.25
C PRO A 1239 42.70 47.60 -29.26
N GLY A 1240 42.98 47.30 -27.98
CA GLY A 1240 42.86 48.27 -26.91
C GLY A 1240 41.43 48.43 -26.42
N ILE A 1241 40.46 47.83 -27.13
CA ILE A 1241 39.06 47.94 -26.78
C ILE A 1241 38.64 46.70 -25.99
N PRO A 1242 38.26 46.84 -24.70
CA PRO A 1242 37.72 45.72 -23.92
C PRO A 1242 36.45 45.17 -24.56
N LEU A 1243 36.40 43.85 -24.68
CA LEU A 1243 35.22 43.17 -25.19
C LEU A 1243 34.65 42.29 -24.07
N TYR A 1244 33.41 42.59 -23.67
CA TYR A 1244 32.76 41.90 -22.58
C TYR A 1244 32.04 40.67 -23.12
N LYS A 1245 32.48 39.49 -22.66
CA LYS A 1245 32.02 38.23 -23.25
C LYS A 1245 31.66 37.20 -22.18
N LYS A 1246 31.67 37.60 -20.91
CA LYS A 1246 31.32 36.71 -19.83
C LYS A 1246 29.79 36.66 -19.71
N MET A 1247 29.23 35.47 -19.91
CA MET A 1247 27.79 35.30 -19.81
C MET A 1247 27.46 34.27 -18.75
N GLU A 1248 26.18 34.29 -18.34
CA GLU A 1248 25.61 33.34 -17.41
C GLU A 1248 24.38 32.71 -18.06
N ALA A 1249 24.43 31.38 -18.27
CA ALA A 1249 23.31 30.63 -18.79
C ALA A 1249 22.39 30.28 -17.63
N VAL A 1250 21.13 30.74 -17.71
CA VAL A 1250 20.23 30.73 -16.56
C VAL A 1250 18.81 30.39 -16.98
N LYS A 1251 18.07 29.78 -16.05
CA LYS A 1251 16.64 29.55 -16.21
C LYS A 1251 15.91 30.38 -15.16
N LEU A 1252 15.45 31.57 -15.57
CA LEU A 1252 14.88 32.55 -14.66
C LEU A 1252 13.35 32.55 -14.77
N ARG A 1253 12.82 31.94 -15.83
CA ARG A 1253 11.39 32.06 -16.11
C ARG A 1253 10.92 30.89 -16.98
N ASP A 1254 9.59 30.68 -16.94
CA ASP A 1254 8.85 29.85 -17.88
C ASP A 1254 9.39 28.43 -17.85
N LEU A 1255 9.16 27.75 -16.72
CA LEU A 1255 9.69 26.43 -16.41
C LEU A 1255 9.16 25.39 -17.40
N LYS A 1256 8.00 25.65 -18.00
CA LYS A 1256 7.31 24.67 -18.84
C LYS A 1256 7.81 24.74 -20.28
N THR A 1257 8.69 25.69 -20.59
CA THR A 1257 9.26 25.85 -21.92
C THR A 1257 10.73 25.43 -21.87
N TYR A 1258 11.20 24.74 -22.92
CA TYR A 1258 12.59 24.36 -23.03
C TYR A 1258 13.41 25.52 -23.58
N SER A 1259 13.47 26.59 -22.78
CA SER A 1259 14.09 27.84 -23.19
C SER A 1259 15.12 28.27 -22.17
N VAL A 1260 16.05 29.13 -22.60
CA VAL A 1260 17.18 29.55 -21.80
C VAL A 1260 17.28 31.07 -21.86
N GLN A 1261 17.77 31.67 -20.76
CA GLN A 1261 18.15 33.07 -20.75
C GLN A 1261 19.68 33.19 -20.61
N LEU A 1262 20.23 34.27 -21.17
CA LEU A 1262 21.65 34.52 -21.16
C LEU A 1262 21.91 35.92 -20.58
N LYS A 1263 22.77 35.98 -19.56
CA LYS A 1263 23.08 37.22 -18.87
C LYS A 1263 24.53 37.59 -19.19
N LEU A 1264 24.75 38.87 -19.55
CA LEU A 1264 26.07 39.36 -19.91
C LEU A 1264 26.58 40.29 -18.82
N TYR A 1265 27.87 40.13 -18.47
CA TYR A 1265 28.55 40.94 -17.47
C TYR A 1265 29.65 41.77 -18.12
N ASP A 1266 29.96 42.92 -17.52
CA ASP A 1266 31.18 43.66 -17.85
C ASP A 1266 32.33 43.13 -16.99
N ASP A 1267 33.49 43.79 -17.04
CA ASP A 1267 34.68 43.30 -16.37
C ASP A 1267 34.69 43.67 -14.89
N LYS A 1268 33.64 44.37 -14.43
CA LYS A 1268 33.50 44.69 -13.02
C LYS A 1268 32.31 43.93 -12.43
N ASN A 1269 31.82 42.94 -13.19
CA ASN A 1269 30.75 42.05 -12.77
C ASN A 1269 29.43 42.80 -12.60
N ALA A 1270 29.28 43.92 -13.32
CA ALA A 1270 27.99 44.56 -13.41
C ALA A 1270 27.22 43.96 -14.59
N SER A 1271 25.91 43.76 -14.37
CA SER A 1271 25.01 43.23 -15.38
C SER A 1271 24.89 44.18 -16.56
N LEU A 1272 25.24 43.69 -17.75
CA LEU A 1272 24.97 44.42 -18.99
C LEU A 1272 23.59 44.03 -19.52
N GLY A 1273 22.99 42.99 -18.92
CA GLY A 1273 21.61 42.64 -19.19
C GLY A 1273 21.45 41.22 -19.73
N LEU A 1274 20.18 40.85 -19.97
CA LEU A 1274 19.85 39.60 -20.64
C LEU A 1274 19.92 39.81 -22.14
N VAL A 1275 20.27 38.75 -22.87
CA VAL A 1275 20.33 38.78 -24.33
C VAL A 1275 18.91 38.73 -24.85
N GLY A 1276 18.56 39.73 -25.68
CA GLY A 1276 17.28 39.82 -26.36
C GLY A 1276 17.43 40.48 -27.72
N THR A 1277 16.36 41.12 -28.19
CA THR A 1277 16.42 41.89 -29.42
C THR A 1277 15.79 43.26 -29.20
N HIS A 1278 16.26 44.24 -29.98
CA HIS A 1278 15.69 45.57 -30.03
C HIS A 1278 15.53 45.99 -31.49
N ASN A 1279 14.34 46.50 -31.82
CA ASN A 1279 14.04 46.93 -33.19
C ASN A 1279 14.73 48.26 -33.46
N GLY A 1280 15.43 48.32 -34.60
CA GLY A 1280 16.16 49.52 -34.97
C GLY A 1280 16.64 49.48 -36.42
N GLN A 1281 17.45 50.49 -36.76
CA GLN A 1281 17.96 50.67 -38.11
C GLN A 1281 19.36 51.25 -38.02
N ILE A 1282 20.31 50.56 -38.64
CA ILE A 1282 21.70 50.98 -38.60
C ILE A 1282 22.19 51.24 -40.01
N GLY A 1283 22.60 52.50 -40.27
CA GLY A 1283 23.18 52.90 -41.53
C GLY A 1283 22.20 52.75 -42.68
N ASN A 1284 22.61 52.01 -43.71
CA ASN A 1284 21.80 51.79 -44.90
C ASN A 1284 21.05 50.45 -44.79
N ASP A 1285 21.29 49.72 -43.70
CA ASP A 1285 20.70 48.41 -43.51
C ASP A 1285 19.18 48.55 -43.36
N PRO A 1286 18.40 47.51 -43.72
CA PRO A 1286 16.97 47.52 -43.46
C PRO A 1286 16.70 47.56 -41.96
N ASN A 1287 15.49 48.01 -41.61
CA ASN A 1287 15.00 47.94 -40.24
C ASN A 1287 15.03 46.48 -39.82
N ARG A 1288 15.53 46.21 -38.59
CA ARG A 1288 15.80 44.85 -38.16
C ARG A 1288 15.63 44.71 -36.66
N ASP A 1289 15.27 43.49 -36.23
CA ASP A 1289 15.32 43.07 -34.84
C ASP A 1289 16.74 42.62 -34.53
N ILE A 1290 17.46 43.44 -33.76
CA ILE A 1290 18.90 43.31 -33.60
C ILE A 1290 19.19 42.79 -32.20
N LEU A 1291 20.12 41.82 -32.13
CA LEU A 1291 20.43 41.16 -30.86
C LEU A 1291 21.21 42.11 -29.96
N ILE A 1292 20.79 42.16 -28.69
CA ILE A 1292 21.26 43.13 -27.71
C ILE A 1292 21.34 42.43 -26.35
N ALA A 1293 21.98 43.12 -25.39
CA ALA A 1293 21.82 42.83 -23.98
C ALA A 1293 21.18 44.05 -23.31
N SER A 1294 20.20 43.81 -22.44
CA SER A 1294 19.45 44.90 -21.84
C SER A 1294 18.96 44.51 -20.45
N ASN A 1295 19.10 45.44 -19.50
CA ASN A 1295 18.69 45.22 -18.12
C ASN A 1295 17.18 45.39 -17.98
N TRP A 1296 16.52 45.84 -19.06
CA TRP A 1296 15.10 46.12 -19.09
C TRP A 1296 14.30 44.86 -18.72
N TYR A 1297 14.79 43.70 -19.18
CA TYR A 1297 14.12 42.42 -19.03
C TYR A 1297 13.94 42.05 -17.55
N PHE A 1298 14.84 42.59 -16.70
CA PHE A 1298 14.87 42.22 -15.29
C PHE A 1298 13.65 42.75 -14.54
N ASN A 1299 12.92 43.70 -15.17
CA ASN A 1299 11.70 44.23 -14.59
C ASN A 1299 10.48 43.57 -15.24
N HIS A 1300 10.67 42.44 -15.92
CA HIS A 1300 9.62 41.85 -16.73
C HIS A 1300 9.68 40.32 -16.69
N LEU A 1301 10.38 39.76 -15.71
CA LEU A 1301 10.67 38.32 -15.66
C LEU A 1301 9.40 37.50 -15.43
N LYS A 1302 8.31 38.14 -15.01
CA LYS A 1302 7.06 37.44 -14.77
C LYS A 1302 6.09 37.62 -15.95
N ASP A 1303 6.54 38.32 -17.00
CA ASP A 1303 5.70 38.59 -18.16
C ASP A 1303 5.47 37.27 -18.90
N LYS A 1304 4.41 37.22 -19.72
CA LYS A 1304 4.03 35.98 -20.36
C LYS A 1304 4.96 35.70 -21.54
N ILE A 1305 5.21 36.75 -22.34
CA ILE A 1305 6.04 36.68 -23.54
C ILE A 1305 7.20 37.66 -23.34
N LEU A 1306 8.44 37.14 -23.47
CA LEU A 1306 9.63 37.96 -23.31
C LEU A 1306 10.63 37.68 -24.42
N GLY A 1307 11.21 38.76 -24.98
CA GLY A 1307 12.16 38.66 -26.08
C GLY A 1307 13.55 38.20 -25.64
N CYS A 1308 13.68 37.79 -24.38
CA CYS A 1308 14.97 37.32 -23.87
C CYS A 1308 14.99 35.80 -23.69
N ASP A 1309 13.95 35.11 -24.19
CA ASP A 1309 13.87 33.65 -24.09
C ASP A 1309 14.35 33.02 -25.40
N TRP A 1310 15.32 32.10 -25.29
CA TRP A 1310 15.98 31.50 -26.44
C TRP A 1310 15.83 29.99 -26.44
N TYR A 1311 15.46 29.43 -27.61
CA TYR A 1311 15.58 28.01 -27.86
C TYR A 1311 16.97 27.72 -28.43
N PHE A 1312 17.57 26.61 -27.96
CA PHE A 1312 18.82 26.10 -28.49
C PHE A 1312 18.51 24.81 -29.23
N VAL A 1313 18.70 24.81 -30.55
CA VAL A 1313 18.27 23.71 -31.42
C VAL A 1313 19.49 23.01 -32.00
N PRO A 1314 19.80 21.76 -31.58
CA PRO A 1314 20.83 20.95 -32.24
C PRO A 1314 20.22 20.10 -33.35
N THR A 1315 21.03 19.76 -34.36
CA THR A 1315 20.60 18.84 -35.40
C THR A 1315 20.21 17.51 -34.75
N ASP A 1316 19.09 16.93 -35.18
CA ASP A 1316 18.59 15.71 -34.57
C ASP A 1316 17.95 14.83 -35.64
N GLU A 1317 18.24 13.52 -35.56
CA GLU A 1317 17.79 12.52 -36.52
C GLU A 1317 16.27 12.42 -36.54
N GLY A 1318 15.62 12.92 -35.49
CA GLY A 1318 14.18 12.89 -35.34
C GLY A 1318 13.47 14.00 -36.10
N TRP A 1319 14.25 14.97 -36.59
CA TRP A 1319 13.72 16.07 -37.39
C TRP A 1319 14.60 16.28 -38.62
N THR A 1320 14.04 15.95 -39.79
CA THR A 1320 14.65 16.25 -41.07
C THR A 1320 13.65 17.09 -41.87
N ASN A 1321 14.10 18.25 -42.36
CA ASN A 1321 13.25 19.06 -43.19
C ASN A 1321 12.91 18.27 -44.45
N ASP A 1322 11.64 18.32 -44.86
CA ASP A 1322 11.17 17.58 -46.02
C ASP A 1322 11.72 18.23 -47.30
N1 EPE B . -10.60 -19.56 24.42
C2 EPE B . -11.46 -20.40 23.57
C3 EPE B . -12.10 -21.60 24.26
N4 EPE B . -11.08 -22.36 25.00
C5 EPE B . -10.52 -21.50 26.04
C6 EPE B . -9.78 -20.33 25.38
C7 EPE B . -11.69 -23.56 25.61
C8 EPE B . -10.75 -24.76 25.51
O8 EPE B . -11.34 -25.91 26.14
C9 EPE B . -9.68 -18.85 23.50
C10 EPE B . -9.04 -17.57 24.03
S EPE B . -8.21 -16.77 22.80
O1S EPE B . -7.10 -17.60 22.28
O2S EPE B . -7.68 -15.50 23.34
O3S EPE B . -9.14 -16.49 21.68
C1 EDO C . 20.07 36.57 -12.03
O1 EDO C . 20.48 37.88 -12.36
C2 EDO C . 21.03 35.53 -12.47
O2 EDO C . 22.36 35.84 -12.12
C1 EDO D . -27.82 -9.95 30.98
O1 EDO D . -26.77 -9.39 31.74
C2 EDO D . -27.44 -10.26 29.59
O2 EDO D . -26.92 -11.57 29.44
C1 EDO E . -18.26 15.26 25.24
O1 EDO E . -18.34 16.59 25.71
C2 EDO E . -18.36 14.27 26.34
O2 EDO E . -17.16 13.57 26.56
C1 EDO F . 10.05 42.50 -25.65
O1 EDO F . 10.15 41.43 -24.71
C2 EDO F . 11.34 43.11 -26.04
O2 EDO F . 12.35 42.17 -26.42
C1 EDO G . 14.87 46.42 -24.17
O1 EDO G . 14.60 47.66 -24.79
C2 EDO G . 14.64 45.27 -25.05
O2 EDO G . 15.16 45.45 -26.35
C1 EDO H . 12.06 38.21 -30.49
O1 EDO H . 10.98 39.02 -30.08
C2 EDO H . 13.01 37.87 -29.40
O2 EDO H . 13.85 38.93 -29.00
C1 EDO I . 33.85 40.36 -18.76
O1 EDO I . 32.61 40.23 -19.42
C2 EDO I . 34.93 39.51 -19.34
O2 EDO I . 35.24 39.79 -20.70
C1 EDO J . 9.84 -9.16 9.44
O1 EDO J . 9.94 -9.92 8.25
C2 EDO J . 10.90 -9.47 10.44
O2 EDO J . 10.81 -8.59 11.55
NA NA K . -7.16 -3.95 1.97
NA NA L . 21.54 -11.40 37.71
NA NA M . -18.04 2.24 31.37
CL CL N . 31.01 50.91 -32.80
#